data_6K9E
#
_entry.id   6K9E
#
_cell.length_a   159.692
_cell.length_b   159.906
_cell.length_c   159.709
_cell.angle_alpha   90.00
_cell.angle_beta   90.00
_cell.angle_gamma   90.00
#
_symmetry.space_group_name_H-M   'P 21 21 21'
#
loop_
_entity.id
_entity.type
_entity.pdbx_description
1 polymer Primase
2 non-polymer 'PHOSPHATE ION'
#
_entity_poly.entity_id   1
_entity_poly.type   'polypeptide(L)'
_entity_poly.pdbx_seq_one_letter_code
;EKDPLWLYKVLLTKGIEVWFDIKLEKYGIKRNNRVDYIAKSSLQQIVFEIIGKTPKNIAVPTYIGAYEPSKPEKWEEEGI
KYINLFKPTPLMKVKPVKEMPEIVKNLLLNLFDYDAKSMGLFINWLAFIYQYKERTGVAWIFMGKQGTGKGLLVDLLKKI
FEEHMSSNITDANLDSQFNPYLYNKLIVHLNEVSADNRKSRMLVKNRLKTWITDETLYINRKNMKEVEIKNFCNFIINSN
ETIPVDIEDSDRRFNVIECNNVLKEQEWWTTESYQEILNNAEGFAKYLAGIKVDRSKVNEVVMSEKKKAIVETTESVLKQ
IAKALTDRDIEWFLDNGLEGVVEKNIVNDFQWEELQEAITTGVIPNKYLMIIVEQILGDSKTITWIKRNIITPYQVGETT
VVKMAGKPIRAIVVG
;
_entity_poly.pdbx_strand_id   A,B,C,D,E,F
#
loop_
_chem_comp.id
_chem_comp.type
_chem_comp.name
_chem_comp.formula
PO4 non-polymer 'PHOSPHATE ION' 'O4 P -3'
#
# COMPACT_ATOMS: atom_id res chain seq x y z
N LYS A 2 7.71 -14.03 53.98
CA LYS A 2 7.81 -13.24 55.20
C LYS A 2 8.23 -11.81 54.87
N ASP A 3 9.25 -11.67 54.04
CA ASP A 3 9.66 -10.38 53.50
C ASP A 3 9.54 -10.43 51.98
N PRO A 4 8.49 -9.82 51.40
CA PRO A 4 8.25 -9.98 49.97
C PRO A 4 9.18 -9.17 49.09
N LEU A 5 10.19 -8.52 49.68
CA LEU A 5 11.21 -7.78 48.94
C LEU A 5 12.62 -8.24 49.31
N TRP A 6 12.76 -9.52 49.68
CA TRP A 6 14.09 -10.03 50.05
C TRP A 6 15.02 -10.04 48.84
N LEU A 7 14.54 -10.52 47.70
CA LEU A 7 15.40 -10.60 46.53
C LEU A 7 15.79 -9.22 46.03
N TYR A 8 14.87 -8.26 46.09
CA TYR A 8 15.19 -6.88 45.72
C TYR A 8 16.39 -6.37 46.50
N LYS A 9 16.43 -6.66 47.81
CA LYS A 9 17.53 -6.19 48.65
C LYS A 9 18.81 -6.95 48.35
N VAL A 10 18.72 -8.25 48.08
CA VAL A 10 19.92 -9.04 47.85
C VAL A 10 20.62 -8.60 46.57
N LEU A 11 19.85 -8.14 45.57
CA LEU A 11 20.47 -7.65 44.35
C LEU A 11 20.96 -6.20 44.48
N LEU A 12 20.37 -5.41 45.36
CA LEU A 12 20.86 -4.05 45.58
C LEU A 12 22.27 -4.04 46.16
N THR A 13 22.58 -4.99 47.04
CA THR A 13 23.95 -5.13 47.50
C THR A 13 24.90 -5.37 46.34
N LYS A 14 24.51 -6.22 45.40
CA LYS A 14 25.29 -6.44 44.19
C LYS A 14 25.11 -5.32 43.16
N GLY A 15 24.49 -4.21 43.54
CA GLY A 15 24.38 -3.08 42.64
C GLY A 15 23.38 -3.25 41.52
N ILE A 16 22.31 -4.00 41.73
CA ILE A 16 21.36 -4.36 40.69
C ILE A 16 19.96 -4.09 41.26
N GLU A 17 19.17 -3.29 40.54
CA GLU A 17 17.87 -2.83 41.02
C GLU A 17 16.79 -3.40 40.11
N VAL A 18 15.97 -4.31 40.63
CA VAL A 18 14.92 -4.96 39.87
C VAL A 18 13.56 -4.59 40.46
N TRP A 19 12.62 -4.26 39.58
CA TRP A 19 11.24 -4.01 39.97
C TRP A 19 10.33 -4.65 38.93
N PHE A 20 9.02 -4.57 39.17
CA PHE A 20 8.03 -5.05 38.21
C PHE A 20 7.20 -3.86 37.76
N ASP A 21 7.05 -3.70 36.45
CA ASP A 21 6.43 -2.51 35.87
C ASP A 21 5.04 -2.87 35.39
N ILE A 22 4.04 -2.60 36.23
CA ILE A 22 2.64 -2.84 35.87
C ILE A 22 2.28 -2.25 34.52
N LYS A 23 2.95 -1.17 34.12
CA LYS A 23 2.53 -0.48 32.92
C LYS A 23 2.91 -1.24 31.67
N LEU A 24 4.05 -1.94 31.68
CA LEU A 24 4.47 -2.74 30.55
C LEU A 24 4.39 -4.24 30.78
N GLU A 25 4.00 -4.69 31.98
CA GLU A 25 4.02 -6.11 32.31
C GLU A 25 5.39 -6.73 31.98
N LYS A 26 6.43 -6.03 32.39
CA LYS A 26 7.80 -6.50 32.27
C LYS A 26 8.54 -6.14 33.54
N TYR A 27 9.65 -6.82 33.79
CA TYR A 27 10.49 -6.51 34.94
C TYR A 27 11.61 -5.60 34.51
N GLY A 28 11.80 -4.51 35.26
CA GLY A 28 12.89 -3.59 34.98
C GLY A 28 14.12 -3.98 35.78
N ILE A 29 15.27 -3.95 35.12
CA ILE A 29 16.55 -4.23 35.76
C ILE A 29 17.51 -3.10 35.40
N LYS A 30 18.18 -2.54 36.41
CA LYS A 30 19.03 -1.37 36.23
C LYS A 30 20.44 -1.72 36.68
N ARG A 31 21.37 -1.70 35.72
CA ARG A 31 22.74 -2.12 35.96
C ARG A 31 23.67 -1.07 35.37
N ASN A 32 24.70 -0.65 36.15
CA ASN A 32 25.85 0.13 35.66
C ASN A 32 25.44 1.11 34.56
N ASN A 33 24.46 1.95 34.88
CA ASN A 33 23.91 2.94 33.94
C ASN A 33 23.34 2.25 32.70
N ARG A 34 22.41 1.33 32.92
CA ARG A 34 21.80 0.56 31.83
C ARG A 34 20.50 -0.02 32.35
N VAL A 35 19.38 0.42 31.78
CA VAL A 35 18.05 -0.06 32.17
C VAL A 35 17.54 -0.97 31.08
N ASP A 36 17.20 -2.20 31.44
CA ASP A 36 16.60 -3.16 30.53
C ASP A 36 15.22 -3.55 31.04
N TYR A 37 14.35 -3.91 30.11
CA TYR A 37 13.05 -4.47 30.44
C TYR A 37 12.96 -5.88 29.88
N ILE A 38 12.76 -6.85 30.77
CA ILE A 38 12.83 -8.27 30.42
C ILE A 38 11.62 -8.98 30.97
N ALA A 39 11.37 -10.17 30.45
CA ALA A 39 10.32 -11.03 30.95
C ALA A 39 10.79 -11.75 32.21
N LYS A 40 9.86 -12.41 32.89
CA LYS A 40 10.20 -13.03 34.16
C LYS A 40 11.21 -14.15 33.96
N SER A 41 10.98 -15.01 32.96
CA SER A 41 11.86 -16.14 32.74
C SER A 41 13.28 -15.70 32.39
N SER A 42 13.42 -14.51 31.80
CA SER A 42 14.75 -13.97 31.59
C SER A 42 15.35 -13.49 32.91
N LEU A 43 14.55 -12.81 33.73
CA LEU A 43 15.05 -12.32 35.01
C LEU A 43 15.41 -13.46 35.94
N GLN A 44 14.70 -14.60 35.84
CA GLN A 44 15.06 -15.76 36.64
C GLN A 44 16.40 -16.35 36.21
N GLN A 45 16.72 -16.30 34.91
CA GLN A 45 18.02 -16.76 34.46
C GLN A 45 19.14 -15.86 34.96
N ILE A 46 18.85 -14.57 35.14
CA ILE A 46 19.87 -13.66 35.65
C ILE A 46 20.14 -13.92 37.12
N VAL A 47 19.09 -14.14 37.92
CA VAL A 47 19.30 -14.23 39.35
C VAL A 47 19.92 -15.56 39.74
N PHE A 48 19.67 -16.61 38.96
CA PHE A 48 20.36 -17.87 39.21
C PHE A 48 21.87 -17.72 39.09
N GLU A 49 22.33 -16.98 38.09
CA GLU A 49 23.76 -16.78 37.93
C GLU A 49 24.35 -15.94 39.06
N ILE A 50 23.55 -15.05 39.65
CA ILE A 50 24.06 -14.16 40.69
C ILE A 50 23.91 -14.77 42.08
N ILE A 51 22.81 -15.44 42.40
CA ILE A 51 22.58 -15.91 43.76
C ILE A 51 22.45 -17.42 43.84
N GLY A 52 22.63 -18.13 42.73
CA GLY A 52 22.72 -19.57 42.76
C GLY A 52 21.43 -20.35 42.91
N LYS A 53 20.27 -19.71 42.85
CA LYS A 53 19.02 -20.47 42.86
C LYS A 53 17.92 -19.65 42.20
N THR A 54 16.96 -20.34 41.58
CA THR A 54 15.86 -19.69 40.90
C THR A 54 14.63 -19.66 41.81
N PRO A 55 14.29 -18.52 42.42
CA PRO A 55 13.03 -18.44 43.17
C PRO A 55 11.83 -18.55 42.25
N LYS A 56 10.78 -19.18 42.74
CA LYS A 56 9.51 -19.24 42.03
C LYS A 56 8.67 -17.99 42.22
N ASN A 57 9.08 -17.07 43.11
CA ASN A 57 8.41 -15.80 43.30
C ASN A 57 9.45 -14.69 43.32
N ILE A 58 9.21 -13.66 42.50
CA ILE A 58 10.17 -12.58 42.32
C ILE A 58 9.89 -11.55 43.40
N ALA A 59 10.65 -11.62 44.50
CA ALA A 59 10.42 -10.73 45.63
C ALA A 59 11.05 -9.38 45.33
N VAL A 60 10.35 -8.59 44.53
CA VAL A 60 10.79 -7.27 44.10
C VAL A 60 9.64 -6.31 44.18
N PRO A 61 9.90 -5.01 44.33
CA PRO A 61 8.81 -4.04 44.46
C PRO A 61 8.14 -3.81 43.11
N THR A 62 7.02 -3.10 43.15
CA THR A 62 6.24 -2.80 41.97
C THR A 62 6.22 -1.29 41.78
N TYR A 63 7.04 -0.81 40.86
CA TYR A 63 7.13 0.59 40.51
C TYR A 63 6.58 0.78 39.09
N ILE A 64 6.42 2.04 38.70
CA ILE A 64 6.16 2.38 37.31
C ILE A 64 7.36 3.16 36.80
N GLY A 65 7.99 2.65 35.75
CA GLY A 65 9.13 3.33 35.18
C GLY A 65 8.71 4.60 34.44
N ALA A 66 9.52 5.64 34.59
CA ALA A 66 9.23 6.90 33.93
C ALA A 66 10.54 7.58 33.63
N TYR A 67 10.67 8.09 32.42
CA TYR A 67 11.87 8.76 31.95
C TYR A 67 11.67 10.25 32.19
N GLU A 68 12.19 10.75 33.29
CA GLU A 68 12.14 12.18 33.62
C GLU A 68 13.49 12.58 34.20
N PRO A 69 14.33 13.25 33.42
CA PRO A 69 15.69 13.58 33.89
C PRO A 69 15.73 14.62 34.99
N SER A 70 14.64 15.34 35.23
CA SER A 70 14.65 16.37 36.27
C SER A 70 14.35 15.83 37.67
N LYS A 71 14.02 14.56 37.80
CA LYS A 71 13.49 14.00 39.02
C LYS A 71 14.45 12.98 39.63
N PRO A 72 14.27 12.62 40.92
CA PRO A 72 15.17 11.66 41.56
C PRO A 72 15.06 10.26 40.98
N GLU A 73 15.87 9.33 41.52
CA GLU A 73 15.81 7.94 41.05
C GLU A 73 14.46 7.31 41.37
N LYS A 74 13.82 7.72 42.47
CA LYS A 74 12.44 7.34 42.74
C LYS A 74 11.68 8.53 43.31
N TRP A 75 10.37 8.55 43.06
CA TRP A 75 9.48 9.57 43.59
C TRP A 75 8.06 8.99 43.61
N GLU A 76 7.10 9.83 43.99
CA GLU A 76 5.69 9.43 43.99
C GLU A 76 4.83 10.60 43.56
N GLU A 77 3.71 10.28 42.90
CA GLU A 77 2.76 11.31 42.47
C GLU A 77 1.35 10.74 42.49
N GLU A 78 0.45 11.41 43.19
CA GLU A 78 -0.90 10.92 43.44
C GLU A 78 -0.91 9.52 44.04
N GLY A 79 0.06 9.24 44.90
CA GLY A 79 0.13 7.95 45.57
C GLY A 79 1.03 6.92 44.92
N ILE A 80 0.85 6.70 43.61
CA ILE A 80 1.58 5.65 42.91
C ILE A 80 3.06 6.03 42.85
N LYS A 81 3.90 5.04 43.11
CA LYS A 81 5.35 5.23 43.22
C LYS A 81 6.03 4.96 41.89
N TYR A 82 7.01 5.79 41.57
CA TYR A 82 7.70 5.74 40.28
C TYR A 82 9.17 5.45 40.48
N ILE A 83 9.78 4.87 39.46
CA ILE A 83 11.23 4.73 39.37
C ILE A 83 11.64 5.33 38.04
N ASN A 84 12.83 5.92 38.01
CA ASN A 84 13.22 6.73 36.87
C ASN A 84 14.03 5.88 35.89
N LEU A 85 13.77 6.10 34.59
CA LEU A 85 14.45 5.40 33.52
C LEU A 85 15.51 6.24 32.82
N PHE A 86 15.57 7.53 33.14
CA PHE A 86 16.64 8.38 32.64
C PHE A 86 17.89 8.14 33.47
N LYS A 87 18.96 7.75 32.83
CA LYS A 87 20.19 7.75 33.59
C LYS A 87 21.36 8.22 32.71
N PRO A 88 22.02 9.29 33.12
CA PRO A 88 22.94 9.99 32.22
C PRO A 88 24.13 9.14 31.79
N THR A 89 24.63 9.46 30.61
CA THR A 89 25.81 8.88 30.01
C THR A 89 27.05 9.53 30.63
N PRO A 90 28.22 8.86 30.53
CA PRO A 90 29.45 9.47 31.07
C PRO A 90 29.60 10.95 30.75
N LEU A 91 29.46 11.31 29.47
CA LEU A 91 29.75 12.66 29.04
C LEU A 91 28.63 13.65 29.37
N MET A 92 27.62 13.24 30.12
CA MET A 92 26.68 14.19 30.70
C MET A 92 27.04 14.57 32.12
N LYS A 93 27.72 13.68 32.84
CA LYS A 93 28.27 13.99 34.17
C LYS A 93 29.74 14.35 33.98
N VAL A 94 29.99 15.62 33.65
CA VAL A 94 31.33 16.08 33.28
C VAL A 94 31.50 17.51 33.76
N LYS A 95 32.75 17.85 34.17
CA LYS A 95 33.16 19.09 34.81
C LYS A 95 33.22 20.24 33.80
N PRO A 96 32.73 21.42 34.19
CA PRO A 96 32.66 22.55 33.24
C PRO A 96 34.03 22.96 32.70
N VAL A 97 33.97 23.70 31.57
CA VAL A 97 35.13 24.35 30.98
C VAL A 97 34.62 25.65 30.36
N LYS A 98 35.44 26.69 30.41
CA LYS A 98 35.00 27.97 29.87
C LYS A 98 35.11 28.06 28.35
N GLU A 99 35.95 27.24 27.72
CA GLU A 99 36.15 27.32 26.27
C GLU A 99 36.27 25.94 25.65
N MET A 100 35.73 25.82 24.43
CA MET A 100 35.57 24.57 23.70
C MET A 100 36.85 24.21 22.93
N PRO A 101 37.09 22.92 22.68
CA PRO A 101 38.25 22.53 21.87
C PRO A 101 38.24 23.23 20.52
N GLU A 102 39.44 23.58 20.04
CA GLU A 102 39.54 24.49 18.90
C GLU A 102 39.02 23.84 17.62
N ILE A 103 39.36 22.56 17.40
CA ILE A 103 38.92 21.92 16.18
C ILE A 103 37.41 21.75 16.18
N VAL A 104 36.80 21.67 17.38
CA VAL A 104 35.36 21.69 17.47
C VAL A 104 34.82 23.07 17.17
N LYS A 105 35.58 24.12 17.52
CA LYS A 105 35.12 25.48 17.25
C LYS A 105 35.17 25.81 15.77
N ASN A 106 36.14 25.26 15.03
CA ASN A 106 36.20 25.56 13.60
C ASN A 106 35.16 24.78 12.81
N LEU A 107 34.72 23.62 13.32
CA LEU A 107 33.66 22.89 12.64
C LEU A 107 32.35 23.65 12.72
N LEU A 108 31.98 24.13 13.91
CA LEU A 108 30.74 24.89 14.05
C LEU A 108 30.84 26.21 13.31
N LEU A 109 31.93 26.97 13.51
CA LEU A 109 32.09 28.22 12.78
C LEU A 109 31.90 28.02 11.29
N ASN A 110 32.45 26.94 10.74
CA ASN A 110 32.28 26.69 9.32
C ASN A 110 30.84 26.32 9.00
N LEU A 111 30.21 25.50 9.85
CA LEU A 111 28.80 25.19 9.66
C LEU A 111 27.96 26.47 9.61
N PHE A 112 28.22 27.38 10.55
CA PHE A 112 27.48 28.63 10.64
C PHE A 112 28.09 29.76 9.84
N ASP A 113 29.16 29.50 9.07
CA ASP A 113 29.76 30.51 8.19
C ASP A 113 30.23 31.73 8.98
N TYR A 114 30.98 31.47 10.05
CA TYR A 114 31.54 32.51 10.92
C TYR A 114 30.52 33.57 11.28
N ASP A 115 29.28 33.16 11.52
CA ASP A 115 28.29 34.05 12.12
C ASP A 115 28.18 33.66 13.60
N ALA A 116 28.32 34.65 14.47
CA ALA A 116 28.37 34.37 15.90
C ALA A 116 26.98 34.32 16.51
N LYS A 117 26.06 35.16 16.04
CA LYS A 117 24.73 35.21 16.64
C LYS A 117 24.01 33.88 16.48
N SER A 118 24.02 33.31 15.26
CA SER A 118 23.30 32.06 15.06
C SER A 118 24.05 30.88 15.64
N MET A 119 25.38 30.85 15.53
CA MET A 119 26.13 29.78 16.17
C MET A 119 25.98 29.84 17.68
N GLY A 120 26.07 31.03 18.26
CA GLY A 120 25.87 31.14 19.69
C GLY A 120 24.48 30.78 20.15
N LEU A 121 23.46 31.11 19.34
CA LEU A 121 22.10 30.76 19.70
C LEU A 121 21.87 29.25 19.62
N PHE A 122 22.54 28.59 18.67
CA PHE A 122 22.40 27.14 18.56
C PHE A 122 23.10 26.46 19.72
N ILE A 123 24.26 26.98 20.13
CA ILE A 123 24.97 26.38 21.26
C ILE A 123 24.16 26.57 22.54
N ASN A 124 23.51 27.72 22.69
CA ASN A 124 22.60 27.92 23.82
C ASN A 124 21.47 26.89 23.80
N TRP A 125 20.96 26.58 22.60
CA TRP A 125 19.93 25.56 22.47
C TRP A 125 20.47 24.19 22.87
N LEU A 126 21.66 23.83 22.36
CA LEU A 126 22.27 22.56 22.73
C LEU A 126 22.55 22.49 24.23
N ALA A 127 23.15 23.55 24.78
CA ALA A 127 23.49 23.56 26.19
C ALA A 127 22.24 23.37 27.06
N PHE A 128 21.14 24.04 26.71
CA PHE A 128 19.91 23.87 27.46
C PHE A 128 19.44 22.43 27.46
N ILE A 129 19.49 21.79 26.29
CA ILE A 129 19.15 20.36 26.22
C ILE A 129 20.11 19.55 27.07
N TYR A 130 21.38 19.95 27.10
CA TYR A 130 22.38 19.19 27.83
C TYR A 130 22.23 19.37 29.33
N GLN A 131 21.97 20.59 29.77
CA GLN A 131 21.88 20.87 31.20
C GLN A 131 20.48 20.62 31.76
N TYR A 132 19.45 21.16 31.11
CA TYR A 132 18.12 21.14 31.67
C TYR A 132 17.28 19.96 31.21
N LYS A 133 17.62 19.37 30.06
CA LYS A 133 17.00 18.14 29.57
C LYS A 133 15.48 18.25 29.52
N GLU A 134 15.01 19.18 28.69
CA GLU A 134 13.59 19.32 28.38
C GLU A 134 13.41 19.45 26.88
N ARG A 135 12.16 19.42 26.46
CA ARG A 135 11.82 19.64 25.06
C ARG A 135 11.63 21.13 24.84
N THR A 136 12.29 21.66 23.80
CA THR A 136 12.31 23.09 23.55
C THR A 136 11.18 23.56 22.66
N GLY A 137 10.68 22.70 21.78
CA GLY A 137 9.69 23.15 20.82
C GLY A 137 10.28 23.91 19.65
N VAL A 138 11.57 23.75 19.39
CA VAL A 138 12.23 24.37 18.25
C VAL A 138 13.21 23.36 17.68
N ALA A 139 13.31 23.32 16.35
CA ALA A 139 14.18 22.38 15.66
C ALA A 139 15.10 23.16 14.72
N TRP A 140 16.28 22.59 14.47
CA TRP A 140 17.30 23.22 13.65
C TRP A 140 17.46 22.44 12.36
N ILE A 141 17.35 23.13 11.23
CA ILE A 141 17.51 22.53 9.92
C ILE A 141 18.87 22.96 9.38
N PHE A 142 19.77 22.00 9.21
CA PHE A 142 21.05 22.25 8.55
C PHE A 142 20.93 21.78 7.10
N MET A 143 21.31 22.66 6.18
CA MET A 143 21.08 22.43 4.75
C MET A 143 22.31 22.75 3.93
N GLY A 144 22.17 22.69 2.62
CA GLY A 144 23.17 23.22 1.73
C GLY A 144 23.82 22.20 0.84
N LYS A 145 25.10 21.97 1.06
CA LYS A 145 25.89 21.06 0.26
C LYS A 145 26.43 19.95 1.17
N GLN A 146 27.24 19.09 0.58
CA GLN A 146 27.64 17.85 1.21
C GLN A 146 29.11 17.93 1.58
N GLY A 147 29.48 17.24 2.66
CA GLY A 147 30.83 17.39 3.18
C GLY A 147 31.03 18.66 3.96
N THR A 148 29.95 19.30 4.40
CA THR A 148 30.02 20.56 5.13
C THR A 148 30.14 20.39 6.64
N GLY A 149 29.92 19.19 7.15
CA GLY A 149 30.01 18.95 8.59
C GLY A 149 28.70 18.61 9.25
N LYS A 150 27.59 18.56 8.50
CA LYS A 150 26.31 18.25 9.11
C LYS A 150 26.31 16.85 9.68
N GLY A 151 26.85 15.89 8.94
CA GLY A 151 26.94 14.55 9.50
C GLY A 151 27.91 14.44 10.65
N LEU A 152 29.02 15.16 10.59
CA LEU A 152 29.99 15.10 11.68
C LEU A 152 29.40 15.67 12.95
N LEU A 153 28.60 16.75 12.84
CA LEU A 153 28.07 17.36 14.05
C LEU A 153 27.06 16.46 14.74
N VAL A 154 26.37 15.59 13.99
CA VAL A 154 25.42 14.68 14.63
C VAL A 154 26.12 13.42 15.15
N ASP A 155 27.25 13.03 14.55
CA ASP A 155 28.06 11.98 15.16
C ASP A 155 28.83 12.49 16.37
N LEU A 156 29.10 13.80 16.41
CA LEU A 156 29.73 14.38 17.59
C LEU A 156 28.77 14.40 18.77
N LEU A 157 27.52 14.82 18.54
CA LEU A 157 26.54 14.81 19.63
C LEU A 157 26.13 13.40 20.00
N LYS A 158 26.23 12.45 19.07
CA LYS A 158 25.83 11.08 19.36
C LYS A 158 26.80 10.41 20.31
N LYS A 159 28.05 10.88 20.37
CA LYS A 159 28.96 10.38 21.40
C LYS A 159 28.69 11.03 22.75
N ILE A 160 28.11 12.23 22.76
CA ILE A 160 27.77 12.87 24.02
C ILE A 160 26.51 12.24 24.62
N PHE A 161 25.44 12.13 23.84
CA PHE A 161 24.16 11.70 24.38
C PHE A 161 23.89 10.20 24.23
N GLU A 162 24.46 9.56 23.19
CA GLU A 162 24.43 8.11 23.03
C GLU A 162 23.02 7.52 23.04
N GLU A 163 22.62 6.89 24.15
CA GLU A 163 21.32 6.24 24.18
C GLU A 163 20.17 7.23 24.10
N HIS A 164 20.43 8.50 24.39
CA HIS A 164 19.41 9.54 24.46
C HIS A 164 19.28 10.30 23.15
N MET A 165 19.95 9.86 22.09
CA MET A 165 19.86 10.48 20.78
C MET A 165 19.56 9.43 19.73
N SER A 166 18.76 9.81 18.74
CA SER A 166 18.47 8.97 17.57
C SER A 166 19.21 9.53 16.38
N SER A 167 20.00 8.69 15.71
CA SER A 167 20.92 9.12 14.68
C SER A 167 20.46 8.64 13.31
N ASN A 168 20.35 9.57 12.37
CA ASN A 168 20.07 9.28 10.97
C ASN A 168 18.78 8.47 10.82
N ILE A 169 17.71 8.98 11.39
CA ILE A 169 16.38 8.42 11.18
C ILE A 169 15.88 8.85 9.81
N THR A 170 15.59 7.89 8.95
CA THR A 170 15.13 8.19 7.60
C THR A 170 13.77 7.54 7.40
N ASP A 171 13.19 7.74 6.21
CA ASP A 171 11.85 7.23 5.93
C ASP A 171 11.76 5.72 6.12
N ALA A 172 12.89 5.02 6.13
CA ALA A 172 12.86 3.58 6.37
C ALA A 172 12.37 3.26 7.77
N ASN A 173 12.78 4.07 8.77
CA ASN A 173 12.29 3.87 10.12
C ASN A 173 10.90 4.45 10.32
N LEU A 174 10.55 5.50 9.58
CA LEU A 174 9.20 6.04 9.66
C LEU A 174 8.17 5.07 9.10
N ASP A 175 8.51 4.39 8.00
CA ASP A 175 7.59 3.42 7.42
C ASP A 175 7.37 2.21 8.34
N SER A 176 8.31 1.93 9.22
CA SER A 176 8.13 0.87 10.20
C SER A 176 6.95 1.17 11.11
N GLN A 177 6.26 0.11 11.54
CA GLN A 177 5.17 0.25 12.49
C GLN A 177 5.66 0.62 13.88
N PHE A 178 6.97 0.61 14.13
CA PHE A 178 7.52 0.84 15.45
C PHE A 178 8.11 2.24 15.58
N ASN A 179 8.19 2.70 16.84
CA ASN A 179 8.57 4.07 17.16
C ASN A 179 9.83 4.22 18.01
N PRO A 180 10.79 3.27 17.99
CA PRO A 180 11.82 3.31 19.04
C PRO A 180 12.64 4.59 19.05
N TYR A 181 12.78 5.26 17.91
CA TYR A 181 13.58 6.47 17.82
C TYR A 181 12.98 7.66 18.56
N LEU A 182 11.75 7.55 19.07
CA LEU A 182 11.15 8.61 19.86
C LEU A 182 11.02 8.25 21.33
N TYR A 183 11.34 7.01 21.70
CA TYR A 183 11.16 6.54 23.06
C TYR A 183 12.36 6.96 23.89
N ASN A 184 12.13 7.86 24.85
CA ASN A 184 13.16 8.30 25.80
C ASN A 184 14.38 8.88 25.08
N LYS A 185 14.13 9.89 24.26
CA LYS A 185 15.17 10.60 23.51
C LYS A 185 15.13 12.08 23.81
N LEU A 186 16.31 12.66 24.00
CA LEU A 186 16.46 14.10 24.15
C LEU A 186 16.72 14.79 22.82
N ILE A 187 17.37 14.09 21.88
CA ILE A 187 17.66 14.60 20.55
C ILE A 187 17.27 13.52 19.54
N VAL A 188 16.64 13.95 18.45
CA VAL A 188 16.27 13.05 17.36
C VAL A 188 16.73 13.67 16.05
N HIS A 189 17.61 12.98 15.34
CA HIS A 189 18.15 13.47 14.08
C HIS A 189 17.48 12.77 12.91
N LEU A 190 16.98 13.56 11.97
CA LEU A 190 16.35 13.08 10.74
C LEU A 190 17.19 13.53 9.55
N ASN A 191 17.37 12.62 8.62
CA ASN A 191 18.13 12.87 7.43
C ASN A 191 17.35 13.00 6.13
N GLU A 192 17.28 14.24 5.67
CA GLU A 192 16.67 14.66 4.41
C GLU A 192 15.21 14.96 4.33
N VAL A 193 14.47 14.71 5.39
CA VAL A 193 13.03 14.92 5.43
C VAL A 193 12.31 14.64 4.10
N VAL A 204 5.22 13.75 5.61
CA VAL A 204 5.64 13.99 6.98
C VAL A 204 5.79 15.49 7.23
N LYS A 205 4.99 16.29 6.55
CA LYS A 205 5.00 17.73 6.80
C LYS A 205 4.36 18.06 8.15
N ASN A 206 3.26 17.40 8.49
CA ASN A 206 2.59 17.61 9.77
C ASN A 206 3.00 16.60 10.83
N ARG A 207 3.39 15.40 10.41
CA ARG A 207 3.88 14.39 11.35
C ARG A 207 5.07 14.90 12.14
N LEU A 208 5.93 15.71 11.51
CA LEU A 208 7.12 16.24 12.17
C LEU A 208 6.85 17.52 12.93
N LYS A 209 6.09 18.45 12.34
CA LYS A 209 5.79 19.71 13.00
C LYS A 209 5.00 19.51 14.29
N THR A 210 4.33 18.37 14.43
CA THR A 210 3.62 18.07 15.67
C THR A 210 4.56 17.52 16.73
N TRP A 211 5.50 16.65 16.32
CA TRP A 211 6.43 16.05 17.27
C TRP A 211 7.21 17.10 18.04
N ILE A 212 7.47 18.25 17.42
CA ILE A 212 8.28 19.28 18.05
C ILE A 212 7.58 19.84 19.29
N THR A 213 6.25 19.89 19.28
CA THR A 213 5.48 20.54 20.35
C THR A 213 4.57 19.60 21.12
N ASP A 214 4.71 18.29 20.94
CA ASP A 214 3.90 17.31 21.66
C ASP A 214 4.50 17.03 23.02
N GLU A 215 3.64 16.81 24.02
CA GLU A 215 4.15 16.26 25.28
C GLU A 215 4.10 14.76 25.30
N THR A 216 3.18 14.17 24.56
CA THR A 216 2.92 12.74 24.65
C THR A 216 2.93 12.14 23.26
N LEU A 217 3.65 11.03 23.12
CA LEU A 217 3.66 10.21 21.91
C LEU A 217 3.23 8.80 22.26
N TYR A 218 2.61 8.12 21.30
CA TYR A 218 2.26 6.72 21.46
C TYR A 218 3.44 5.89 20.99
N ILE A 219 4.14 5.26 21.92
CA ILE A 219 5.34 4.50 21.62
C ILE A 219 4.98 3.04 21.46
N ASN A 220 5.17 2.52 20.26
CA ASN A 220 5.00 1.11 19.93
C ASN A 220 6.36 0.55 19.55
N ARG A 221 6.86 -0.42 20.31
CA ARG A 221 8.12 -1.05 19.95
C ARG A 221 7.96 -2.56 20.03
N LYS A 222 8.79 -3.27 19.25
CA LYS A 222 8.57 -4.68 19.00
C LYS A 222 8.63 -5.48 20.30
N ASN A 223 7.62 -6.32 20.49
CA ASN A 223 7.47 -7.15 21.70
C ASN A 223 7.32 -6.30 22.97
N MET A 224 6.59 -5.19 22.87
CA MET A 224 6.23 -4.41 24.03
C MET A 224 4.89 -3.76 23.78
N LYS A 225 4.22 -3.37 24.87
CA LYS A 225 2.88 -2.81 24.75
C LYS A 225 2.96 -1.40 24.19
N GLU A 226 1.91 -0.99 23.49
CA GLU A 226 1.86 0.37 22.97
C GLU A 226 1.30 1.26 24.06
N VAL A 227 2.10 2.25 24.46
CA VAL A 227 1.87 3.01 25.67
C VAL A 227 2.27 4.44 25.37
N GLU A 228 1.57 5.37 25.98
CA GLU A 228 1.77 6.79 25.74
C GLU A 228 2.73 7.34 26.78
N ILE A 229 3.84 7.93 26.33
CA ILE A 229 4.87 8.44 27.22
C ILE A 229 5.03 9.92 26.95
N LYS A 230 5.73 10.58 27.86
CA LYS A 230 5.97 12.00 27.71
C LYS A 230 7.14 12.24 26.77
N ASN A 231 7.07 13.36 26.05
CA ASN A 231 7.94 13.62 24.90
C ASN A 231 9.04 14.59 25.28
N PHE A 232 10.29 14.17 25.07
CA PHE A 232 11.46 15.01 25.36
C PHE A 232 12.29 15.26 24.11
N CYS A 233 11.75 15.02 22.93
CA CYS A 233 12.56 15.06 21.72
C CYS A 233 12.78 16.48 21.24
N ASN A 234 14.03 16.77 20.89
CA ASN A 234 14.41 17.97 20.16
C ASN A 234 15.02 17.50 18.84
N PHE A 235 14.62 18.14 17.75
CA PHE A 235 14.90 17.61 16.42
C PHE A 235 15.97 18.43 15.72
N ILE A 236 16.97 17.75 15.18
CA ILE A 236 17.92 18.33 14.26
C ILE A 236 17.70 17.65 12.92
N ILE A 237 17.62 18.44 11.86
CA ILE A 237 17.21 17.95 10.55
C ILE A 237 18.27 18.34 9.54
N ASN A 238 18.90 17.34 8.93
CA ASN A 238 19.82 17.60 7.83
C ASN A 238 19.13 17.30 6.51
N SER A 239 19.46 18.08 5.49
CA SER A 239 18.84 17.94 4.19
C SER A 239 19.75 18.53 3.14
N ASN A 240 19.86 17.84 2.01
CA ASN A 240 20.64 18.31 0.88
C ASN A 240 19.75 18.74 -0.29
N GLU A 241 18.46 18.89 -0.04
CA GLU A 241 17.55 19.44 -1.03
C GLU A 241 17.40 20.94 -0.82
N THR A 242 16.93 21.62 -1.87
CA THR A 242 16.87 23.08 -1.84
C THR A 242 15.74 23.56 -0.94
N ILE A 243 14.60 22.87 -0.99
CA ILE A 243 13.47 23.17 -0.12
C ILE A 243 13.18 21.92 0.72
N PRO A 244 13.73 21.80 1.94
CA PRO A 244 13.54 20.55 2.67
C PRO A 244 12.15 20.38 3.25
N VAL A 245 11.54 21.47 3.73
CA VAL A 245 10.21 21.41 4.31
C VAL A 245 9.48 22.68 3.88
N ASP A 246 8.15 22.62 3.91
CA ASP A 246 7.32 23.78 3.67
C ASP A 246 7.14 24.52 5.00
N ILE A 247 7.53 25.80 5.04
CA ILE A 247 7.51 26.60 6.25
C ILE A 247 6.57 27.79 6.04
N GLU A 248 5.64 27.98 6.96
CA GLU A 248 4.75 29.12 6.90
C GLU A 248 5.44 30.35 7.48
N ASP A 249 4.93 31.53 7.10
CA ASP A 249 5.58 32.77 7.48
C ASP A 249 5.42 33.06 8.98
N SER A 250 4.37 32.53 9.60
CA SER A 250 4.13 32.71 11.03
C SER A 250 4.83 31.65 11.87
N ASP A 251 5.88 31.03 11.36
CA ASP A 251 6.43 29.84 11.98
C ASP A 251 7.10 30.19 13.31
N ARG A 252 7.04 29.24 14.24
CA ARG A 252 7.63 29.35 15.56
C ARG A 252 8.43 28.10 15.92
N ARG A 253 8.76 27.25 14.95
CA ARG A 253 9.40 25.97 15.23
C ARG A 253 10.75 25.73 14.58
N PHE A 254 11.12 26.46 13.53
CA PHE A 254 12.30 26.10 12.76
C PHE A 254 13.30 27.24 12.69
N ASN A 255 14.56 26.89 12.93
CA ASN A 255 15.71 27.72 12.59
C ASN A 255 16.44 27.04 11.45
N VAL A 256 16.81 27.79 10.42
CA VAL A 256 17.36 27.25 9.19
C VAL A 256 18.77 27.79 9.02
N ILE A 257 19.73 26.89 8.78
CA ILE A 257 21.12 27.24 8.55
C ILE A 257 21.57 26.55 7.28
N GLU A 258 21.99 27.34 6.29
CA GLU A 258 22.52 26.79 5.05
C GLU A 258 24.04 26.94 5.05
N CYS A 259 24.73 25.82 4.85
CA CYS A 259 26.19 25.78 4.84
C CYS A 259 26.65 25.25 3.50
N ASN A 260 27.46 26.04 2.80
CA ASN A 260 28.01 25.63 1.51
C ASN A 260 29.53 25.66 1.49
N ASN A 261 30.18 25.48 2.63
CA ASN A 261 31.63 25.41 2.71
C ASN A 261 32.04 23.96 2.93
N VAL A 262 32.66 23.36 1.92
CA VAL A 262 33.07 21.96 2.01
C VAL A 262 34.34 21.87 2.83
N LEU A 263 34.42 20.86 3.71
CA LEU A 263 35.51 20.86 4.69
C LEU A 263 36.83 20.44 4.07
N LYS A 264 36.80 19.62 3.00
CA LYS A 264 38.05 19.28 2.33
C LYS A 264 38.71 20.50 1.70
N GLU A 265 37.95 21.54 1.41
CA GLU A 265 38.49 22.72 0.75
C GLU A 265 39.07 23.73 1.74
N GLN A 266 39.06 23.41 3.04
CA GLN A 266 39.52 24.34 4.05
C GLN A 266 40.95 24.04 4.48
N GLU A 267 41.67 25.12 4.79
CA GLU A 267 43.05 25.05 5.22
C GLU A 267 43.24 24.04 6.36
N TRP A 268 42.39 24.13 7.38
CA TRP A 268 42.61 23.43 8.63
C TRP A 268 42.19 21.97 8.59
N TRP A 269 41.70 21.46 7.47
CA TRP A 269 41.15 20.12 7.40
C TRP A 269 42.20 19.10 7.03
N THR A 270 42.10 17.92 7.64
CA THR A 270 42.88 16.77 7.24
C THR A 270 41.92 15.60 7.12
N THR A 271 42.41 14.50 6.55
CA THR A 271 41.61 13.28 6.52
C THR A 271 41.22 12.85 7.92
N GLU A 272 42.20 12.84 8.83
CA GLU A 272 42.01 12.38 10.20
C GLU A 272 41.23 13.37 11.06
N SER A 273 41.02 14.60 10.60
CA SER A 273 40.27 15.57 11.38
C SER A 273 38.84 15.09 11.63
N TYR A 274 38.27 14.30 10.72
CA TYR A 274 36.94 13.75 10.96
C TYR A 274 36.93 12.93 12.25
N GLN A 275 37.92 12.05 12.40
CA GLN A 275 37.97 11.25 13.62
C GLN A 275 38.66 11.98 14.77
N GLU A 276 39.40 13.05 14.46
CA GLU A 276 39.92 13.90 15.53
C GLU A 276 38.81 14.68 16.21
N ILE A 277 37.91 15.27 15.42
CA ILE A 277 36.79 16.02 16.01
C ILE A 277 35.93 15.10 16.87
N LEU A 278 35.73 13.85 16.42
CA LEU A 278 34.94 12.91 17.21
C LEU A 278 35.66 12.49 18.49
N ASN A 279 36.98 12.59 18.52
CA ASN A 279 37.73 12.28 19.73
C ASN A 279 37.87 13.49 20.65
N ASN A 280 37.12 14.56 20.40
CA ASN A 280 37.05 15.71 21.29
C ASN A 280 35.66 15.89 21.87
N ALA A 281 34.84 14.82 21.87
CA ALA A 281 33.49 14.91 22.40
C ALA A 281 33.50 15.27 23.88
N GLU A 282 34.47 14.75 24.62
CA GLU A 282 34.57 15.09 26.04
C GLU A 282 34.75 16.60 26.21
N GLY A 283 35.67 17.19 25.44
CA GLY A 283 35.88 18.62 25.53
C GLY A 283 34.66 19.42 25.14
N PHE A 284 33.94 18.96 24.10
CA PHE A 284 32.73 19.66 23.69
C PHE A 284 31.63 19.49 24.72
N ALA A 285 31.49 18.29 25.29
CA ALA A 285 30.52 18.07 26.35
C ALA A 285 30.82 18.96 27.54
N LYS A 286 32.09 19.03 27.93
CA LYS A 286 32.48 19.89 29.04
C LYS A 286 32.22 21.35 28.73
N TYR A 287 32.29 21.74 27.45
CA TYR A 287 31.98 23.11 27.09
C TYR A 287 30.51 23.41 27.32
N LEU A 288 29.62 22.54 26.82
CA LEU A 288 28.19 22.77 26.97
C LEU A 288 27.80 22.80 28.44
N ALA A 289 28.40 21.93 29.25
CA ALA A 289 28.13 21.93 30.68
C ALA A 289 28.44 23.27 31.32
N GLY A 290 29.31 24.07 30.71
CA GLY A 290 29.73 25.32 31.31
C GLY A 290 29.04 26.57 30.75
N ILE A 291 28.25 26.42 29.69
CA ILE A 291 27.49 27.57 29.21
C ILE A 291 26.49 28.00 30.27
N LYS A 292 26.40 29.31 30.50
CA LYS A 292 25.28 29.87 31.25
C LYS A 292 24.18 30.14 30.25
N VAL A 293 23.16 29.31 30.28
CA VAL A 293 22.09 29.37 29.28
C VAL A 293 21.15 30.52 29.60
N ASP A 294 20.68 31.18 28.54
CA ASP A 294 19.62 32.17 28.62
C ASP A 294 18.39 31.47 28.07
N ARG A 295 17.45 31.11 28.95
CA ARG A 295 16.34 30.25 28.55
C ARG A 295 15.23 31.05 27.87
N SER A 296 15.30 32.39 27.88
CA SER A 296 14.38 33.15 27.06
C SER A 296 14.66 32.97 25.57
N LYS A 297 15.84 32.47 25.21
CA LYS A 297 16.23 32.32 23.81
C LYS A 297 16.39 30.88 23.38
N VAL A 298 15.85 29.91 24.14
CA VAL A 298 15.93 28.55 23.64
C VAL A 298 14.84 28.29 22.62
N ASN A 299 13.64 28.81 22.86
CA ASN A 299 12.54 28.72 21.91
C ASN A 299 12.50 29.90 20.94
N GLU A 300 13.62 30.59 20.76
CA GLU A 300 13.72 31.67 19.79
C GLU A 300 14.02 31.12 18.40
N VAL A 301 13.23 31.57 17.42
CA VAL A 301 13.53 31.34 16.01
C VAL A 301 13.77 32.68 15.34
N VAL A 302 14.67 32.67 14.36
CA VAL A 302 15.02 33.86 13.61
C VAL A 302 14.71 33.59 12.14
N MET A 303 14.32 34.64 11.43
CA MET A 303 13.91 34.51 10.03
C MET A 303 15.12 34.85 9.17
N SER A 304 15.98 33.85 9.00
CA SER A 304 17.13 33.99 8.12
C SER A 304 16.66 34.15 6.67
N GLU A 305 17.53 34.74 5.86
CA GLU A 305 17.17 34.96 4.46
C GLU A 305 17.01 33.66 3.70
N LYS A 306 17.55 32.55 4.20
CA LYS A 306 17.22 31.26 3.60
C LYS A 306 15.85 30.78 4.04
N LYS A 307 15.48 31.04 5.30
CA LYS A 307 14.14 30.70 5.75
C LYS A 307 13.10 31.51 4.99
N LYS A 308 13.36 32.80 4.80
CA LYS A 308 12.42 33.62 4.02
C LYS A 308 12.34 33.14 2.58
N ALA A 309 13.44 32.60 2.04
CA ALA A 309 13.39 32.01 0.71
C ALA A 309 12.50 30.77 0.70
N ILE A 310 12.69 29.87 1.67
CA ILE A 310 11.83 28.69 1.78
C ILE A 310 10.39 29.12 1.96
N VAL A 311 10.15 30.20 2.71
CA VAL A 311 8.80 30.64 3.00
C VAL A 311 8.07 31.08 1.74
N GLU A 312 8.70 31.94 0.93
CA GLU A 312 8.01 32.48 -0.22
C GLU A 312 8.06 31.56 -1.44
N THR A 313 8.91 30.53 -1.41
CA THR A 313 8.83 29.47 -2.40
C THR A 313 7.70 28.50 -2.10
N THR A 314 7.35 28.36 -0.83
CA THR A 314 6.40 27.36 -0.36
C THR A 314 4.95 27.82 -0.41
N GLU A 315 4.68 29.07 -0.07
CA GLU A 315 3.30 29.53 0.08
C GLU A 315 2.65 29.71 -1.29
N SER A 316 1.37 29.38 -1.36
CA SER A 316 0.67 29.31 -2.64
C SER A 316 0.67 30.66 -3.34
N VAL A 317 0.78 30.63 -4.67
CA VAL A 317 0.72 31.87 -5.44
C VAL A 317 -0.69 32.44 -5.41
N LEU A 318 -1.71 31.58 -5.33
CA LEU A 318 -3.07 32.10 -5.22
C LEU A 318 -3.30 32.78 -3.89
N LYS A 319 -2.64 32.33 -2.83
CA LYS A 319 -2.73 33.05 -1.56
C LYS A 319 -2.02 34.39 -1.65
N GLN A 320 -0.90 34.47 -2.37
CA GLN A 320 -0.19 35.74 -2.49
C GLN A 320 -0.98 36.73 -3.34
N ILE A 321 -1.64 36.25 -4.40
CA ILE A 321 -2.55 37.11 -5.15
C ILE A 321 -3.65 37.64 -4.24
N ALA A 322 -4.26 36.75 -3.47
CA ALA A 322 -5.33 37.14 -2.57
C ALA A 322 -4.86 38.15 -1.54
N LYS A 323 -3.62 38.04 -1.08
CA LYS A 323 -3.13 38.96 -0.06
C LYS A 323 -2.70 40.28 -0.67
N ALA A 324 -2.15 40.26 -1.89
CA ALA A 324 -1.92 41.50 -2.63
C ALA A 324 -3.22 42.23 -2.89
N LEU A 325 -4.24 41.51 -3.38
CA LEU A 325 -5.57 42.09 -3.53
C LEU A 325 -6.07 42.70 -2.22
N THR A 326 -5.85 42.00 -1.11
CA THR A 326 -6.32 42.49 0.18
C THR A 326 -5.58 43.76 0.59
N ASP A 327 -4.26 43.75 0.48
CA ASP A 327 -3.42 44.86 0.91
C ASP A 327 -3.27 45.94 -0.13
N ARG A 328 -4.06 45.95 -1.21
CA ARG A 328 -3.98 46.98 -2.25
C ARG A 328 -2.54 47.10 -2.74
N ASP A 329 -1.84 45.97 -2.81
CA ASP A 329 -0.41 46.05 -2.99
C ASP A 329 -0.19 46.09 -4.50
N ILE A 330 -0.23 47.31 -5.05
CA ILE A 330 0.01 47.48 -6.48
C ILE A 330 1.42 47.05 -6.84
N GLU A 331 2.37 47.21 -5.91
CA GLU A 331 3.77 46.95 -6.22
C GLU A 331 4.08 45.46 -6.22
N TRP A 332 3.32 44.64 -5.47
CA TRP A 332 3.46 43.20 -5.61
C TRP A 332 3.13 42.78 -7.02
N PHE A 333 2.04 43.31 -7.58
CA PHE A 333 1.64 42.95 -8.94
C PHE A 333 2.69 43.39 -9.94
N LEU A 334 3.28 44.57 -9.75
CA LEU A 334 4.28 45.04 -10.70
C LEU A 334 5.61 44.33 -10.51
N ASP A 335 5.94 43.92 -9.29
CA ASP A 335 7.09 43.02 -9.11
C ASP A 335 6.88 41.72 -9.84
N ASN A 336 5.64 41.27 -9.97
CA ASN A 336 5.33 40.03 -10.66
C ASN A 336 4.90 40.26 -12.10
N GLY A 337 5.28 41.39 -12.67
CA GLY A 337 5.16 41.56 -14.12
C GLY A 337 3.79 41.94 -14.62
N LEU A 338 3.00 42.65 -13.83
CA LEU A 338 1.65 42.99 -14.27
C LEU A 338 1.67 43.96 -15.45
N GLU A 339 2.69 44.80 -15.56
CA GLU A 339 2.71 45.79 -16.63
C GLU A 339 2.91 45.16 -18.01
N GLY A 340 3.29 43.88 -18.06
CA GLY A 340 3.30 43.18 -19.34
C GLY A 340 1.97 43.26 -20.05
N VAL A 341 0.87 43.45 -19.30
CA VAL A 341 -0.44 43.69 -19.88
C VAL A 341 -0.42 44.86 -20.86
N VAL A 342 0.48 45.81 -20.65
CA VAL A 342 0.54 46.98 -21.53
C VAL A 342 1.44 46.73 -22.74
N GLU A 343 2.53 45.98 -22.58
CA GLU A 343 3.44 45.81 -23.70
C GLU A 343 2.91 44.83 -24.73
N LYS A 344 2.02 43.92 -24.32
CA LYS A 344 1.30 43.08 -25.25
C LYS A 344 -0.04 43.71 -25.66
N ASN A 345 -0.25 44.96 -25.28
CA ASN A 345 -1.46 45.71 -25.61
C ASN A 345 -2.73 44.90 -25.35
N ILE A 346 -2.79 44.25 -24.18
CA ILE A 346 -4.05 43.72 -23.68
C ILE A 346 -4.93 44.87 -23.21
N VAL A 347 -4.32 46.02 -22.92
CA VAL A 347 -4.99 47.12 -22.26
C VAL A 347 -4.48 48.43 -22.86
N ASN A 348 -5.39 49.41 -23.01
CA ASN A 348 -5.00 50.76 -23.41
C ASN A 348 -4.06 51.35 -22.37
N ASP A 349 -3.56 52.56 -22.62
CA ASP A 349 -2.99 53.34 -21.54
C ASP A 349 -4.06 54.00 -20.68
N PHE A 350 -5.25 54.19 -21.24
CA PHE A 350 -6.38 54.69 -20.45
C PHE A 350 -6.81 53.66 -19.41
N GLN A 351 -7.00 52.41 -19.83
CA GLN A 351 -7.45 51.39 -18.90
C GLN A 351 -6.31 50.82 -18.06
N TRP A 352 -5.06 50.97 -18.50
CA TRP A 352 -3.95 50.53 -17.65
C TRP A 352 -3.88 51.31 -16.36
N GLU A 353 -4.42 52.53 -16.34
CA GLU A 353 -4.52 53.27 -15.09
C GLU A 353 -5.80 52.96 -14.34
N GLU A 354 -6.86 52.58 -15.05
CA GLU A 354 -8.06 52.10 -14.36
C GLU A 354 -7.82 50.74 -13.73
N LEU A 355 -7.02 49.89 -14.37
CA LEU A 355 -6.71 48.59 -13.80
C LEU A 355 -5.89 48.76 -12.52
N GLN A 356 -4.95 49.71 -12.52
CA GLN A 356 -4.18 49.95 -11.31
C GLN A 356 -5.03 50.69 -10.28
N GLU A 357 -5.87 51.62 -10.73
CA GLU A 357 -6.81 52.24 -9.82
C GLU A 357 -7.64 51.18 -9.10
N ALA A 358 -8.16 50.21 -9.86
CA ALA A 358 -9.02 49.17 -9.28
C ALA A 358 -8.29 48.37 -8.20
N ILE A 359 -7.00 48.11 -8.39
CA ILE A 359 -6.25 47.35 -7.38
C ILE A 359 -6.05 48.17 -6.11
N THR A 360 -5.55 49.39 -6.25
CA THR A 360 -5.33 50.23 -5.07
C THR A 360 -6.64 50.68 -4.44
N THR A 361 -7.66 50.88 -5.25
CA THR A 361 -8.96 51.29 -4.73
C THR A 361 -9.67 50.15 -4.01
N GLY A 362 -9.32 48.91 -4.34
CA GLY A 362 -10.01 47.77 -3.78
C GLY A 362 -11.38 47.51 -4.37
N VAL A 363 -11.58 47.91 -5.63
CA VAL A 363 -12.83 47.68 -6.36
C VAL A 363 -12.45 47.27 -7.77
N ILE A 364 -12.55 45.98 -8.07
CA ILE A 364 -11.99 45.46 -9.32
C ILE A 364 -13.12 44.94 -10.21
N PRO A 365 -13.37 45.56 -11.35
CA PRO A 365 -14.37 45.01 -12.28
C PRO A 365 -13.96 43.63 -12.75
N ASN A 366 -14.98 42.77 -12.97
CA ASN A 366 -14.73 41.43 -13.49
C ASN A 366 -13.81 41.46 -14.70
N LYS A 367 -13.98 42.47 -15.56
CA LYS A 367 -13.14 42.62 -16.74
C LYS A 367 -11.66 42.66 -16.36
N TYR A 368 -11.31 43.47 -15.37
CA TYR A 368 -9.91 43.61 -15.00
C TYR A 368 -9.46 42.50 -14.06
N LEU A 369 -10.38 41.91 -13.31
CA LEU A 369 -10.02 40.78 -12.45
C LEU A 369 -9.42 39.66 -13.26
N MET A 370 -10.00 39.38 -14.43
CA MET A 370 -9.48 38.33 -15.30
C MET A 370 -8.15 38.73 -15.94
N ILE A 371 -8.00 40.01 -16.29
CA ILE A 371 -6.76 40.47 -16.89
C ILE A 371 -5.61 40.33 -15.91
N ILE A 372 -5.85 40.68 -14.64
CA ILE A 372 -4.80 40.60 -13.63
C ILE A 372 -4.39 39.16 -13.40
N VAL A 373 -5.38 38.29 -13.17
CA VAL A 373 -5.08 36.90 -12.83
C VAL A 373 -4.43 36.17 -14.00
N GLU A 374 -4.89 36.43 -15.22
CA GLU A 374 -4.33 35.70 -16.36
C GLU A 374 -2.89 36.11 -16.63
N GLN A 375 -2.51 37.36 -16.33
CA GLN A 375 -1.14 37.73 -16.61
C GLN A 375 -0.20 37.30 -15.48
N ILE A 376 -0.71 37.20 -14.24
CA ILE A 376 0.10 36.67 -13.17
C ILE A 376 0.26 35.16 -13.31
N LEU A 377 -0.84 34.45 -13.52
CA LEU A 377 -0.78 32.99 -13.56
C LEU A 377 -0.34 32.45 -14.91
N GLY A 378 -0.63 33.16 -16.00
CA GLY A 378 -0.22 32.72 -17.31
C GLY A 378 -1.20 31.84 -18.04
N ASP A 379 -2.44 31.76 -17.57
CA ASP A 379 -3.52 31.14 -18.34
C ASP A 379 -4.80 31.92 -18.09
N SER A 380 -5.69 31.90 -19.06
CA SER A 380 -6.97 32.58 -18.90
C SER A 380 -7.82 31.84 -17.88
N LYS A 381 -8.28 32.55 -16.86
CA LYS A 381 -9.19 32.01 -15.87
C LYS A 381 -10.53 32.73 -15.93
N THR A 382 -11.58 32.00 -15.60
CA THR A 382 -12.92 32.54 -15.57
C THR A 382 -13.19 33.24 -14.25
N ILE A 383 -14.25 34.05 -14.22
CA ILE A 383 -14.62 34.69 -12.96
C ILE A 383 -15.00 33.63 -11.93
N THR A 384 -15.75 32.61 -12.36
CA THR A 384 -16.13 31.54 -11.44
C THR A 384 -14.90 30.84 -10.86
N TRP A 385 -13.87 30.64 -11.68
CA TRP A 385 -12.65 30.02 -11.17
C TRP A 385 -11.91 30.95 -10.22
N ILE A 386 -11.81 32.24 -10.58
CA ILE A 386 -11.06 33.18 -9.73
C ILE A 386 -11.67 33.26 -8.35
N LYS A 387 -13.00 33.25 -8.27
CA LYS A 387 -13.62 33.35 -6.95
C LYS A 387 -13.44 32.07 -6.15
N ARG A 388 -13.57 30.90 -6.78
CA ARG A 388 -13.55 29.68 -5.98
C ARG A 388 -12.13 29.27 -5.58
N ASN A 389 -11.09 29.88 -6.16
CA ASN A 389 -9.72 29.53 -5.81
C ASN A 389 -8.89 30.68 -5.27
N ILE A 390 -9.36 31.94 -5.39
CA ILE A 390 -8.61 33.10 -4.94
C ILE A 390 -9.47 33.97 -4.02
N ILE A 391 -10.68 34.30 -4.47
CA ILE A 391 -11.52 35.25 -3.73
C ILE A 391 -12.17 34.58 -2.54
N THR A 392 -13.02 33.58 -2.81
CA THR A 392 -13.83 32.98 -1.73
C THR A 392 -12.98 32.34 -0.63
N PRO A 393 -11.98 31.48 -0.92
CA PRO A 393 -11.29 30.82 0.19
C PRO A 393 -10.43 31.75 1.04
N TYR A 394 -9.84 32.79 0.45
CA TYR A 394 -9.01 33.70 1.22
C TYR A 394 -9.74 34.96 1.65
N GLN A 395 -11.06 35.02 1.43
CA GLN A 395 -11.92 36.11 1.88
C GLN A 395 -11.36 37.48 1.49
N VAL A 396 -11.16 37.66 0.18
CA VAL A 396 -10.70 38.95 -0.32
C VAL A 396 -11.83 39.96 -0.34
N GLY A 397 -13.05 39.53 -0.60
CA GLY A 397 -14.16 40.46 -0.69
C GLY A 397 -15.36 39.82 -1.36
N GLU A 398 -16.31 40.69 -1.69
CA GLU A 398 -17.62 40.28 -2.18
C GLU A 398 -17.79 40.74 -3.62
N THR A 399 -18.29 39.84 -4.48
CA THR A 399 -18.67 40.24 -5.82
C THR A 399 -20.03 40.93 -5.77
N THR A 400 -20.13 42.04 -6.49
CA THR A 400 -21.26 42.94 -6.33
C THR A 400 -21.34 43.85 -7.55
N VAL A 401 -22.52 44.43 -7.74
CA VAL A 401 -22.69 45.45 -8.77
C VAL A 401 -22.21 46.77 -8.18
N VAL A 402 -21.31 47.44 -8.89
CA VAL A 402 -20.68 48.67 -8.41
C VAL A 402 -20.96 49.79 -9.39
N LYS A 403 -21.08 51.00 -8.85
CA LYS A 403 -21.46 52.17 -9.62
C LYS A 403 -20.20 52.91 -10.06
N MET A 404 -19.61 52.42 -11.15
CA MET A 404 -18.44 53.06 -11.73
C MET A 404 -18.78 53.75 -13.05
N LYS A 407 -22.43 53.44 -15.48
CA LYS A 407 -22.83 52.09 -15.86
C LYS A 407 -22.87 51.16 -14.64
N PRO A 408 -23.67 50.10 -14.72
CA PRO A 408 -23.65 49.09 -13.66
C PRO A 408 -22.60 48.01 -13.91
N ILE A 409 -21.49 48.09 -13.19
CA ILE A 409 -20.35 47.19 -13.35
C ILE A 409 -20.45 46.07 -12.34
N ARG A 410 -20.22 44.84 -12.78
CA ARG A 410 -20.05 43.71 -11.88
C ARG A 410 -18.59 43.69 -11.43
N ALA A 411 -18.36 43.88 -10.15
CA ALA A 411 -16.99 44.00 -9.65
C ALA A 411 -16.89 43.30 -8.30
N ILE A 412 -15.66 43.12 -7.84
CA ILE A 412 -15.39 42.57 -6.52
C ILE A 412 -14.82 43.70 -5.66
N VAL A 413 -15.46 43.93 -4.51
CA VAL A 413 -15.04 44.98 -3.59
C VAL A 413 -14.23 44.33 -2.48
N VAL A 414 -12.95 44.71 -2.38
CA VAL A 414 -12.08 44.15 -1.36
C VAL A 414 -12.46 44.72 0.00
N GLY A 415 -12.51 43.85 1.01
CA GLY A 415 -12.84 44.29 2.35
C GLY A 415 -13.43 43.19 3.23
N GLU B 1 -11.19 -21.70 47.65
CA GLU B 1 -11.39 -21.96 49.07
C GLU B 1 -12.89 -22.02 49.40
N LYS B 2 -13.24 -21.73 50.66
CA LYS B 2 -14.64 -21.71 51.05
C LYS B 2 -15.26 -20.35 50.74
N ASP B 3 -14.46 -19.29 50.77
CA ASP B 3 -14.91 -17.98 50.31
C ASP B 3 -14.17 -17.66 49.02
N PRO B 4 -14.82 -17.79 47.86
CA PRO B 4 -14.13 -17.64 46.58
C PRO B 4 -13.79 -16.20 46.20
N LEU B 5 -14.04 -15.24 47.09
CA LEU B 5 -13.65 -13.86 46.88
C LEU B 5 -12.78 -13.35 48.02
N TRP B 6 -12.04 -14.26 48.66
CA TRP B 6 -11.20 -13.87 49.78
C TRP B 6 -10.09 -12.92 49.37
N LEU B 7 -9.40 -13.21 48.27
CA LEU B 7 -8.29 -12.37 47.86
C LEU B 7 -8.79 -10.98 47.46
N TYR B 8 -9.89 -10.91 46.71
CA TYR B 8 -10.47 -9.62 46.32
C TYR B 8 -10.69 -8.74 47.53
N LYS B 9 -11.19 -9.31 48.63
CA LYS B 9 -11.48 -8.49 49.81
C LYS B 9 -10.20 -8.01 50.46
N VAL B 10 -9.17 -8.86 50.51
CA VAL B 10 -7.95 -8.45 51.19
C VAL B 10 -7.21 -7.35 50.43
N LEU B 11 -7.30 -7.30 49.09
CA LEU B 11 -6.67 -6.16 48.44
C LEU B 11 -7.51 -4.90 48.50
N LEU B 12 -8.83 -5.02 48.66
CA LEU B 12 -9.63 -3.81 48.87
C LEU B 12 -9.24 -3.13 50.17
N THR B 13 -8.89 -3.91 51.19
CA THR B 13 -8.35 -3.33 52.42
C THR B 13 -7.15 -2.46 52.11
N LYS B 14 -6.26 -2.93 51.24
CA LYS B 14 -5.15 -2.11 50.79
C LYS B 14 -5.56 -1.16 49.67
N GLY B 15 -6.87 -1.01 49.43
CA GLY B 15 -7.36 -0.06 48.47
C GLY B 15 -7.21 -0.47 47.02
N ILE B 16 -7.27 -1.76 46.73
CA ILE B 16 -6.97 -2.28 45.40
C ILE B 16 -8.09 -3.22 44.99
N GLU B 17 -8.70 -2.94 43.83
CA GLU B 17 -9.86 -3.67 43.35
C GLU B 17 -9.48 -4.40 42.08
N VAL B 18 -9.41 -5.72 42.13
CA VAL B 18 -9.06 -6.53 40.97
C VAL B 18 -10.24 -7.41 40.61
N TRP B 19 -10.52 -7.50 39.31
CA TRP B 19 -11.57 -8.37 38.82
C TRP B 19 -11.06 -9.07 37.56
N PHE B 20 -11.89 -9.95 37.02
CA PHE B 20 -11.62 -10.63 35.76
C PHE B 20 -12.66 -10.18 34.75
N ASP B 21 -12.20 -9.77 33.58
CA ASP B 21 -13.07 -9.17 32.56
C ASP B 21 -13.27 -10.20 31.45
N ILE B 22 -14.37 -10.94 31.54
CA ILE B 22 -14.74 -11.93 30.53
C ILE B 22 -14.72 -11.34 29.13
N LYS B 23 -14.94 -10.04 29.00
CA LYS B 23 -15.03 -9.42 27.68
C LYS B 23 -13.66 -9.30 27.04
N LEU B 24 -12.62 -9.04 27.83
CA LEU B 24 -11.25 -8.96 27.35
C LEU B 24 -10.39 -10.15 27.75
N GLU B 25 -10.92 -11.07 28.56
CA GLU B 25 -10.16 -12.18 29.12
C GLU B 25 -8.83 -11.69 29.70
N LYS B 26 -8.93 -10.60 30.46
CA LYS B 26 -7.83 -10.01 31.19
C LYS B 26 -8.30 -9.63 32.58
N TYR B 27 -7.36 -9.45 33.48
CA TYR B 27 -7.67 -8.97 34.82
C TYR B 27 -7.50 -7.46 34.89
N GLY B 28 -8.53 -6.79 35.39
CA GLY B 28 -8.46 -5.37 35.62
C GLY B 28 -8.01 -5.11 37.04
N ILE B 29 -7.12 -4.14 37.19
CA ILE B 29 -6.66 -3.71 38.50
C ILE B 29 -6.86 -2.20 38.57
N LYS B 30 -7.53 -1.74 39.61
CA LYS B 30 -7.93 -0.34 39.72
C LYS B 30 -7.37 0.22 41.02
N ARG B 31 -6.41 1.12 40.89
CA ARG B 31 -5.71 1.75 41.99
C ARG B 31 -5.60 3.24 41.71
N ASN B 32 -5.80 4.04 42.76
CA ASN B 32 -5.49 5.47 42.74
C ASN B 32 -5.89 6.12 41.43
N ASN B 33 -7.14 5.87 41.00
CA ASN B 33 -7.68 6.46 39.78
C ASN B 33 -6.83 6.13 38.55
N ARG B 34 -6.28 4.91 38.52
CA ARG B 34 -5.60 4.42 37.33
C ARG B 34 -5.97 2.96 37.12
N VAL B 35 -6.48 2.63 35.93
CA VAL B 35 -7.03 1.32 35.62
C VAL B 35 -6.11 0.64 34.61
N ASP B 36 -5.63 -0.54 34.95
CA ASP B 36 -4.82 -1.34 34.05
C ASP B 36 -5.48 -2.69 33.79
N TYR B 37 -5.22 -3.26 32.62
CA TYR B 37 -5.64 -4.62 32.30
C TYR B 37 -4.39 -5.46 32.07
N ILE B 38 -4.22 -6.50 32.89
CA ILE B 38 -3.00 -7.28 32.91
C ILE B 38 -3.35 -8.75 32.81
N ALA B 39 -2.35 -9.55 32.46
CA ALA B 39 -2.52 -11.00 32.40
C ALA B 39 -2.43 -11.60 33.80
N LYS B 40 -2.75 -12.89 33.88
CA LYS B 40 -2.76 -13.57 35.18
C LYS B 40 -1.36 -13.58 35.79
N SER B 41 -0.35 -13.90 34.99
CA SER B 41 1.02 -14.00 35.51
C SER B 41 1.50 -12.66 36.06
N SER B 42 1.03 -11.56 35.50
CA SER B 42 1.39 -10.25 36.04
C SER B 42 0.66 -9.97 37.35
N LEU B 43 -0.63 -10.28 37.42
CA LEU B 43 -1.38 -10.02 38.65
C LEU B 43 -0.86 -10.82 39.81
N GLN B 44 -0.33 -12.02 39.56
CA GLN B 44 0.22 -12.82 40.64
C GLN B 44 1.48 -12.19 41.23
N GLN B 45 2.28 -11.50 40.42
CA GLN B 45 3.45 -10.83 40.96
C GLN B 45 3.06 -9.67 41.86
N ILE B 46 1.92 -9.03 41.58
CA ILE B 46 1.44 -7.95 42.41
C ILE B 46 0.95 -8.47 43.74
N VAL B 47 0.25 -9.61 43.70
CA VAL B 47 -0.37 -10.12 44.91
C VAL B 47 0.68 -10.70 45.85
N PHE B 48 1.74 -11.28 45.28
CA PHE B 48 2.86 -11.72 46.10
C PHE B 48 3.51 -10.55 46.82
N GLU B 49 3.67 -9.41 46.15
CA GLU B 49 4.33 -8.28 46.77
C GLU B 49 3.55 -7.71 47.94
N ILE B 50 2.22 -7.76 47.89
CA ILE B 50 1.44 -7.15 48.97
C ILE B 50 1.06 -8.14 50.07
N ILE B 51 0.77 -9.40 49.75
CA ILE B 51 0.32 -10.37 50.76
C ILE B 51 1.34 -11.49 50.98
N GLY B 52 2.48 -11.42 50.32
CA GLY B 52 3.62 -12.27 50.57
C GLY B 52 3.60 -13.69 50.02
N LYS B 53 2.57 -14.10 49.27
CA LYS B 53 2.62 -15.41 48.61
C LYS B 53 1.67 -15.43 47.42
N THR B 54 1.99 -16.32 46.48
CA THR B 54 1.31 -16.40 45.19
C THR B 54 0.16 -17.41 45.22
N PRO B 55 -1.10 -16.96 45.21
CA PRO B 55 -2.22 -17.91 45.11
C PRO B 55 -2.21 -18.65 43.79
N LYS B 56 -2.66 -19.90 43.82
CA LYS B 56 -2.81 -20.64 42.57
C LYS B 56 -4.13 -20.34 41.89
N ASN B 57 -5.15 -19.95 42.65
CA ASN B 57 -6.43 -19.54 42.08
C ASN B 57 -6.72 -18.11 42.52
N ILE B 58 -7.08 -17.27 41.56
CA ILE B 58 -7.29 -15.84 41.81
C ILE B 58 -8.74 -15.69 42.24
N ALA B 59 -8.96 -15.60 43.55
CA ALA B 59 -10.30 -15.51 44.12
C ALA B 59 -10.80 -14.08 43.96
N VAL B 60 -11.27 -13.77 42.75
CA VAL B 60 -11.75 -12.43 42.42
C VAL B 60 -13.05 -12.55 41.63
N PRO B 61 -13.87 -11.49 41.64
CA PRO B 61 -15.14 -11.55 40.93
C PRO B 61 -14.94 -11.47 39.44
N THR B 62 -16.02 -11.70 38.71
CA THR B 62 -16.01 -11.67 37.24
C THR B 62 -16.96 -10.57 36.80
N TYR B 63 -16.41 -9.41 36.43
CA TYR B 63 -17.18 -8.26 35.99
C TYR B 63 -16.91 -8.00 34.51
N ILE B 64 -17.68 -7.06 33.96
CA ILE B 64 -17.41 -6.49 32.64
C ILE B 64 -17.03 -5.02 32.82
N GLY B 65 -15.85 -4.66 32.34
CA GLY B 65 -15.44 -3.26 32.41
C GLY B 65 -16.19 -2.41 31.41
N ALA B 66 -16.59 -1.21 31.86
CA ALA B 66 -17.31 -0.28 31.00
C ALA B 66 -17.01 1.14 31.46
N TYR B 67 -16.75 2.01 30.50
CA TYR B 67 -16.44 3.41 30.77
C TYR B 67 -17.73 4.22 30.63
N GLU B 68 -18.38 4.49 31.73
CA GLU B 68 -19.61 5.30 31.74
C GLU B 68 -19.56 6.24 32.93
N PRO B 69 -19.26 7.52 32.71
CA PRO B 69 -19.12 8.46 33.83
C PRO B 69 -20.44 8.75 34.53
N SER B 70 -21.57 8.40 33.94
CA SER B 70 -22.88 8.65 34.52
C SER B 70 -23.32 7.56 35.50
N LYS B 71 -22.59 6.47 35.62
CA LYS B 71 -23.03 5.29 36.35
C LYS B 71 -22.19 5.05 37.59
N PRO B 72 -22.68 4.20 38.52
CA PRO B 72 -21.93 3.95 39.76
C PRO B 72 -20.61 3.23 39.50
N GLU B 73 -19.84 3.01 40.56
CA GLU B 73 -18.56 2.32 40.40
C GLU B 73 -18.78 0.86 40.02
N LYS B 74 -19.88 0.27 40.48
CA LYS B 74 -20.35 -1.01 39.98
C LYS B 74 -21.86 -0.92 39.83
N TRP B 75 -22.39 -1.71 38.90
CA TRP B 75 -23.83 -1.79 38.71
C TRP B 75 -24.13 -3.12 38.04
N GLU B 76 -25.41 -3.33 37.74
CA GLU B 76 -25.83 -4.51 37.02
C GLU B 76 -26.94 -4.12 36.07
N GLU B 77 -26.98 -4.82 34.95
CA GLU B 77 -27.96 -4.62 33.89
C GLU B 77 -28.22 -6.00 33.31
N GLU B 78 -29.50 -6.35 33.17
CA GLU B 78 -29.90 -7.75 32.98
C GLU B 78 -29.42 -8.48 34.25
N GLY B 79 -28.50 -9.44 34.12
CA GLY B 79 -27.96 -10.17 35.24
C GLY B 79 -26.47 -9.95 35.28
N ILE B 80 -25.96 -9.44 34.18
CA ILE B 80 -24.53 -9.23 34.00
C ILE B 80 -24.06 -8.11 34.90
N LYS B 81 -22.96 -8.34 35.62
CA LYS B 81 -22.43 -7.34 36.54
C LYS B 81 -21.33 -6.55 35.87
N TYR B 82 -21.32 -5.25 36.12
CA TYR B 82 -20.38 -4.33 35.50
C TYR B 82 -19.56 -3.64 36.58
N ILE B 83 -18.36 -3.24 36.20
CA ILE B 83 -17.52 -2.35 37.00
C ILE B 83 -17.13 -1.20 36.10
N ASN B 84 -17.00 -0.02 36.69
CA ASN B 84 -16.85 1.20 35.91
C ASN B 84 -15.37 1.50 35.76
N LEU B 85 -14.99 1.94 34.56
CA LEU B 85 -13.61 2.26 34.23
C LEU B 85 -13.32 3.75 34.21
N PHE B 86 -14.35 4.58 34.34
CA PHE B 86 -14.14 6.02 34.46
C PHE B 86 -13.73 6.34 35.88
N LYS B 87 -12.57 6.99 36.03
CA LYS B 87 -12.15 7.53 37.31
C LYS B 87 -11.66 8.94 37.03
N PRO B 88 -12.33 9.97 37.55
CA PRO B 88 -12.00 11.33 37.15
C PRO B 88 -10.64 11.74 37.64
N THR B 89 -10.00 12.63 36.88
CA THR B 89 -8.70 13.16 37.28
C THR B 89 -8.90 14.24 38.33
N PRO B 90 -7.85 14.55 39.12
CA PRO B 90 -7.97 15.58 40.16
C PRO B 90 -8.70 16.85 39.75
N LEU B 91 -8.31 17.47 38.64
CA LEU B 91 -8.87 18.76 38.28
C LEU B 91 -10.27 18.68 37.72
N MET B 92 -10.89 17.50 37.76
CA MET B 92 -12.32 17.36 37.54
C MET B 92 -13.10 17.33 38.86
N LYS B 93 -12.46 16.89 39.94
CA LYS B 93 -13.03 17.00 41.29
C LYS B 93 -12.42 18.24 41.95
N VAL B 94 -12.99 19.40 41.64
CA VAL B 94 -12.42 20.67 42.04
C VAL B 94 -13.53 21.69 42.27
N LYS B 95 -13.33 22.59 43.25
CA LYS B 95 -14.40 23.51 43.61
C LYS B 95 -14.49 24.65 42.60
N PRO B 96 -15.68 24.97 42.10
CA PRO B 96 -15.83 26.01 41.07
C PRO B 96 -15.40 27.39 41.54
N VAL B 97 -15.23 28.26 40.54
CA VAL B 97 -14.88 29.66 40.73
C VAL B 97 -15.65 30.47 39.69
N LYS B 98 -16.09 31.67 40.06
CA LYS B 98 -16.96 32.47 39.19
C LYS B 98 -16.22 33.17 38.06
N GLU B 99 -14.90 33.34 38.14
CA GLU B 99 -14.18 34.10 37.13
C GLU B 99 -12.87 33.41 36.78
N MET B 100 -12.47 33.54 35.53
CA MET B 100 -11.37 32.82 34.92
C MET B 100 -10.04 33.50 35.27
N PRO B 101 -8.97 32.74 35.46
CA PRO B 101 -7.66 33.38 35.65
C PRO B 101 -7.33 34.22 34.43
N GLU B 102 -6.71 35.38 34.67
CA GLU B 102 -6.67 36.38 33.61
C GLU B 102 -5.77 35.94 32.46
N ILE B 103 -4.61 35.36 32.77
CA ILE B 103 -3.69 35.01 31.69
C ILE B 103 -4.29 33.94 30.80
N VAL B 104 -5.17 33.10 31.35
CA VAL B 104 -5.94 32.19 30.50
C VAL B 104 -7.01 32.96 29.73
N LYS B 105 -7.52 34.03 30.32
CA LYS B 105 -8.55 34.82 29.66
C LYS B 105 -8.00 35.60 28.47
N ASN B 106 -6.72 36.01 28.52
CA ASN B 106 -6.20 36.73 27.36
C ASN B 106 -5.87 35.78 26.22
N LEU B 107 -5.59 34.52 26.53
CA LEU B 107 -5.35 33.54 25.47
C LEU B 107 -6.62 33.24 24.69
N LEU B 108 -7.72 32.96 25.41
CA LEU B 108 -8.98 32.68 24.73
C LEU B 108 -9.50 33.92 23.99
N LEU B 109 -9.39 35.09 24.60
CA LEU B 109 -9.70 36.32 23.88
C LEU B 109 -8.84 36.44 22.62
N ASN B 110 -7.56 36.11 22.74
CA ASN B 110 -6.67 36.17 21.59
C ASN B 110 -7.03 35.11 20.57
N LEU B 111 -7.36 33.90 21.02
CA LEU B 111 -7.77 32.85 20.11
C LEU B 111 -9.03 33.24 19.34
N PHE B 112 -10.03 33.77 20.04
CA PHE B 112 -11.31 34.12 19.45
C PHE B 112 -11.36 35.56 18.95
N ASP B 113 -10.26 36.30 19.02
CA ASP B 113 -10.17 37.68 18.54
C ASP B 113 -11.16 38.59 19.27
N TYR B 114 -11.16 38.47 20.60
CA TYR B 114 -12.00 39.27 21.49
C TYR B 114 -13.45 39.37 21.03
N ASP B 115 -13.99 38.30 20.46
CA ASP B 115 -15.43 38.21 20.23
C ASP B 115 -15.99 37.30 21.32
N ALA B 116 -17.01 37.78 22.03
CA ALA B 116 -17.51 37.08 23.20
C ALA B 116 -18.53 36.01 22.86
N LYS B 117 -19.36 36.24 21.85
CA LYS B 117 -20.41 35.27 21.53
C LYS B 117 -19.80 33.93 21.15
N SER B 118 -18.79 33.93 20.28
CA SER B 118 -18.19 32.66 19.87
C SER B 118 -17.29 32.09 20.96
N MET B 119 -16.56 32.94 21.68
CA MET B 119 -15.76 32.44 22.80
C MET B 119 -16.62 31.82 23.87
N GLY B 120 -17.73 32.46 24.20
CA GLY B 120 -18.66 31.90 25.18
C GLY B 120 -19.31 30.62 24.70
N LEU B 121 -19.56 30.52 23.39
CA LEU B 121 -20.16 29.30 22.85
C LEU B 121 -19.18 28.14 22.94
N PHE B 122 -17.89 28.41 22.79
CA PHE B 122 -16.88 27.36 22.93
C PHE B 122 -16.72 26.94 24.38
N ILE B 123 -16.73 27.91 25.31
CA ILE B 123 -16.62 27.60 26.72
C ILE B 123 -17.84 26.83 27.20
N ASN B 124 -19.02 27.20 26.71
CA ASN B 124 -20.21 26.41 26.98
C ASN B 124 -20.06 24.98 26.49
N TRP B 125 -19.44 24.81 25.32
CA TRP B 125 -19.14 23.48 24.81
C TRP B 125 -18.15 22.76 25.70
N LEU B 126 -17.06 23.43 26.08
CA LEU B 126 -16.07 22.83 26.97
C LEU B 126 -16.68 22.48 28.32
N ALA B 127 -17.40 23.44 28.92
CA ALA B 127 -17.99 23.21 30.24
C ALA B 127 -18.92 22.00 30.22
N PHE B 128 -19.73 21.86 29.18
CA PHE B 128 -20.61 20.70 29.06
C PHE B 128 -19.81 19.41 29.07
N ILE B 129 -18.70 19.37 28.33
CA ILE B 129 -17.83 18.20 28.34
C ILE B 129 -17.31 17.94 29.74
N TYR B 130 -16.99 19.01 30.47
CA TYR B 130 -16.40 18.88 31.80
C TYR B 130 -17.43 18.48 32.84
N GLN B 131 -18.64 19.06 32.79
CA GLN B 131 -19.65 18.78 33.81
C GLN B 131 -20.48 17.55 33.49
N TYR B 132 -20.96 17.43 32.24
CA TYR B 132 -21.90 16.37 31.89
C TYR B 132 -21.22 15.11 31.35
N LYS B 133 -20.03 15.23 30.77
CA LYS B 133 -19.24 14.10 30.29
C LYS B 133 -20.06 13.21 29.36
N GLU B 134 -20.48 13.80 28.24
CA GLU B 134 -21.16 13.09 27.16
C GLU B 134 -20.55 13.50 25.83
N ARG B 135 -21.01 12.84 24.77
CA ARG B 135 -20.63 13.21 23.43
C ARG B 135 -21.55 14.32 22.94
N THR B 136 -20.95 15.38 22.39
CA THR B 136 -21.75 16.52 21.97
C THR B 136 -22.24 16.39 20.54
N GLY B 137 -21.50 15.69 19.68
CA GLY B 137 -21.87 15.67 18.28
C GLY B 137 -21.50 16.92 17.53
N VAL B 138 -20.58 17.71 18.06
CA VAL B 138 -20.09 18.93 17.44
C VAL B 138 -18.59 19.02 17.66
N ALA B 139 -17.85 19.49 16.66
CA ALA B 139 -16.41 19.61 16.72
C ALA B 139 -15.99 21.03 16.41
N TRP B 140 -14.86 21.44 16.99
CA TRP B 140 -14.35 22.80 16.84
C TRP B 140 -13.06 22.75 16.05
N ILE B 141 -13.01 23.52 14.96
CA ILE B 141 -11.82 23.62 14.12
C ILE B 141 -11.19 24.98 14.40
N PHE B 142 -10.00 24.98 14.98
CA PHE B 142 -9.19 26.18 15.15
C PHE B 142 -8.18 26.23 14.03
N MET B 143 -8.11 27.37 13.34
CA MET B 143 -7.39 27.47 12.08
C MET B 143 -6.61 28.77 12.05
N GLY B 144 -5.95 29.02 10.93
CA GLY B 144 -5.34 30.30 10.63
C GLY B 144 -3.85 30.20 10.47
N LYS B 145 -3.11 30.86 11.37
CA LYS B 145 -1.65 30.86 11.35
C LYS B 145 -1.13 30.33 12.67
N GLN B 146 0.18 30.40 12.86
CA GLN B 146 0.87 29.68 13.92
C GLN B 146 1.37 30.62 15.00
N GLY B 147 1.45 30.08 16.22
CA GLY B 147 1.73 30.89 17.38
C GLY B 147 0.53 31.64 17.91
N THR B 148 -0.68 31.25 17.51
CA THR B 148 -1.90 31.95 17.94
C THR B 148 -2.45 31.42 19.26
N GLY B 149 -1.98 30.26 19.72
CA GLY B 149 -2.42 29.68 20.97
C GLY B 149 -3.19 28.38 20.83
N LYS B 150 -3.41 27.87 19.62
CA LYS B 150 -4.15 26.63 19.45
C LYS B 150 -3.43 25.46 20.09
N GLY B 151 -2.10 25.41 19.93
CA GLY B 151 -1.34 24.35 20.58
C GLY B 151 -1.34 24.46 22.09
N LEU B 152 -1.36 25.67 22.63
CA LEU B 152 -1.36 25.82 24.07
C LEU B 152 -2.72 25.49 24.67
N LEU B 153 -3.81 25.91 24.01
CA LEU B 153 -5.13 25.60 24.55
C LEU B 153 -5.34 24.10 24.68
N VAL B 154 -4.67 23.31 23.85
CA VAL B 154 -4.81 21.86 23.92
C VAL B 154 -3.93 21.28 25.01
N ASP B 155 -2.78 21.90 25.29
CA ASP B 155 -1.98 21.45 26.41
C ASP B 155 -2.57 21.94 27.73
N LEU B 156 -3.33 23.02 27.67
CA LEU B 156 -4.06 23.47 28.85
C LEU B 156 -5.18 22.50 29.20
N LEU B 157 -5.94 22.07 28.19
CA LEU B 157 -6.99 21.08 28.45
C LEU B 157 -6.42 19.72 28.78
N LYS B 158 -5.22 19.41 28.28
CA LYS B 158 -4.63 18.11 28.54
C LYS B 158 -4.19 17.97 29.99
N LYS B 159 -3.90 19.08 30.67
CA LYS B 159 -3.62 18.99 32.10
C LYS B 159 -4.89 18.83 32.92
N ILE B 160 -6.03 19.28 32.40
CA ILE B 160 -7.30 19.09 33.09
C ILE B 160 -7.79 17.66 32.93
N PHE B 161 -7.98 17.29 31.69
CA PHE B 161 -8.45 15.98 31.33
C PHE B 161 -7.49 14.85 31.47
N GLU B 162 -6.22 15.07 31.19
CA GLU B 162 -5.25 14.02 31.36
C GLU B 162 -5.56 12.80 30.55
N GLU B 163 -5.77 11.68 31.20
CA GLU B 163 -6.02 10.40 30.57
C GLU B 163 -7.27 10.33 29.75
N HIS B 164 -8.15 11.26 29.94
CA HIS B 164 -9.40 11.27 29.18
C HIS B 164 -9.32 12.09 27.91
N MET B 165 -8.12 12.56 27.54
CA MET B 165 -7.94 13.36 26.34
C MET B 165 -6.82 12.77 25.50
N SER B 166 -6.99 12.86 24.18
CA SER B 166 -5.97 12.47 23.22
C SER B 166 -5.37 13.74 22.62
N SER B 167 -4.06 13.87 22.72
CA SER B 167 -3.37 15.10 22.36
C SER B 167 -2.51 14.86 21.12
N ASN B 168 -2.67 15.73 20.12
CA ASN B 168 -1.83 15.74 18.94
C ASN B 168 -1.86 14.40 18.19
N ILE B 169 -3.06 13.93 17.91
CA ILE B 169 -3.23 12.76 17.05
C ILE B 169 -3.04 13.20 15.61
N THR B 170 -2.08 12.59 14.93
CA THR B 170 -1.72 12.94 13.56
C THR B 170 -1.90 11.72 12.67
N ASP B 171 -1.60 11.89 11.37
CA ASP B 171 -1.77 10.81 10.41
C ASP B 171 -0.97 9.56 10.78
N ALA B 172 0.06 9.71 11.61
CA ALA B 172 0.84 8.54 12.03
C ALA B 172 0.01 7.60 12.89
N ASN B 173 -0.84 8.14 13.77
CA ASN B 173 -1.66 7.28 14.61
C ASN B 173 -2.84 6.70 13.86
N LEU B 174 -3.37 7.43 12.87
CA LEU B 174 -4.46 6.90 12.07
C LEU B 174 -3.99 5.74 11.19
N ASP B 175 -2.78 5.84 10.65
CA ASP B 175 -2.25 4.75 9.83
C ASP B 175 -2.03 3.49 10.64
N SER B 176 -1.86 3.62 11.96
CA SER B 176 -1.71 2.47 12.83
C SER B 176 -2.96 1.60 12.81
N GLN B 177 -2.75 0.29 12.96
CA GLN B 177 -3.86 -0.65 13.06
C GLN B 177 -4.60 -0.52 14.38
N PHE B 178 -4.11 0.28 15.31
CA PHE B 178 -4.69 0.39 16.64
C PHE B 178 -5.45 1.70 16.80
N ASN B 179 -6.36 1.69 17.78
CA ASN B 179 -7.29 2.79 18.03
C ASN B 179 -7.17 3.43 19.42
N PRO B 180 -6.05 3.35 20.13
CA PRO B 180 -6.08 3.74 21.56
C PRO B 180 -6.50 5.18 21.78
N TYR B 181 -6.28 6.07 20.81
CA TYR B 181 -6.64 7.47 20.97
C TYR B 181 -8.13 7.71 21.02
N LEU B 182 -8.96 6.70 20.77
CA LEU B 182 -10.41 6.81 20.91
C LEU B 182 -10.97 6.01 22.07
N TYR B 183 -10.13 5.26 22.78
CA TYR B 183 -10.61 4.38 23.84
C TYR B 183 -10.80 5.19 25.11
N ASN B 184 -12.06 5.32 25.54
CA ASN B 184 -12.42 5.97 26.80
C ASN B 184 -11.84 7.39 26.87
N LYS B 185 -12.21 8.19 25.88
CA LYS B 185 -11.73 9.56 25.77
C LYS B 185 -12.90 10.52 25.73
N LEU B 186 -12.78 11.62 26.46
CA LEU B 186 -13.77 12.70 26.40
C LEU B 186 -13.40 13.77 25.39
N ILE B 187 -12.12 13.98 25.12
CA ILE B 187 -11.66 14.93 24.13
C ILE B 187 -10.61 14.25 23.27
N VAL B 188 -10.69 14.46 21.96
CA VAL B 188 -9.71 13.91 21.02
C VAL B 188 -9.25 15.05 20.12
N HIS B 189 -7.97 15.38 20.19
CA HIS B 189 -7.40 16.48 19.42
C HIS B 189 -6.60 15.92 18.24
N LEU B 190 -6.90 16.42 17.03
CA LEU B 190 -6.17 16.05 15.82
C LEU B 190 -5.46 17.27 15.28
N ASN B 191 -4.20 17.09 14.86
CA ASN B 191 -3.33 18.18 14.39
C ASN B 191 -3.16 18.06 12.88
N GLU B 192 -3.77 18.99 12.14
CA GLU B 192 -3.64 19.16 10.68
C GLU B 192 -4.54 18.17 9.96
N VAL B 204 -10.03 11.05 4.98
CA VAL B 204 -10.43 11.01 6.38
C VAL B 204 -11.44 12.14 6.64
N LYS B 205 -12.11 12.55 5.56
CA LYS B 205 -13.22 13.48 5.68
C LYS B 205 -14.46 12.79 6.23
N ASN B 206 -14.67 11.54 5.80
CA ASN B 206 -15.85 10.79 6.23
C ASN B 206 -15.58 9.92 7.44
N ARG B 207 -14.36 9.42 7.63
CA ARG B 207 -14.05 8.74 8.88
C ARG B 207 -14.20 9.68 10.07
N LEU B 208 -13.90 10.97 9.88
CA LEU B 208 -13.98 11.93 10.97
C LEU B 208 -15.40 12.46 11.17
N LYS B 209 -16.11 12.75 10.08
CA LYS B 209 -17.49 13.20 10.22
C LYS B 209 -18.39 12.15 10.85
N THR B 210 -17.99 10.88 10.80
CA THR B 210 -18.76 9.81 11.43
C THR B 210 -18.43 9.67 12.91
N TRP B 211 -17.14 9.79 13.27
CA TRP B 211 -16.73 9.66 14.67
C TRP B 211 -17.44 10.66 15.57
N ILE B 212 -17.78 11.84 15.05
CA ILE B 212 -18.37 12.87 15.88
C ILE B 212 -19.75 12.45 16.39
N THR B 213 -20.49 11.65 15.62
CA THR B 213 -21.87 11.32 15.97
C THR B 213 -22.10 9.82 16.22
N ASP B 214 -21.05 9.03 16.34
CA ASP B 214 -21.20 7.60 16.63
C ASP B 214 -21.30 7.36 18.13
N GLU B 215 -22.11 6.36 18.52
CA GLU B 215 -22.08 5.87 19.89
C GLU B 215 -21.08 4.75 20.08
N THR B 216 -20.75 4.03 19.02
CA THR B 216 -19.97 2.82 19.10
C THR B 216 -18.79 2.91 18.15
N LEU B 217 -17.61 2.63 18.67
CA LEU B 217 -16.41 2.45 17.88
C LEU B 217 -15.80 1.09 18.20
N TYR B 218 -15.13 0.50 17.22
CA TYR B 218 -14.43 -0.76 17.41
C TYR B 218 -13.00 -0.43 17.84
N ILE B 219 -12.67 -0.70 19.10
CA ILE B 219 -11.38 -0.33 19.64
C ILE B 219 -10.45 -1.54 19.57
N ASN B 220 -9.38 -1.38 18.79
CA ASN B 220 -8.32 -2.37 18.66
C ASN B 220 -7.06 -1.76 19.24
N ARG B 221 -6.51 -2.42 20.26
CA ARG B 221 -5.29 -1.98 20.91
C ARG B 221 -4.33 -3.16 20.94
N LYS B 222 -3.05 -2.88 21.14
CA LYS B 222 -2.01 -3.81 20.70
C LYS B 222 -2.19 -5.24 21.21
N ASN B 223 -2.09 -5.46 22.50
CA ASN B 223 -2.26 -6.82 23.04
C ASN B 223 -3.58 -6.95 23.79
N MET B 224 -4.63 -6.48 23.15
CA MET B 224 -5.99 -6.59 23.66
C MET B 224 -6.92 -6.94 22.51
N LYS B 225 -8.07 -7.49 22.85
CA LYS B 225 -9.02 -7.93 21.85
C LYS B 225 -9.69 -6.73 21.20
N GLU B 226 -10.13 -6.89 19.96
CA GLU B 226 -10.82 -5.80 19.29
C GLU B 226 -12.29 -5.87 19.71
N VAL B 227 -12.76 -4.79 20.31
CA VAL B 227 -13.98 -4.80 21.12
C VAL B 227 -14.71 -3.49 20.87
N GLU B 228 -16.04 -3.55 20.89
CA GLU B 228 -16.89 -2.41 20.60
C GLU B 228 -17.30 -1.75 21.91
N ILE B 229 -16.95 -0.47 22.05
CA ILE B 229 -17.18 0.27 23.29
C ILE B 229 -18.00 1.51 22.95
N LYS B 230 -18.52 2.15 23.98
CA LYS B 230 -19.31 3.35 23.77
C LYS B 230 -18.41 4.57 23.55
N ASN B 231 -18.90 5.50 22.75
CA ASN B 231 -18.08 6.60 22.24
C ASN B 231 -18.41 7.87 22.99
N PHE B 232 -17.40 8.48 23.61
CA PHE B 232 -17.55 9.73 24.34
C PHE B 232 -16.68 10.83 23.77
N CYS B 233 -16.17 10.68 22.55
CA CYS B 233 -15.17 11.62 22.05
C CYS B 233 -15.83 12.89 21.55
N ASN B 234 -15.24 14.02 21.94
CA ASN B 234 -15.53 15.32 21.35
C ASN B 234 -14.23 15.81 20.72
N PHE B 235 -14.30 16.31 19.50
CA PHE B 235 -13.11 16.54 18.70
C PHE B 235 -12.76 18.01 18.61
N ILE B 236 -11.50 18.33 18.89
CA ILE B 236 -10.91 19.63 18.62
C ILE B 236 -9.90 19.43 17.50
N ILE B 237 -9.92 20.33 16.53
CA ILE B 237 -9.15 20.17 15.30
C ILE B 237 -8.31 21.42 15.07
N ASN B 238 -6.99 21.28 15.05
CA ASN B 238 -6.13 22.35 14.62
C ASN B 238 -5.64 22.05 13.21
N SER B 239 -5.52 23.11 12.41
CA SER B 239 -5.09 23.02 11.04
C SER B 239 -4.58 24.40 10.64
N ASN B 240 -3.46 24.44 9.94
CA ASN B 240 -2.93 25.70 9.43
C ASN B 240 -3.07 25.78 7.92
N GLU B 241 -3.88 24.91 7.33
CA GLU B 241 -4.19 24.99 5.91
C GLU B 241 -5.45 25.83 5.73
N THR B 242 -5.60 26.38 4.53
CA THR B 242 -6.68 27.33 4.29
C THR B 242 -8.02 26.62 4.25
N ILE B 243 -8.06 25.44 3.65
CA ILE B 243 -9.27 24.61 3.60
C ILE B 243 -8.97 23.31 4.32
N PRO B 244 -9.25 23.20 5.62
CA PRO B 244 -8.85 22.00 6.37
C PRO B 244 -9.74 20.81 6.09
N VAL B 245 -11.04 21.05 5.93
CA VAL B 245 -12.00 19.99 5.69
C VAL B 245 -13.03 20.46 4.67
N ASP B 246 -13.70 19.50 4.07
CA ASP B 246 -14.83 19.77 3.19
C ASP B 246 -16.09 19.87 4.03
N ILE B 247 -16.77 21.00 3.96
CA ILE B 247 -17.99 21.21 4.74
C ILE B 247 -19.14 21.47 3.79
N GLU B 248 -20.20 20.68 3.93
CA GLU B 248 -21.40 20.93 3.17
C GLU B 248 -22.20 22.02 3.88
N ASP B 249 -23.05 22.71 3.12
CA ASP B 249 -23.70 23.89 3.68
C ASP B 249 -24.74 23.52 4.72
N SER B 250 -25.31 22.31 4.64
CA SER B 250 -26.27 21.84 5.63
C SER B 250 -25.61 21.21 6.84
N ASP B 251 -24.34 21.54 7.09
CA ASP B 251 -23.56 20.83 8.09
C ASP B 251 -24.05 21.15 9.50
N ARG B 252 -23.94 20.16 10.39
CA ARG B 252 -24.36 20.32 11.77
C ARG B 252 -23.31 19.82 12.75
N ARG B 253 -22.05 19.69 12.31
CA ARG B 253 -21.01 19.10 13.14
C ARG B 253 -19.81 20.00 13.42
N PHE B 254 -19.62 21.09 12.69
CA PHE B 254 -18.38 21.84 12.76
C PHE B 254 -18.62 23.30 13.11
N ASN B 255 -17.82 23.80 14.05
CA ASN B 255 -17.64 25.23 14.29
C ASN B 255 -16.22 25.60 13.89
N VAL B 256 -16.08 26.71 13.16
CA VAL B 256 -14.80 27.09 12.58
C VAL B 256 -14.40 28.45 13.13
N ILE B 257 -13.18 28.55 13.64
CA ILE B 257 -12.59 29.79 14.14
C ILE B 257 -11.20 29.93 13.54
N GLU B 258 -10.99 31.01 12.80
CA GLU B 258 -9.68 31.34 12.24
C GLU B 258 -9.07 32.47 13.06
N CYS B 259 -7.86 32.24 13.56
CA CYS B 259 -7.16 33.21 14.39
C CYS B 259 -5.84 33.59 13.75
N ASN B 260 -5.64 34.90 13.56
CA ASN B 260 -4.41 35.44 12.98
C ASN B 260 -3.71 36.42 13.92
N ASN B 261 -3.88 36.27 15.22
CA ASN B 261 -3.16 37.09 16.19
C ASN B 261 -2.09 36.22 16.82
N VAL B 262 -0.84 36.50 16.49
CA VAL B 262 0.28 35.70 16.96
C VAL B 262 0.59 36.13 18.39
N LEU B 263 0.91 35.17 19.25
CA LEU B 263 1.00 35.49 20.66
C LEU B 263 2.26 36.30 20.96
N LYS B 264 3.31 36.16 20.17
CA LYS B 264 4.50 36.96 20.39
C LYS B 264 4.27 38.43 20.11
N GLU B 265 3.27 38.77 19.27
CA GLU B 265 3.08 40.16 18.87
C GLU B 265 2.19 40.95 19.83
N GLN B 266 1.72 40.35 20.90
CA GLN B 266 0.80 41.02 21.80
C GLN B 266 1.53 41.57 23.02
N GLU B 267 1.04 42.71 23.51
CA GLU B 267 1.70 43.42 24.59
C GLU B 267 1.90 42.51 25.80
N TRP B 268 0.85 41.79 26.20
CA TRP B 268 0.82 41.07 27.46
C TRP B 268 1.64 39.79 27.44
N TRP B 269 2.31 39.47 26.34
CA TRP B 269 3.02 38.21 26.22
C TRP B 269 4.44 38.34 26.74
N THR B 270 4.90 37.30 27.42
CA THR B 270 6.29 37.17 27.84
C THR B 270 6.77 35.77 27.51
N THR B 271 8.07 35.53 27.71
CA THR B 271 8.59 34.18 27.59
C THR B 271 7.90 33.25 28.58
N GLU B 272 7.78 33.68 29.83
CA GLU B 272 7.21 32.84 30.87
C GLU B 272 5.70 32.70 30.77
N SER B 273 5.04 33.48 29.91
CA SER B 273 3.59 33.39 29.79
C SER B 273 3.14 32.04 29.27
N TYR B 274 3.95 31.38 28.42
CA TYR B 274 3.54 30.07 27.91
C TYR B 274 3.31 29.07 29.03
N GLN B 275 4.26 28.94 29.96
CA GLN B 275 4.07 27.99 31.04
C GLN B 275 3.33 28.60 32.23
N GLU B 276 3.22 29.93 32.31
CA GLU B 276 2.33 30.49 33.33
C GLU B 276 0.89 30.10 33.04
N ILE B 277 0.48 30.15 31.76
CA ILE B 277 -0.84 29.65 31.39
C ILE B 277 -0.96 28.18 31.75
N LEU B 278 0.13 27.43 31.63
CA LEU B 278 0.08 26.00 31.90
C LEU B 278 -0.06 25.71 33.39
N ASN B 279 0.64 26.46 34.25
CA ASN B 279 0.47 26.30 35.69
C ASN B 279 -0.82 26.93 36.20
N ASN B 280 -1.70 27.35 35.29
CA ASN B 280 -3.04 27.82 35.64
C ASN B 280 -4.12 26.86 35.17
N ALA B 281 -3.76 25.60 34.93
CA ALA B 281 -4.76 24.62 34.50
C ALA B 281 -5.83 24.44 35.56
N GLU B 282 -5.45 24.42 36.84
CA GLU B 282 -6.42 24.28 37.91
C GLU B 282 -7.40 25.45 37.92
N GLY B 283 -6.88 26.68 37.80
CA GLY B 283 -7.76 27.84 37.79
C GLY B 283 -8.74 27.81 36.64
N PHE B 284 -8.29 27.33 35.48
CA PHE B 284 -9.17 27.21 34.34
C PHE B 284 -10.21 26.12 34.56
N ALA B 285 -9.81 25.00 35.17
CA ALA B 285 -10.74 23.93 35.48
C ALA B 285 -11.83 24.40 36.43
N LYS B 286 -11.47 25.15 37.48
CA LYS B 286 -12.47 25.63 38.41
C LYS B 286 -13.48 26.55 37.74
N TYR B 287 -13.04 27.29 36.72
CA TYR B 287 -13.94 28.17 35.99
C TYR B 287 -14.99 27.35 35.24
N LEU B 288 -14.54 26.31 34.53
CA LEU B 288 -15.48 25.46 33.80
C LEU B 288 -16.47 24.78 34.74
N ALA B 289 -15.99 24.31 35.90
CA ALA B 289 -16.87 23.69 36.87
C ALA B 289 -17.99 24.61 37.29
N GLY B 290 -17.79 25.92 37.21
CA GLY B 290 -18.73 26.92 37.66
C GLY B 290 -19.57 27.57 36.59
N ILE B 291 -19.33 27.27 35.31
CA ILE B 291 -20.15 27.81 34.24
C ILE B 291 -21.57 27.29 34.37
N LYS B 292 -22.55 28.18 34.12
CA LYS B 292 -23.92 27.73 33.92
C LYS B 292 -24.05 27.30 32.47
N VAL B 293 -24.14 26.00 32.24
CA VAL B 293 -24.20 25.49 30.89
C VAL B 293 -25.60 25.65 30.35
N ASP B 294 -25.70 26.07 29.08
CA ASP B 294 -26.95 26.11 28.35
C ASP B 294 -26.89 24.96 27.35
N ARG B 295 -27.70 23.92 27.58
CA ARG B 295 -27.52 22.72 26.78
C ARG B 295 -28.19 22.82 25.41
N SER B 296 -29.09 23.78 25.22
CA SER B 296 -29.62 24.00 23.88
C SER B 296 -28.55 24.54 22.93
N LYS B 297 -27.42 25.03 23.48
CA LYS B 297 -26.34 25.60 22.70
C LYS B 297 -25.08 24.74 22.74
N VAL B 298 -25.20 23.48 23.17
CA VAL B 298 -24.04 22.60 23.14
C VAL B 298 -23.84 22.03 21.75
N ASN B 299 -24.91 21.58 21.11
CA ASN B 299 -24.83 21.12 19.74
C ASN B 299 -25.17 22.22 18.74
N GLU B 300 -25.05 23.49 19.12
CA GLU B 300 -25.26 24.56 18.17
C GLU B 300 -23.99 24.81 17.37
N VAL B 301 -24.15 24.89 16.05
CA VAL B 301 -23.08 25.36 15.18
C VAL B 301 -23.54 26.66 14.54
N VAL B 302 -22.58 27.55 14.31
CA VAL B 302 -22.85 28.84 13.70
C VAL B 302 -22.07 28.92 12.40
N MET B 303 -22.65 29.62 11.42
CA MET B 303 -22.06 29.72 10.10
C MET B 303 -21.23 31.01 10.08
N SER B 304 -20.04 30.91 10.65
CA SER B 304 -19.10 32.02 10.63
C SER B 304 -18.66 32.30 9.19
N GLU B 305 -18.18 33.52 8.97
CA GLU B 305 -17.75 33.89 7.63
C GLU B 305 -16.57 33.06 7.17
N LYS B 306 -15.86 32.42 8.10
CA LYS B 306 -14.85 31.46 7.67
C LYS B 306 -15.46 30.13 7.28
N LYS B 307 -16.48 29.68 8.00
CA LYS B 307 -17.16 28.46 7.61
C LYS B 307 -17.85 28.61 6.26
N LYS B 308 -18.51 29.75 6.04
CA LYS B 308 -19.14 29.98 4.75
C LYS B 308 -18.11 30.05 3.64
N ALA B 309 -16.89 30.50 3.94
CA ALA B 309 -15.82 30.44 2.96
C ALA B 309 -15.46 29.01 2.61
N ILE B 310 -15.28 28.18 3.65
CA ILE B 310 -14.99 26.76 3.43
C ILE B 310 -16.10 26.10 2.63
N VAL B 311 -17.35 26.49 2.90
CA VAL B 311 -18.48 25.84 2.25
C VAL B 311 -18.48 26.13 0.75
N GLU B 312 -18.33 27.41 0.37
CA GLU B 312 -18.50 27.77 -1.03
C GLU B 312 -17.24 27.56 -1.88
N THR B 313 -16.09 27.32 -1.27
CA THR B 313 -14.95 26.83 -2.05
C THR B 313 -15.07 25.33 -2.30
N THR B 314 -15.76 24.62 -1.41
CA THR B 314 -15.83 23.16 -1.45
C THR B 314 -16.93 22.67 -2.38
N GLU B 315 -18.02 23.42 -2.47
CA GLU B 315 -19.19 22.98 -3.21
C GLU B 315 -18.92 22.98 -4.70
N SER B 316 -19.41 21.95 -5.39
CA SER B 316 -19.09 21.78 -6.80
C SER B 316 -19.66 22.93 -7.62
N VAL B 317 -18.94 23.31 -8.68
CA VAL B 317 -19.45 24.34 -9.57
C VAL B 317 -20.66 23.84 -10.33
N LEU B 318 -20.67 22.54 -10.66
CA LEU B 318 -21.80 21.98 -11.38
C LEU B 318 -23.05 21.95 -10.53
N LYS B 319 -22.91 21.80 -9.22
CA LYS B 319 -24.08 21.89 -8.35
C LYS B 319 -24.60 23.33 -8.27
N GLN B 320 -23.70 24.32 -8.23
CA GLN B 320 -24.15 25.71 -8.17
C GLN B 320 -24.82 26.15 -9.47
N ILE B 321 -24.29 25.71 -10.62
CA ILE B 321 -24.97 25.95 -11.88
C ILE B 321 -26.36 25.32 -11.84
N ALA B 322 -26.43 24.04 -11.44
CA ALA B 322 -27.69 23.33 -11.42
C ALA B 322 -28.70 24.01 -10.52
N LYS B 323 -28.24 24.58 -9.41
CA LYS B 323 -29.14 25.23 -8.47
C LYS B 323 -29.52 26.64 -8.92
N ALA B 324 -28.59 27.36 -9.58
CA ALA B 324 -28.95 28.61 -10.23
C ALA B 324 -30.01 28.39 -11.29
N LEU B 325 -29.80 27.39 -12.15
CA LEU B 325 -30.83 26.99 -13.12
C LEU B 325 -32.15 26.72 -12.43
N THR B 326 -32.11 26.08 -11.26
CA THR B 326 -33.32 25.68 -10.57
C THR B 326 -34.13 26.89 -10.09
N ASP B 327 -33.48 27.84 -9.43
CA ASP B 327 -34.16 29.01 -8.89
C ASP B 327 -34.26 30.17 -9.89
N ARG B 328 -33.86 29.97 -11.15
CA ARG B 328 -33.84 31.04 -12.16
C ARG B 328 -33.10 32.28 -11.67
N ASP B 329 -31.96 32.08 -11.00
CA ASP B 329 -31.28 33.23 -10.41
C ASP B 329 -30.34 33.72 -11.51
N ILE B 330 -30.85 34.64 -12.33
CA ILE B 330 -30.03 35.23 -13.39
C ILE B 330 -28.83 35.97 -12.79
N GLU B 331 -28.97 36.48 -11.57
CA GLU B 331 -27.91 37.30 -11.01
C GLU B 331 -26.75 36.45 -10.50
N TRP B 332 -26.99 35.18 -10.16
CA TRP B 332 -25.87 34.29 -9.90
C TRP B 332 -25.00 34.16 -11.13
N PHE B 333 -25.62 33.99 -12.30
CA PHE B 333 -24.86 33.86 -13.54
C PHE B 333 -24.07 35.14 -13.82
N LEU B 334 -24.68 36.30 -13.59
CA LEU B 334 -23.99 37.56 -13.83
C LEU B 334 -22.97 37.85 -12.75
N ASP B 335 -23.22 37.38 -11.53
CA ASP B 335 -22.20 37.46 -10.50
C ASP B 335 -20.97 36.66 -10.90
N ASN B 336 -21.15 35.57 -11.66
CA ASN B 336 -20.06 34.75 -12.15
C ASN B 336 -19.67 35.07 -13.58
N GLY B 337 -19.98 36.28 -14.05
CA GLY B 337 -19.40 36.76 -15.29
C GLY B 337 -20.06 36.29 -16.57
N LEU B 338 -21.37 36.04 -16.53
CA LEU B 338 -22.05 35.58 -17.73
C LEU B 338 -22.07 36.66 -18.81
N GLU B 339 -22.03 37.94 -18.40
CA GLU B 339 -22.12 39.03 -19.36
C GLU B 339 -20.90 39.11 -20.25
N GLY B 340 -19.81 38.45 -19.90
CA GLY B 340 -18.66 38.37 -20.78
C GLY B 340 -19.02 37.81 -22.14
N VAL B 341 -20.08 37.01 -22.19
CA VAL B 341 -20.64 36.50 -23.43
C VAL B 341 -20.96 37.63 -24.39
N VAL B 342 -21.27 38.82 -23.87
CA VAL B 342 -21.59 39.96 -24.71
C VAL B 342 -20.35 40.75 -25.13
N GLU B 343 -19.32 40.82 -24.29
CA GLU B 343 -18.17 41.65 -24.64
C GLU B 343 -17.27 40.99 -25.68
N LYS B 344 -17.24 39.66 -25.76
CA LYS B 344 -16.57 38.97 -26.85
C LYS B 344 -17.52 38.68 -28.02
N ASN B 345 -18.72 39.25 -27.99
CA ASN B 345 -19.72 39.10 -29.04
C ASN B 345 -19.90 37.64 -29.44
N ILE B 346 -20.02 36.77 -28.44
CA ILE B 346 -20.53 35.42 -28.70
C ILE B 346 -22.01 35.50 -29.02
N VAL B 347 -22.65 36.58 -28.59
CA VAL B 347 -24.09 36.73 -28.68
C VAL B 347 -24.37 38.17 -29.05
N ASN B 348 -25.41 38.34 -29.85
CA ASN B 348 -26.02 39.59 -30.27
C ASN B 348 -26.51 40.44 -29.10
N ASP B 349 -27.13 41.57 -29.40
CA ASP B 349 -27.90 42.28 -28.37
C ASP B 349 -29.29 41.69 -28.13
N PHE B 350 -29.83 40.91 -29.07
CA PHE B 350 -31.21 40.43 -28.99
C PHE B 350 -31.32 39.14 -28.17
N GLN B 351 -30.60 38.10 -28.60
CA GLN B 351 -30.56 36.83 -27.85
C GLN B 351 -29.93 37.03 -26.47
N TRP B 352 -29.14 38.09 -26.27
CA TRP B 352 -28.67 38.37 -24.94
C TRP B 352 -29.84 38.66 -24.01
N GLU B 353 -30.97 39.07 -24.57
CA GLU B 353 -32.19 39.22 -23.79
C GLU B 353 -33.01 37.93 -23.77
N GLU B 354 -32.92 37.11 -24.82
CA GLU B 354 -33.53 35.79 -24.74
C GLU B 354 -32.75 34.88 -23.81
N LEU B 355 -31.42 35.01 -23.82
CA LEU B 355 -30.59 34.15 -22.98
C LEU B 355 -30.89 34.37 -21.51
N GLN B 356 -31.15 35.62 -21.10
CA GLN B 356 -31.43 35.83 -19.68
C GLN B 356 -32.84 35.35 -19.31
N GLU B 357 -33.86 35.72 -20.07
CA GLU B 357 -35.19 35.29 -19.68
C GLU B 357 -35.42 33.81 -19.96
N ALA B 358 -34.62 33.21 -20.86
CA ALA B 358 -34.56 31.75 -20.91
C ALA B 358 -34.15 31.20 -19.55
N ILE B 359 -33.19 31.86 -18.90
CA ILE B 359 -32.81 31.47 -17.55
C ILE B 359 -33.93 31.83 -16.58
N THR B 360 -34.44 33.05 -16.69
CA THR B 360 -35.46 33.54 -15.76
C THR B 360 -36.78 32.79 -15.92
N THR B 361 -37.16 32.43 -17.15
CA THR B 361 -38.38 31.65 -17.32
C THR B 361 -38.19 30.19 -16.95
N GLY B 362 -36.95 29.69 -16.95
CA GLY B 362 -36.73 28.29 -16.73
C GLY B 362 -36.98 27.43 -17.96
N VAL B 363 -36.79 28.01 -19.14
CA VAL B 363 -36.94 27.31 -20.41
C VAL B 363 -35.77 27.72 -21.29
N ILE B 364 -34.77 26.86 -21.38
CA ILE B 364 -33.48 27.23 -21.96
C ILE B 364 -33.24 26.42 -23.23
N PRO B 365 -33.21 27.04 -24.40
CA PRO B 365 -32.86 26.30 -25.62
C PRO B 365 -31.45 25.71 -25.53
N ASN B 366 -31.28 24.52 -26.11
CA ASN B 366 -29.96 23.90 -26.17
C ASN B 366 -28.91 24.90 -26.68
N LYS B 367 -29.31 25.74 -27.64
CA LYS B 367 -28.42 26.75 -28.18
C LYS B 367 -27.83 27.64 -27.09
N TYR B 368 -28.68 28.12 -26.17
CA TYR B 368 -28.19 29.00 -25.12
C TYR B 368 -27.61 28.22 -23.94
N LEU B 369 -28.08 26.99 -23.71
CA LEU B 369 -27.54 26.19 -22.62
C LEU B 369 -26.04 25.98 -22.79
N MET B 370 -25.59 25.69 -24.02
CA MET B 370 -24.15 25.53 -24.23
C MET B 370 -23.40 26.85 -24.11
N ILE B 371 -24.01 27.95 -24.51
CA ILE B 371 -23.35 29.24 -24.37
C ILE B 371 -23.16 29.58 -22.90
N ILE B 372 -24.18 29.34 -22.08
CA ILE B 372 -24.10 29.67 -20.66
C ILE B 372 -23.04 28.80 -19.98
N VAL B 373 -23.10 27.48 -20.18
CA VAL B 373 -22.19 26.58 -19.48
C VAL B 373 -20.76 26.80 -19.94
N GLU B 374 -20.56 27.07 -21.24
CA GLU B 374 -19.20 27.31 -21.73
C GLU B 374 -18.61 28.58 -21.15
N GLN B 375 -19.44 29.57 -20.83
CA GLN B 375 -18.89 30.80 -20.29
C GLN B 375 -18.64 30.71 -18.79
N ILE B 376 -19.41 29.90 -18.06
CA ILE B 376 -19.14 29.71 -16.64
C ILE B 376 -17.92 28.80 -16.45
N LEU B 377 -17.90 27.64 -17.13
CA LEU B 377 -16.85 26.67 -16.90
C LEU B 377 -15.55 27.01 -17.62
N GLY B 378 -15.63 27.72 -18.74
CA GLY B 378 -14.44 28.14 -19.46
C GLY B 378 -13.91 27.15 -20.48
N ASP B 379 -14.69 26.14 -20.83
CA ASP B 379 -14.42 25.30 -21.99
C ASP B 379 -15.76 24.93 -22.60
N SER B 380 -15.75 24.68 -23.91
CA SER B 380 -16.99 24.30 -24.57
C SER B 380 -17.40 22.90 -24.13
N LYS B 381 -18.63 22.76 -23.64
CA LYS B 381 -19.20 21.48 -23.27
C LYS B 381 -20.37 21.12 -24.17
N THR B 382 -20.53 19.84 -24.39
CA THR B 382 -21.60 19.31 -25.23
C THR B 382 -22.88 19.19 -24.43
N ILE B 383 -23.99 19.04 -25.15
CA ILE B 383 -25.28 18.82 -24.49
C ILE B 383 -25.25 17.52 -23.69
N THR B 384 -24.64 16.48 -24.24
CA THR B 384 -24.54 15.22 -23.52
C THR B 384 -23.78 15.39 -22.22
N TRP B 385 -22.71 16.18 -22.22
CA TRP B 385 -21.97 16.42 -20.99
C TRP B 385 -22.78 17.25 -20.01
N ILE B 386 -23.47 18.29 -20.51
CA ILE B 386 -24.25 19.15 -19.62
C ILE B 386 -25.36 18.35 -18.94
N LYS B 387 -26.01 17.46 -19.69
CA LYS B 387 -27.07 16.67 -19.07
C LYS B 387 -26.50 15.67 -18.08
N ARG B 388 -25.37 15.03 -18.41
CA ARG B 388 -24.81 13.99 -17.55
C ARG B 388 -24.05 14.52 -16.34
N ASN B 389 -23.71 15.81 -16.30
CA ASN B 389 -23.02 16.38 -15.14
C ASN B 389 -23.73 17.52 -14.46
N ILE B 390 -24.77 18.09 -15.06
CA ILE B 390 -25.45 19.23 -14.44
C ILE B 390 -26.95 18.96 -14.35
N ILE B 391 -27.54 18.55 -15.46
CA ILE B 391 -29.00 18.48 -15.53
C ILE B 391 -29.54 17.27 -14.77
N THR B 392 -29.23 16.06 -15.25
CA THR B 392 -29.85 14.89 -14.63
C THR B 392 -29.46 14.66 -13.17
N PRO B 393 -28.18 14.74 -12.75
CA PRO B 393 -27.87 14.33 -11.38
C PRO B 393 -28.49 15.23 -10.33
N TYR B 394 -28.63 16.52 -10.62
CA TYR B 394 -29.25 17.45 -9.68
C TYR B 394 -30.71 17.71 -10.00
N GLN B 395 -31.28 16.93 -10.92
CA GLN B 395 -32.71 16.97 -11.25
C GLN B 395 -33.18 18.41 -11.51
N VAL B 396 -32.52 19.04 -12.48
CA VAL B 396 -32.88 20.40 -12.87
C VAL B 396 -34.16 20.42 -13.69
N GLY B 397 -34.38 19.42 -14.53
CA GLY B 397 -35.55 19.39 -15.37
C GLY B 397 -35.39 18.38 -16.49
N GLU B 398 -36.32 18.47 -17.45
CA GLU B 398 -36.40 17.53 -18.56
C GLU B 398 -36.10 18.24 -19.86
N THR B 399 -35.23 17.66 -20.68
CA THR B 399 -35.01 18.15 -22.03
C THR B 399 -36.12 17.61 -22.93
N THR B 400 -36.70 18.51 -23.72
CA THR B 400 -37.91 18.20 -24.47
C THR B 400 -38.06 19.23 -25.57
N VAL B 401 -38.87 18.91 -26.56
CA VAL B 401 -39.14 19.84 -27.64
C VAL B 401 -40.22 20.83 -27.20
N VAL B 402 -39.91 22.12 -27.30
CA VAL B 402 -40.85 23.17 -26.95
C VAL B 402 -40.94 24.10 -28.14
N LYS B 403 -42.16 24.59 -28.41
CA LYS B 403 -42.42 25.43 -29.57
C LYS B 403 -42.42 26.87 -29.11
N MET B 404 -41.39 27.63 -29.50
CA MET B 404 -41.42 29.07 -29.28
C MET B 404 -41.19 29.77 -30.62
N ALA B 405 -41.82 30.95 -30.74
CA ALA B 405 -42.07 31.58 -32.05
C ALA B 405 -42.85 30.54 -32.84
N GLY B 406 -42.33 30.02 -33.94
CA GLY B 406 -43.05 29.01 -34.67
C GLY B 406 -42.32 27.69 -34.78
N LYS B 407 -41.01 27.71 -34.58
CA LYS B 407 -40.18 26.54 -34.75
C LYS B 407 -40.27 25.61 -33.54
N PRO B 408 -40.01 24.31 -33.74
CA PRO B 408 -39.87 23.40 -32.61
C PRO B 408 -38.43 23.39 -32.13
N ILE B 409 -38.08 24.13 -31.08
CA ILE B 409 -36.70 24.22 -30.59
C ILE B 409 -36.55 23.25 -29.44
N ARG B 410 -35.45 22.51 -29.42
CA ARG B 410 -35.17 21.62 -28.32
C ARG B 410 -34.58 22.42 -27.17
N ALA B 411 -35.18 22.27 -25.99
CA ALA B 411 -34.78 23.02 -24.81
C ALA B 411 -34.83 22.11 -23.60
N ILE B 412 -34.40 22.64 -22.46
CA ILE B 412 -34.55 22.01 -21.16
C ILE B 412 -35.52 22.86 -20.36
N VAL B 413 -36.54 22.22 -19.79
CA VAL B 413 -37.60 22.92 -19.07
C VAL B 413 -37.36 22.69 -17.58
N VAL B 414 -36.97 23.76 -16.89
CA VAL B 414 -36.70 23.68 -15.46
C VAL B 414 -37.98 23.39 -14.70
N GLY B 415 -37.91 22.46 -13.74
CA GLY B 415 -39.06 22.11 -12.94
C GLY B 415 -39.02 20.70 -12.36
N LYS C 2 -16.70 -40.31 35.90
CA LYS C 2 -18.02 -40.88 36.18
C LYS C 2 -19.08 -40.29 35.25
N ASP C 3 -19.29 -38.98 35.40
CA ASP C 3 -20.27 -38.24 34.61
C ASP C 3 -19.55 -37.10 33.89
N PRO C 4 -19.29 -37.22 32.59
CA PRO C 4 -18.45 -36.21 31.92
C PRO C 4 -19.21 -34.92 31.66
N LEU C 5 -20.42 -34.80 32.19
CA LEU C 5 -21.20 -33.57 32.06
C LEU C 5 -21.61 -33.02 33.42
N TRP C 6 -20.83 -33.31 34.47
CA TRP C 6 -21.20 -32.82 35.79
C TRP C 6 -21.09 -31.30 35.88
N LEU C 7 -19.99 -30.74 35.38
CA LEU C 7 -19.78 -29.30 35.48
C LEU C 7 -20.82 -28.54 34.67
N TYR C 8 -21.17 -29.06 33.50
CA TYR C 8 -22.21 -28.44 32.69
C TYR C 8 -23.51 -28.30 33.48
N LYS C 9 -23.88 -29.35 34.22
CA LYS C 9 -25.14 -29.34 34.96
C LYS C 9 -25.09 -28.40 36.15
N VAL C 10 -23.95 -28.35 36.86
CA VAL C 10 -23.88 -27.51 38.05
C VAL C 10 -23.99 -26.04 37.69
N LEU C 11 -23.53 -25.67 36.50
CA LEU C 11 -23.66 -24.28 36.09
C LEU C 11 -25.02 -23.96 35.49
N LEU C 12 -25.74 -24.95 34.94
CA LEU C 12 -27.08 -24.70 34.45
C LEU C 12 -28.05 -24.32 35.56
N THR C 13 -27.89 -24.94 36.74
CA THR C 13 -28.67 -24.52 37.90
C THR C 13 -28.44 -23.05 38.21
N LYS C 14 -27.19 -22.59 38.13
CA LYS C 14 -26.89 -21.17 38.30
C LYS C 14 -27.19 -20.35 37.05
N GLY C 15 -27.88 -20.92 36.07
CA GLY C 15 -28.28 -20.17 34.89
C GLY C 15 -27.15 -19.87 33.91
N ILE C 16 -26.17 -20.76 33.82
CA ILE C 16 -24.97 -20.54 33.00
C ILE C 16 -24.75 -21.81 32.18
N GLU C 17 -24.69 -21.66 30.86
CA GLU C 17 -24.59 -22.80 29.95
C GLU C 17 -23.25 -22.72 29.24
N VAL C 18 -22.38 -23.68 29.52
CA VAL C 18 -21.03 -23.72 28.97
C VAL C 18 -20.89 -24.96 28.08
N TRP C 19 -20.28 -24.76 26.90
CA TRP C 19 -19.97 -25.84 25.99
C TRP C 19 -18.58 -25.60 25.41
N PHE C 20 -18.12 -26.55 24.60
CA PHE C 20 -16.86 -26.41 23.87
C PHE C 20 -17.17 -26.39 22.38
N ASP C 21 -16.65 -25.40 21.67
CA ASP C 21 -16.99 -25.20 20.27
C ASP C 21 -15.77 -25.65 19.46
N ILE C 22 -15.79 -26.91 19.02
CA ILE C 22 -14.73 -27.48 18.19
C ILE C 22 -14.43 -26.61 16.98
N LYS C 23 -15.40 -25.83 16.51
CA LYS C 23 -15.21 -25.09 15.26
C LYS C 23 -14.25 -23.92 15.45
N LEU C 24 -14.33 -23.25 16.60
CA LEU C 24 -13.44 -22.14 16.92
C LEU C 24 -12.40 -22.50 17.98
N GLU C 25 -12.42 -23.73 18.48
CA GLU C 25 -11.58 -24.18 19.58
C GLU C 25 -11.61 -23.19 20.74
N LYS C 26 -12.81 -22.79 21.12
CA LYS C 26 -13.05 -21.95 22.27
C LYS C 26 -14.24 -22.50 23.04
N TYR C 27 -14.35 -22.11 24.30
CA TYR C 27 -15.49 -22.51 25.12
C TYR C 27 -16.53 -21.40 25.09
N GLY C 28 -17.78 -21.77 24.81
CA GLY C 28 -18.86 -20.81 24.82
C GLY C 28 -19.55 -20.76 26.17
N ILE C 29 -19.84 -19.55 26.63
CA ILE C 29 -20.54 -19.33 27.89
C ILE C 29 -21.71 -18.38 27.63
N LYS C 30 -22.90 -18.77 28.08
CA LYS C 30 -24.14 -18.06 27.76
C LYS C 30 -24.89 -17.70 29.03
N ARG C 31 -24.98 -16.40 29.32
CA ARG C 31 -25.63 -15.90 30.52
C ARG C 31 -26.51 -14.72 30.14
N ASN C 32 -27.73 -14.70 30.66
CA ASN C 32 -28.63 -13.55 30.63
C ASN C 32 -28.64 -12.86 29.26
N ASN C 33 -28.92 -13.65 28.22
CA ASN C 33 -28.96 -13.15 26.85
C ASN C 33 -27.62 -12.53 26.43
N ARG C 34 -26.52 -13.17 26.82
CA ARG C 34 -25.19 -12.72 26.45
C ARG C 34 -24.31 -13.95 26.23
N VAL C 35 -23.75 -14.07 25.04
CA VAL C 35 -22.92 -15.22 24.66
C VAL C 35 -21.50 -14.72 24.45
N ASP C 36 -20.56 -15.33 25.18
CA ASP C 36 -19.14 -15.04 25.03
C ASP C 36 -18.40 -16.30 24.61
N TYR C 37 -17.29 -16.12 23.93
CA TYR C 37 -16.37 -17.20 23.61
C TYR C 37 -15.03 -16.91 24.25
N ILE C 38 -14.58 -17.82 25.11
CA ILE C 38 -13.38 -17.61 25.93
C ILE C 38 -12.48 -18.83 25.82
N ALA C 39 -11.22 -18.64 26.21
CA ALA C 39 -10.27 -19.74 26.28
C ALA C 39 -10.49 -20.52 27.57
N LYS C 40 -9.85 -21.69 27.68
CA LYS C 40 -10.11 -22.54 28.83
C LYS C 40 -9.65 -21.89 30.12
N SER C 41 -8.44 -21.29 30.11
CA SER C 41 -7.93 -20.68 31.34
C SER C 41 -8.83 -19.55 31.82
N SER C 42 -9.55 -18.90 30.90
CA SER C 42 -10.55 -17.92 31.31
C SER C 42 -11.77 -18.60 31.92
N LEU C 43 -12.23 -19.68 31.28
CA LEU C 43 -13.41 -20.38 31.80
C LEU C 43 -13.13 -21.04 33.14
N GLN C 44 -11.89 -21.49 33.36
CA GLN C 44 -11.57 -22.09 34.65
C GLN C 44 -11.62 -21.05 35.76
N GLN C 45 -11.26 -19.80 35.44
CA GLN C 45 -11.35 -18.76 36.44
C GLN C 45 -12.78 -18.36 36.74
N ILE C 46 -13.68 -18.47 35.77
CA ILE C 46 -15.08 -18.14 36.03
C ILE C 46 -15.69 -19.18 36.95
N VAL C 47 -15.35 -20.46 36.74
CA VAL C 47 -15.99 -21.50 37.53
C VAL C 47 -15.44 -21.54 38.94
N PHE C 48 -14.18 -21.13 39.14
CA PHE C 48 -13.67 -21.00 40.51
C PHE C 48 -14.47 -19.99 41.30
N GLU C 49 -14.84 -18.87 40.68
CA GLU C 49 -15.64 -17.88 41.38
C GLU C 49 -17.03 -18.41 41.68
N ILE C 50 -17.53 -19.32 40.85
CA ILE C 50 -18.91 -19.81 40.98
C ILE C 50 -19.00 -21.01 41.92
N ILE C 51 -18.07 -21.97 41.83
CA ILE C 51 -18.18 -23.21 42.59
C ILE C 51 -16.99 -23.43 43.52
N GLY C 52 -16.06 -22.49 43.60
CA GLY C 52 -15.03 -22.58 44.61
C GLY C 52 -13.90 -23.55 44.35
N LYS C 53 -13.82 -24.13 43.15
CA LYS C 53 -12.68 -25.00 42.85
C LYS C 53 -12.44 -25.00 41.35
N THR C 54 -11.18 -25.19 40.98
CA THR C 54 -10.82 -25.22 39.57
C THR C 54 -10.69 -26.66 39.10
N PRO C 55 -11.68 -27.21 38.40
CA PRO C 55 -11.48 -28.55 37.82
C PRO C 55 -10.42 -28.47 36.73
N LYS C 56 -9.60 -29.52 36.64
CA LYS C 56 -8.58 -29.53 35.61
C LYS C 56 -9.09 -30.17 34.32
N ASN C 57 -10.31 -30.70 34.33
CA ASN C 57 -10.99 -31.15 33.12
C ASN C 57 -12.40 -30.58 33.08
N ILE C 58 -12.74 -29.94 31.96
CA ILE C 58 -13.98 -29.18 31.87
C ILE C 58 -15.09 -30.11 31.40
N ALA C 59 -15.89 -30.59 32.36
CA ALA C 59 -16.95 -31.55 32.07
C ALA C 59 -18.16 -30.81 31.50
N VAL C 60 -18.07 -30.50 30.21
CA VAL C 60 -19.11 -29.78 29.49
C VAL C 60 -19.31 -30.42 28.14
N PRO C 61 -20.48 -30.26 27.52
CA PRO C 61 -20.74 -30.90 26.23
C PRO C 61 -19.99 -30.18 25.11
N THR C 62 -20.03 -30.80 23.94
CA THR C 62 -19.36 -30.30 22.75
C THR C 62 -20.41 -30.00 21.68
N TYR C 63 -20.71 -28.72 21.49
CA TYR C 63 -21.68 -28.27 20.51
C TYR C 63 -20.98 -27.50 19.39
N ILE C 64 -21.74 -27.17 18.36
CA ILE C 64 -21.31 -26.23 17.33
C ILE C 64 -22.18 -25.00 17.45
N GLY C 65 -21.54 -23.85 17.68
CA GLY C 65 -22.30 -22.61 17.76
C GLY C 65 -22.78 -22.17 16.40
N ALA C 66 -24.01 -21.69 16.36
CA ALA C 66 -24.61 -21.24 15.11
C ALA C 66 -25.62 -20.15 15.42
N TYR C 67 -25.58 -19.09 14.63
CA TYR C 67 -26.48 -17.96 14.77
C TYR C 67 -27.62 -18.20 13.80
N GLU C 68 -28.73 -18.72 14.32
CA GLU C 68 -29.95 -18.94 13.52
C GLU C 68 -31.12 -18.50 14.37
N PRO C 69 -31.68 -17.30 14.12
CA PRO C 69 -32.76 -16.79 14.97
C PRO C 69 -34.07 -17.52 14.80
N SER C 70 -34.24 -18.30 13.73
CA SER C 70 -35.46 -19.06 13.50
C SER C 70 -35.46 -20.42 14.17
N LYS C 71 -34.37 -20.82 14.82
CA LYS C 71 -34.11 -22.17 15.25
C LYS C 71 -34.21 -22.30 16.76
N PRO C 72 -34.30 -23.54 17.28
CA PRO C 72 -34.40 -23.72 18.74
C PRO C 72 -33.11 -23.34 19.44
N GLU C 73 -33.10 -23.41 20.77
CA GLU C 73 -31.85 -23.16 21.48
C GLU C 73 -30.82 -24.23 21.21
N LYS C 74 -31.25 -25.46 20.97
CA LYS C 74 -30.38 -26.52 20.44
C LYS C 74 -31.13 -27.34 19.42
N TRP C 75 -30.38 -27.89 18.47
CA TRP C 75 -30.92 -28.75 17.42
C TRP C 75 -29.80 -29.63 16.90
N GLU C 76 -30.10 -30.45 15.89
CA GLU C 76 -29.12 -31.32 15.26
C GLU C 76 -29.37 -31.45 13.77
N GLU C 77 -28.29 -31.67 13.02
CA GLU C 77 -28.37 -31.87 11.58
C GLU C 77 -27.24 -32.80 11.11
N GLU C 78 -27.62 -33.84 10.36
CA GLU C 78 -26.70 -34.91 9.93
C GLU C 78 -25.96 -35.58 11.08
N GLY C 79 -26.40 -35.38 12.32
CA GLY C 79 -25.81 -36.01 13.49
C GLY C 79 -25.03 -35.06 14.38
N ILE C 80 -24.47 -33.99 13.83
CA ILE C 80 -23.78 -33.01 14.66
C ILE C 80 -24.80 -32.13 15.36
N LYS C 81 -24.60 -31.92 16.66
CA LYS C 81 -25.54 -31.18 17.47
C LYS C 81 -25.11 -29.72 17.57
N TYR C 82 -26.09 -28.81 17.50
CA TYR C 82 -25.83 -27.39 17.46
C TYR C 82 -26.41 -26.71 18.68
N ILE C 83 -25.82 -25.56 19.03
CA ILE C 83 -26.39 -24.67 20.03
C ILE C 83 -26.48 -23.29 19.40
N ASN C 84 -27.51 -22.55 19.78
CA ASN C 84 -27.81 -21.30 19.10
C ASN C 84 -27.14 -20.16 19.84
N LEU C 85 -26.60 -19.22 19.07
CA LEU C 85 -25.90 -18.05 19.59
C LEU C 85 -26.72 -16.78 19.48
N PHE C 86 -27.86 -16.85 18.82
CA PHE C 86 -28.79 -15.74 18.76
C PHE C 86 -29.56 -15.71 20.06
N LYS C 87 -29.49 -14.59 20.76
CA LYS C 87 -30.30 -14.37 21.95
C LYS C 87 -30.89 -12.99 21.80
N PRO C 88 -32.20 -12.87 21.66
CA PRO C 88 -32.79 -11.59 21.29
C PRO C 88 -32.60 -10.56 22.40
N THR C 89 -32.52 -9.31 21.99
CA THR C 89 -32.43 -8.21 22.93
C THR C 89 -33.82 -7.94 23.51
N PRO C 90 -33.89 -7.28 24.66
CA PRO C 90 -35.19 -6.94 25.26
C PRO C 90 -36.21 -6.42 24.27
N LEU C 91 -35.84 -5.42 23.46
CA LEU C 91 -36.81 -4.73 22.62
C LEU C 91 -37.21 -5.50 21.37
N MET C 92 -36.78 -6.76 21.18
CA MET C 92 -37.44 -7.61 20.20
C MET C 92 -38.48 -8.53 20.83
N LYS C 93 -38.35 -8.84 22.12
CA LYS C 93 -39.37 -9.59 22.84
C LYS C 93 -40.27 -8.58 23.53
N VAL C 94 -41.23 -8.04 22.76
CA VAL C 94 -42.07 -6.94 23.20
C VAL C 94 -43.45 -7.10 22.58
N LYS C 95 -44.48 -6.69 23.32
CA LYS C 95 -45.87 -6.93 22.94
C LYS C 95 -46.29 -5.98 21.81
N PRO C 96 -47.02 -6.49 20.81
CA PRO C 96 -47.40 -5.65 19.65
C PRO C 96 -48.20 -4.42 20.02
N VAL C 97 -48.22 -3.47 19.08
CA VAL C 97 -48.99 -2.24 19.19
C VAL C 97 -49.45 -1.87 17.78
N LYS C 98 -50.69 -1.36 17.66
CA LYS C 98 -51.24 -1.03 16.36
C LYS C 98 -50.76 0.32 15.81
N GLU C 99 -50.27 1.24 16.66
CA GLU C 99 -49.90 2.56 16.17
C GLU C 99 -48.61 3.05 16.82
N MET C 100 -47.83 3.76 16.03
CA MET C 100 -46.47 4.18 16.36
C MET C 100 -46.45 5.44 17.23
N PRO C 101 -45.46 5.56 18.13
CA PRO C 101 -45.33 6.80 18.90
C PRO C 101 -45.16 7.96 17.93
N GLU C 102 -45.79 9.08 18.27
CA GLU C 102 -46.03 10.08 17.23
C GLU C 102 -44.74 10.77 16.80
N ILE C 103 -43.87 11.14 17.75
CA ILE C 103 -42.66 11.86 17.34
C ILE C 103 -41.76 10.93 16.52
N VAL C 104 -41.86 9.62 16.74
CA VAL C 104 -41.17 8.68 15.87
C VAL C 104 -41.84 8.66 14.51
N LYS C 105 -43.16 8.90 14.46
CA LYS C 105 -43.86 8.92 13.18
C LYS C 105 -43.49 10.16 12.36
N ASN C 106 -43.23 11.29 13.02
CA ASN C 106 -42.84 12.48 12.27
C ASN C 106 -41.39 12.44 11.81
N LEU C 107 -40.53 11.69 12.50
CA LEU C 107 -39.15 11.57 12.06
C LEU C 107 -39.09 10.83 10.73
N LEU C 108 -39.80 9.71 10.63
CA LEU C 108 -39.81 8.97 9.37
C LEU C 108 -40.57 9.73 8.28
N LEU C 109 -41.71 10.35 8.63
CA LEU C 109 -42.42 11.18 7.66
C LEU C 109 -41.50 12.23 7.05
N ASN C 110 -40.64 12.83 7.88
CA ASN C 110 -39.73 13.83 7.35
C ASN C 110 -38.70 13.19 6.42
N LEU C 111 -38.19 12.01 6.79
CA LEU C 111 -37.25 11.31 5.94
C LEU C 111 -37.87 10.98 4.59
N PHE C 112 -39.09 10.46 4.58
CA PHE C 112 -39.73 10.03 3.35
C PHE C 112 -40.54 11.13 2.68
N ASP C 113 -40.50 12.35 3.23
CA ASP C 113 -41.17 13.51 2.62
C ASP C 113 -42.67 13.27 2.49
N TYR C 114 -43.28 12.82 3.58
CA TYR C 114 -44.71 12.53 3.65
C TYR C 114 -45.18 11.73 2.43
N ASP C 115 -44.37 10.79 1.98
CA ASP C 115 -44.80 9.81 1.01
C ASP C 115 -45.11 8.53 1.74
N ALA C 116 -46.31 8.00 1.54
CA ALA C 116 -46.75 6.85 2.33
C ALA C 116 -46.31 5.53 1.72
N LYS C 117 -46.29 5.43 0.39
CA LYS C 117 -45.97 4.15 -0.24
C LYS C 117 -44.55 3.71 0.09
N SER C 118 -43.57 4.60 -0.05
CA SER C 118 -42.19 4.18 0.21
C SER C 118 -41.92 4.05 1.71
N MET C 119 -42.47 4.96 2.52
CA MET C 119 -42.31 4.80 3.97
C MET C 119 -42.98 3.54 4.44
N GLY C 120 -44.17 3.24 3.90
CA GLY C 120 -44.81 1.99 4.26
C GLY C 120 -44.03 0.77 3.82
N LEU C 121 -43.38 0.85 2.66
CA LEU C 121 -42.56 -0.26 2.21
C LEU C 121 -41.30 -0.41 3.06
N PHE C 122 -40.74 0.71 3.53
CA PHE C 122 -39.55 0.62 4.36
C PHE C 122 -39.87 0.03 5.72
N ILE C 123 -41.02 0.40 6.28
CA ILE C 123 -41.42 -0.16 7.56
C ILE C 123 -41.75 -1.64 7.42
N ASN C 124 -42.37 -2.02 6.30
CA ASN C 124 -42.61 -3.43 6.02
C ASN C 124 -41.29 -4.20 5.92
N TRP C 125 -40.27 -3.58 5.32
CA TRP C 125 -38.94 -4.16 5.27
C TRP C 125 -38.34 -4.30 6.66
N LEU C 126 -38.41 -3.23 7.46
CA LEU C 126 -37.90 -3.27 8.83
C LEU C 126 -38.63 -4.32 9.65
N ALA C 127 -39.97 -4.32 9.59
CA ALA C 127 -40.75 -5.27 10.38
C ALA C 127 -40.35 -6.70 10.05
N PHE C 128 -40.16 -7.00 8.78
CA PHE C 128 -39.76 -8.36 8.39
C PHE C 128 -38.45 -8.77 9.04
N ILE C 129 -37.45 -7.86 9.02
CA ILE C 129 -36.19 -8.13 9.70
C ILE C 129 -36.41 -8.34 11.18
N TYR C 130 -37.35 -7.59 11.76
CA TYR C 130 -37.58 -7.65 13.20
C TYR C 130 -38.29 -8.94 13.60
N GLN C 131 -39.28 -9.35 12.82
CA GLN C 131 -40.07 -10.54 13.16
C GLN C 131 -39.46 -11.81 12.61
N TYR C 132 -39.09 -11.83 11.33
CA TYR C 132 -38.63 -13.05 10.69
C TYR C 132 -37.12 -13.22 10.76
N LYS C 133 -36.38 -12.12 10.88
CA LYS C 133 -34.93 -12.14 11.07
C LYS C 133 -34.26 -12.99 9.99
N GLU C 134 -34.36 -12.53 8.75
CA GLU C 134 -33.70 -13.15 7.61
C GLU C 134 -32.98 -12.09 6.79
N ARG C 135 -32.22 -12.55 5.79
CA ARG C 135 -31.58 -11.63 4.87
C ARG C 135 -32.54 -11.34 3.75
N THR C 136 -32.74 -10.06 3.44
CA THR C 136 -33.75 -9.70 2.44
C THR C 136 -33.18 -9.64 1.03
N GLY C 137 -31.89 -9.35 0.88
CA GLY C 137 -31.37 -9.13 -0.45
C GLY C 137 -31.71 -7.78 -1.03
N VAL C 138 -32.08 -6.82 -0.18
CA VAL C 138 -32.38 -5.46 -0.58
C VAL C 138 -31.83 -4.51 0.47
N ALA C 139 -31.31 -3.38 0.03
CA ALA C 139 -30.72 -2.38 0.93
C ALA C 139 -31.38 -1.03 0.69
N TRP C 140 -31.39 -0.20 1.72
CA TRP C 140 -32.00 1.13 1.66
C TRP C 140 -30.92 2.18 1.77
N ILE C 141 -30.88 3.09 0.80
CA ILE C 141 -29.92 4.19 0.76
C ILE C 141 -30.69 5.47 1.11
N PHE C 142 -30.37 6.06 2.26
CA PHE C 142 -30.88 7.38 2.62
C PHE C 142 -29.80 8.40 2.31
N MET C 143 -30.15 9.42 1.53
CA MET C 143 -29.15 10.37 1.07
C MET C 143 -29.73 11.77 1.14
N GLY C 144 -28.98 12.75 0.64
CA GLY C 144 -29.50 14.08 0.49
C GLY C 144 -28.71 15.12 1.26
N LYS C 145 -29.32 15.68 2.31
CA LYS C 145 -28.69 16.72 3.09
C LYS C 145 -28.51 16.24 4.51
N GLN C 146 -28.00 17.13 5.35
CA GLN C 146 -27.53 16.78 6.67
C GLN C 146 -28.47 17.35 7.72
N GLY C 147 -28.59 16.65 8.84
CA GLY C 147 -29.59 17.03 9.81
C GLY C 147 -30.99 16.61 9.42
N THR C 148 -31.13 15.67 8.49
CA THR C 148 -32.42 15.22 8.00
C THR C 148 -33.02 14.09 8.83
N GLY C 149 -32.23 13.43 9.67
CA GLY C 149 -32.71 12.35 10.52
C GLY C 149 -32.17 10.99 10.18
N LYS C 150 -31.32 10.86 9.15
CA LYS C 150 -30.80 9.55 8.79
C LYS C 150 -29.93 8.99 9.90
N GLY C 151 -29.07 9.84 10.48
CA GLY C 151 -28.26 9.40 11.61
C GLY C 151 -29.10 9.12 12.84
N LEU C 152 -30.20 9.85 13.00
CA LEU C 152 -31.08 9.61 14.14
C LEU C 152 -31.79 8.27 14.01
N LEU C 153 -32.28 7.93 12.81
CA LEU C 153 -32.99 6.67 12.62
C LEU C 153 -32.09 5.46 12.83
N VAL C 154 -30.79 5.60 12.60
CA VAL C 154 -29.94 4.43 12.78
C VAL C 154 -29.60 4.23 14.25
N ASP C 155 -29.61 5.29 15.05
CA ASP C 155 -29.46 5.16 16.49
C ASP C 155 -30.75 4.72 17.17
N LEU C 156 -31.89 5.01 16.55
CA LEU C 156 -33.16 4.51 17.06
C LEU C 156 -33.25 3.01 16.88
N LEU C 157 -32.88 2.51 15.70
CA LEU C 157 -32.88 1.06 15.49
C LEU C 157 -31.74 0.38 16.25
N LYS C 158 -30.64 1.10 16.49
CA LYS C 158 -29.52 0.48 17.19
C LYS C 158 -29.84 0.22 18.65
N LYS C 159 -30.80 0.97 19.21
CA LYS C 159 -31.29 0.65 20.53
C LYS C 159 -32.26 -0.53 20.49
N ILE C 160 -32.90 -0.75 19.35
CA ILE C 160 -33.80 -1.89 19.21
C ILE C 160 -33.02 -3.19 19.05
N PHE C 161 -32.04 -3.21 18.12
CA PHE C 161 -31.35 -4.45 17.81
C PHE C 161 -30.03 -4.65 18.55
N GLU C 162 -29.40 -3.58 19.04
CA GLU C 162 -28.31 -3.66 20.01
C GLU C 162 -27.11 -4.42 19.42
N GLU C 163 -26.84 -5.66 19.83
CA GLU C 163 -25.67 -6.35 19.31
C GLU C 163 -25.86 -6.87 17.89
N HIS C 164 -27.09 -6.93 17.41
CA HIS C 164 -27.35 -7.53 16.12
C HIS C 164 -27.32 -6.51 15.00
N MET C 165 -26.88 -5.30 15.31
CA MET C 165 -26.75 -4.23 14.34
C MET C 165 -25.35 -3.63 14.42
N SER C 166 -24.83 -3.23 13.26
CA SER C 166 -23.57 -2.53 13.16
C SER C 166 -23.84 -1.07 12.81
N SER C 167 -23.28 -0.16 13.60
CA SER C 167 -23.59 1.26 13.51
C SER C 167 -22.40 2.02 12.95
N ASN C 168 -22.65 2.80 11.89
CA ASN C 168 -21.67 3.73 11.33
C ASN C 168 -20.38 3.02 10.95
N ILE C 169 -20.50 1.97 10.16
CA ILE C 169 -19.33 1.30 9.61
C ILE C 169 -18.78 2.16 8.48
N THR C 170 -17.53 2.58 8.60
CA THR C 170 -16.89 3.47 7.65
C THR C 170 -15.68 2.78 7.05
N ASP C 171 -15.02 3.48 6.11
CA ASP C 171 -13.88 2.89 5.41
C ASP C 171 -12.77 2.46 6.36
N ALA C 172 -12.75 3.00 7.58
CA ALA C 172 -11.73 2.59 8.54
C ALA C 172 -11.92 1.14 8.96
N ASN C 173 -13.17 0.71 9.14
CA ASN C 173 -13.40 -0.69 9.49
C ASN C 173 -13.30 -1.58 8.27
N LEU C 174 -13.60 -1.02 7.09
CA LEU C 174 -13.48 -1.79 5.86
C LEU C 174 -12.02 -2.11 5.55
N ASP C 175 -11.12 -1.14 5.75
CA ASP C 175 -9.71 -1.35 5.51
C ASP C 175 -9.08 -2.31 6.52
N SER C 176 -9.69 -2.47 7.69
CA SER C 176 -9.19 -3.41 8.68
C SER C 176 -9.21 -4.83 8.14
N GLN C 177 -8.23 -5.62 8.58
CA GLN C 177 -8.20 -7.03 8.22
C GLN C 177 -9.29 -7.84 8.88
N PHE C 178 -10.06 -7.25 9.80
CA PHE C 178 -11.08 -7.96 10.56
C PHE C 178 -12.48 -7.61 10.06
N ASN C 179 -13.42 -8.50 10.33
CA ASN C 179 -14.78 -8.44 9.80
C ASN C 179 -15.88 -8.34 10.86
N PRO C 180 -15.64 -7.85 12.07
CA PRO C 180 -16.64 -8.05 13.14
C PRO C 180 -17.99 -7.46 12.84
N TYR C 181 -18.06 -6.41 12.02
CA TYR C 181 -19.32 -5.75 11.71
C TYR C 181 -20.26 -6.60 10.86
N LEU C 182 -19.81 -7.75 10.36
CA LEU C 182 -20.68 -8.66 9.63
C LEU C 182 -20.96 -9.95 10.38
N TYR C 183 -20.35 -10.15 11.54
CA TYR C 183 -20.50 -11.41 12.28
C TYR C 183 -21.79 -11.35 13.08
N ASN C 184 -22.77 -12.18 12.68
CA ASN C 184 -24.03 -12.33 13.40
C ASN C 184 -24.75 -10.99 13.56
N LYS C 185 -25.03 -10.36 12.43
CA LYS C 185 -25.74 -9.08 12.37
C LYS C 185 -26.98 -9.20 11.50
N LEU C 186 -28.07 -8.62 11.99
CA LEU C 186 -29.30 -8.51 11.22
C LEU C 186 -29.37 -7.22 10.42
N ILE C 187 -28.73 -6.16 10.92
CA ILE C 187 -28.66 -4.89 10.23
C ILE C 187 -27.21 -4.42 10.26
N VAL C 188 -26.74 -3.91 9.13
CA VAL C 188 -25.39 -3.36 9.02
C VAL C 188 -25.53 -2.00 8.37
N HIS C 189 -25.14 -0.96 9.09
CA HIS C 189 -25.25 0.40 8.60
C HIS C 189 -23.90 0.89 8.13
N LEU C 190 -23.84 1.47 6.96
CA LEU C 190 -22.61 1.98 6.42
C LEU C 190 -22.75 3.46 6.23
N ASN C 191 -21.81 4.25 6.71
CA ASN C 191 -21.90 5.69 6.56
C ASN C 191 -20.92 6.22 5.54
N GLU C 192 -21.41 6.97 4.57
CA GLU C 192 -20.64 7.57 3.47
C GLU C 192 -20.46 6.69 2.25
N VAL C 193 -19.83 5.54 2.43
CA VAL C 193 -19.61 4.60 1.36
C VAL C 193 -18.73 5.11 0.23
N VAL C 204 -15.46 -0.35 -3.38
CA VAL C 204 -16.44 -1.20 -2.72
C VAL C 204 -17.76 -1.16 -3.48
N LYS C 205 -17.68 -0.96 -4.79
CA LYS C 205 -18.89 -1.01 -5.62
C LYS C 205 -19.43 -2.43 -5.73
N ASN C 206 -18.54 -3.41 -5.91
CA ASN C 206 -18.95 -4.81 -5.98
C ASN C 206 -18.84 -5.53 -4.65
N ARG C 207 -17.94 -5.08 -3.77
CA ARG C 207 -17.85 -5.67 -2.43
C ARG C 207 -19.17 -5.54 -1.67
N LEU C 208 -19.89 -4.43 -1.86
CA LEU C 208 -21.14 -4.24 -1.13
C LEU C 208 -22.31 -4.89 -1.84
N LYS C 209 -22.35 -4.79 -3.18
CA LYS C 209 -23.41 -5.41 -3.95
C LYS C 209 -23.43 -6.93 -3.78
N THR C 210 -22.32 -7.51 -3.33
CA THR C 210 -22.26 -8.94 -3.06
C THR C 210 -22.82 -9.27 -1.68
N TRP C 211 -22.49 -8.46 -0.68
CA TRP C 211 -22.92 -8.72 0.69
C TRP C 211 -24.44 -8.75 0.81
N ILE C 212 -25.14 -7.98 -0.02
CA ILE C 212 -26.59 -7.92 0.08
C ILE C 212 -27.22 -9.25 -0.26
N THR C 213 -26.60 -10.03 -1.16
CA THR C 213 -27.17 -11.28 -1.65
C THR C 213 -26.32 -12.49 -1.33
N ASP C 214 -25.32 -12.36 -0.46
CA ASP C 214 -24.49 -13.50 -0.11
C ASP C 214 -25.17 -14.31 0.99
N GLU C 215 -25.02 -15.63 0.90
CA GLU C 215 -25.46 -16.49 1.99
C GLU C 215 -24.37 -16.75 3.01
N THR C 216 -23.10 -16.73 2.59
CA THR C 216 -21.98 -17.07 3.44
C THR C 216 -20.88 -16.02 3.26
N LEU C 217 -20.34 -15.53 4.38
CA LEU C 217 -19.16 -14.67 4.40
C LEU C 217 -18.07 -15.27 5.26
N TYR C 218 -16.82 -14.95 4.92
CA TYR C 218 -15.66 -15.37 5.70
C TYR C 218 -15.41 -14.35 6.80
N ILE C 219 -15.66 -14.73 8.03
CA ILE C 219 -15.56 -13.84 9.18
C ILE C 219 -14.19 -14.02 9.82
N ASN C 220 -13.37 -12.97 9.80
CA ASN C 220 -12.07 -12.96 10.47
C ASN C 220 -12.14 -11.94 11.61
N ARG C 221 -11.93 -12.42 12.85
CA ARG C 221 -11.96 -11.55 14.01
C ARG C 221 -10.73 -11.78 14.89
N LYS C 222 -10.34 -10.74 15.61
CA LYS C 222 -9.04 -10.72 16.26
C LYS C 222 -8.99 -11.80 17.34
N ASN C 223 -7.96 -12.64 17.28
CA ASN C 223 -7.74 -13.76 18.20
C ASN C 223 -8.84 -14.80 18.08
N MET C 224 -9.34 -15.04 16.86
CA MET C 224 -10.27 -16.12 16.60
C MET C 224 -9.98 -16.66 15.22
N LYS C 225 -10.41 -17.89 14.97
CA LYS C 225 -10.11 -18.47 13.67
C LYS C 225 -10.97 -17.81 12.60
N GLU C 226 -10.47 -17.81 11.38
CA GLU C 226 -11.26 -17.22 10.30
C GLU C 226 -12.25 -18.26 9.83
N VAL C 227 -13.53 -17.92 9.85
CA VAL C 227 -14.58 -18.92 9.83
C VAL C 227 -15.70 -18.41 8.92
N GLU C 228 -16.31 -19.32 8.19
CA GLU C 228 -17.36 -18.96 7.25
C GLU C 228 -18.72 -19.17 7.89
N ILE C 229 -19.53 -18.11 7.91
CA ILE C 229 -20.80 -18.08 8.61
C ILE C 229 -21.89 -17.80 7.60
N LYS C 230 -23.12 -18.08 7.99
CA LYS C 230 -24.24 -17.75 7.14
C LYS C 230 -24.57 -16.28 7.36
N ASN C 231 -25.07 -15.64 6.31
CA ASN C 231 -25.17 -14.18 6.26
C ASN C 231 -26.61 -13.74 6.53
N PHE C 232 -26.78 -12.89 7.54
CA PHE C 232 -28.09 -12.36 7.88
C PHE C 232 -28.13 -10.85 7.76
N CYS C 233 -27.14 -10.25 7.10
CA CYS C 233 -27.02 -8.80 7.10
C CYS C 233 -27.99 -8.17 6.11
N ASN C 234 -28.69 -7.14 6.57
CA ASN C 234 -29.45 -6.23 5.73
C ASN C 234 -28.84 -4.85 5.90
N PHE C 235 -28.65 -4.15 4.80
CA PHE C 235 -27.81 -2.97 4.79
C PHE C 235 -28.65 -1.70 4.67
N ILE C 236 -28.39 -0.74 5.54
CA ILE C 236 -28.89 0.62 5.41
C ILE C 236 -27.68 1.50 5.16
N ILE C 237 -27.78 2.37 4.16
CA ILE C 237 -26.65 3.14 3.68
C ILE C 237 -27.02 4.61 3.67
N ASN C 238 -26.31 5.41 4.48
CA ASN C 238 -26.46 6.86 4.46
C ASN C 238 -25.27 7.50 3.73
N SER C 239 -25.56 8.54 2.97
CA SER C 239 -24.56 9.20 2.16
C SER C 239 -25.02 10.63 1.92
N ASN C 240 -24.09 11.58 2.00
CA ASN C 240 -24.39 12.97 1.71
C ASN C 240 -23.79 13.41 0.40
N GLU C 241 -23.33 12.47 -0.41
CA GLU C 241 -22.86 12.78 -1.75
C GLU C 241 -24.01 12.59 -2.73
N THR C 242 -23.90 13.26 -3.89
CA THR C 242 -25.00 13.26 -4.84
C THR C 242 -25.15 11.92 -5.53
N ILE C 243 -24.03 11.29 -5.88
CA ILE C 243 -24.03 9.97 -6.47
C ILE C 243 -23.27 9.03 -5.54
N PRO C 244 -23.94 8.35 -4.61
CA PRO C 244 -23.20 7.56 -3.63
C PRO C 244 -22.63 6.26 -4.17
N VAL C 245 -23.37 5.58 -5.05
CA VAL C 245 -22.93 4.31 -5.62
C VAL C 245 -23.34 4.28 -7.08
N ASP C 246 -22.68 3.42 -7.85
CA ASP C 246 -23.08 3.17 -9.22
C ASP C 246 -24.19 2.14 -9.24
N ILE C 247 -25.33 2.48 -9.83
CA ILE C 247 -26.49 1.59 -9.88
C ILE C 247 -26.84 1.32 -11.33
N GLU C 248 -26.92 0.04 -11.69
CA GLU C 248 -27.34 -0.33 -13.04
C GLU C 248 -28.86 -0.29 -13.15
N ASP C 249 -29.33 -0.17 -14.40
CA ASP C 249 -30.76 0.03 -14.62
C ASP C 249 -31.56 -1.23 -14.30
N SER C 250 -30.94 -2.41 -14.41
CA SER C 250 -31.60 -3.67 -14.10
C SER C 250 -31.50 -4.03 -12.62
N ASP C 251 -31.29 -3.05 -11.75
CA ASP C 251 -30.93 -3.33 -10.38
C ASP C 251 -32.10 -3.96 -9.62
N ARG C 252 -31.73 -4.82 -8.67
CA ARG C 252 -32.70 -5.51 -7.82
C ARG C 252 -32.30 -5.44 -6.35
N ARG C 253 -31.41 -4.52 -5.98
CA ARG C 253 -30.90 -4.48 -4.62
C ARG C 253 -31.07 -3.16 -3.88
N PHE C 254 -31.34 -2.06 -4.55
CA PHE C 254 -31.27 -0.77 -3.89
C PHE C 254 -32.59 -0.03 -4.01
N ASN C 255 -33.06 0.48 -2.87
CA ASN C 255 -34.10 1.49 -2.80
C ASN C 255 -33.44 2.77 -2.35
N VAL C 256 -33.74 3.86 -3.03
CA VAL C 256 -33.06 5.13 -2.82
C VAL C 256 -34.07 6.16 -2.35
N ILE C 257 -33.76 6.83 -1.25
CA ILE C 257 -34.61 7.87 -0.68
C ILE C 257 -33.74 9.10 -0.45
N GLU C 258 -34.09 10.21 -1.09
CA GLU C 258 -33.40 11.47 -0.90
C GLU C 258 -34.24 12.38 -0.01
N CYS C 259 -33.63 12.89 1.06
CA CYS C 259 -34.32 13.76 2.02
C CYS C 259 -33.62 15.12 2.08
N ASN C 260 -34.39 16.19 1.85
CA ASN C 260 -33.85 17.56 1.89
C ASN C 260 -34.59 18.46 2.89
N ASN C 261 -35.23 17.88 3.89
CA ASN C 261 -35.87 18.67 4.95
C ASN C 261 -35.08 18.48 6.24
N VAL C 262 -34.34 19.51 6.64
CA VAL C 262 -33.50 19.43 7.82
C VAL C 262 -34.35 19.61 9.07
N LEU C 263 -34.02 18.86 10.12
CA LEU C 263 -34.93 18.73 11.25
C LEU C 263 -35.04 19.98 12.10
N LYS C 264 -34.00 20.82 12.17
CA LYS C 264 -34.11 22.03 12.97
C LYS C 264 -35.11 23.03 12.42
N GLU C 265 -35.40 22.98 11.13
CA GLU C 265 -36.27 23.98 10.50
C GLU C 265 -37.74 23.62 10.55
N GLN C 266 -38.11 22.52 11.19
CA GLN C 266 -39.49 22.07 11.20
C GLN C 266 -40.18 22.53 12.49
N GLU C 267 -41.49 22.78 12.36
CA GLU C 267 -42.33 23.22 13.48
C GLU C 267 -42.10 22.38 14.73
N TRP C 268 -42.19 21.06 14.59
CA TRP C 268 -42.30 20.16 15.73
C TRP C 268 -40.97 19.84 16.39
N TRP C 269 -39.87 20.43 15.94
CA TRP C 269 -38.55 20.06 16.44
C TRP C 269 -38.13 20.92 17.62
N THR C 270 -37.50 20.28 18.61
CA THR C 270 -36.81 20.99 19.68
C THR C 270 -35.45 20.31 19.87
N THR C 271 -34.62 20.90 20.73
CA THR C 271 -33.32 20.31 21.03
C THR C 271 -33.44 18.88 21.54
N GLU C 272 -34.33 18.66 22.51
CA GLU C 272 -34.45 17.35 23.13
C GLU C 272 -35.14 16.32 22.24
N SER C 273 -35.71 16.72 21.09
CA SER C 273 -36.38 15.75 20.25
C SER C 273 -35.40 14.66 19.78
N TYR C 274 -34.13 15.00 19.62
CA TYR C 274 -33.16 13.98 19.26
C TYR C 274 -33.13 12.88 20.33
N GLN C 275 -33.08 13.28 21.60
CA GLN C 275 -33.09 12.28 22.65
C GLN C 275 -34.50 11.86 23.06
N GLU C 276 -35.52 12.63 22.68
CA GLU C 276 -36.89 12.18 22.86
C GLU C 276 -37.22 11.03 21.90
N ILE C 277 -36.86 11.17 20.63
CA ILE C 277 -37.08 10.10 19.67
C ILE C 277 -36.32 8.84 20.08
N LEU C 278 -35.11 9.00 20.63
CA LEU C 278 -34.35 7.86 21.10
C LEU C 278 -34.94 7.22 22.35
N ASN C 279 -35.72 7.96 23.12
CA ASN C 279 -36.38 7.41 24.29
C ASN C 279 -37.77 6.88 23.98
N ASN C 280 -38.06 6.63 22.71
CA ASN C 280 -39.29 5.99 22.29
C ASN C 280 -39.01 4.71 21.50
N ALA C 281 -37.82 4.14 21.67
CA ALA C 281 -37.46 2.92 20.95
C ALA C 281 -38.39 1.78 21.30
N GLU C 282 -38.80 1.68 22.56
CA GLU C 282 -39.74 0.64 22.95
C GLU C 282 -41.05 0.76 22.18
N GLY C 283 -41.59 1.97 22.10
CA GLY C 283 -42.83 2.16 21.37
C GLY C 283 -42.68 1.85 19.89
N PHE C 284 -41.54 2.24 19.30
CA PHE C 284 -41.32 1.94 17.90
C PHE C 284 -41.10 0.45 17.69
N ALA C 285 -40.36 -0.19 18.59
CA ALA C 285 -40.18 -1.64 18.52
C ALA C 285 -41.51 -2.36 18.65
N LYS C 286 -42.34 -1.91 19.60
CA LYS C 286 -43.66 -2.52 19.76
C LYS C 286 -44.51 -2.33 18.52
N TYR C 287 -44.31 -1.22 17.80
CA TYR C 287 -45.05 -1.02 16.57
C TYR C 287 -44.60 -2.02 15.50
N LEU C 288 -43.29 -2.16 15.29
CA LEU C 288 -42.79 -3.10 14.30
C LEU C 288 -43.24 -4.52 14.62
N ALA C 289 -43.24 -4.88 15.91
CA ALA C 289 -43.72 -6.19 16.32
C ALA C 289 -45.15 -6.44 15.88
N GLY C 290 -45.93 -5.38 15.64
CA GLY C 290 -47.33 -5.54 15.31
C GLY C 290 -47.68 -5.42 13.85
N ILE C 291 -46.71 -5.09 12.99
CA ILE C 291 -46.98 -5.08 11.56
C ILE C 291 -47.29 -6.49 11.08
N LYS C 292 -48.32 -6.63 10.25
CA LYS C 292 -48.53 -7.84 9.48
C LYS C 292 -47.69 -7.70 8.22
N VAL C 293 -46.63 -8.47 8.12
CA VAL C 293 -45.68 -8.32 7.05
C VAL C 293 -46.25 -8.91 5.77
N ASP C 294 -45.97 -8.25 4.65
CA ASP C 294 -46.29 -8.73 3.31
C ASP C 294 -44.98 -9.25 2.72
N ARG C 295 -44.87 -10.57 2.57
CA ARG C 295 -43.59 -11.15 2.18
C ARG C 295 -43.30 -11.01 0.70
N SER C 296 -44.30 -10.71 -0.12
CA SER C 296 -44.02 -10.42 -1.52
C SER C 296 -43.32 -9.09 -1.71
N LYS C 297 -43.36 -8.20 -0.72
CA LYS C 297 -42.82 -6.86 -0.88
C LYS C 297 -41.61 -6.57 0.00
N VAL C 298 -40.96 -7.61 0.53
CA VAL C 298 -39.75 -7.34 1.31
C VAL C 298 -38.56 -7.13 0.39
N ASN C 299 -38.44 -7.95 -0.65
CA ASN C 299 -37.41 -7.78 -1.66
C ASN C 299 -37.85 -6.92 -2.83
N GLU C 300 -38.88 -6.10 -2.66
CA GLU C 300 -39.30 -5.21 -3.72
C GLU C 300 -38.47 -3.93 -3.71
N VAL C 301 -37.95 -3.56 -4.87
CA VAL C 301 -37.35 -2.25 -5.06
C VAL C 301 -38.13 -1.50 -6.12
N VAL C 302 -38.22 -0.19 -5.95
CA VAL C 302 -38.94 0.68 -6.86
C VAL C 302 -37.96 1.70 -7.41
N MET C 303 -38.20 2.12 -8.67
CA MET C 303 -37.29 3.01 -9.37
C MET C 303 -37.78 4.45 -9.19
N SER C 304 -37.39 5.03 -8.05
CA SER C 304 -37.67 6.44 -7.81
C SER C 304 -36.90 7.32 -8.78
N GLU C 305 -37.40 8.54 -8.98
CA GLU C 305 -36.76 9.44 -9.92
C GLU C 305 -35.37 9.86 -9.43
N LYS C 306 -35.07 9.68 -8.15
CA LYS C 306 -33.69 9.87 -7.69
C LYS C 306 -32.84 8.68 -8.08
N LYS C 307 -33.39 7.47 -8.02
CA LYS C 307 -32.64 6.30 -8.48
C LYS C 307 -32.39 6.39 -9.99
N LYS C 308 -33.40 6.78 -10.76
CA LYS C 308 -33.20 6.94 -12.19
C LYS C 308 -32.17 8.02 -12.51
N ALA C 309 -32.06 9.04 -11.65
CA ALA C 309 -31.02 10.03 -11.82
C ALA C 309 -29.64 9.41 -11.59
N ILE C 310 -29.49 8.64 -10.51
CA ILE C 310 -28.22 7.95 -10.26
C ILE C 310 -27.87 7.04 -11.42
N VAL C 311 -28.86 6.35 -11.97
CA VAL C 311 -28.59 5.37 -13.03
C VAL C 311 -28.09 6.07 -14.29
N GLU C 312 -28.76 7.13 -14.72
CA GLU C 312 -28.38 7.74 -15.99
C GLU C 312 -27.17 8.65 -15.85
N THR C 313 -26.78 8.98 -14.62
CA THR C 313 -25.48 9.60 -14.40
C THR C 313 -24.35 8.58 -14.38
N THR C 314 -24.66 7.34 -13.99
CA THR C 314 -23.66 6.31 -13.78
C THR C 314 -23.30 5.53 -15.03
N GLU C 315 -24.26 5.22 -15.90
CA GLU C 315 -24.00 4.35 -17.02
C GLU C 315 -23.21 5.06 -18.09
N SER C 316 -22.28 4.33 -18.72
CA SER C 316 -21.31 4.94 -19.62
C SER C 316 -21.99 5.61 -20.80
N VAL C 317 -21.42 6.74 -21.24
CA VAL C 317 -21.99 7.44 -22.38
C VAL C 317 -21.81 6.65 -23.67
N LEU C 318 -20.72 5.90 -23.79
CA LEU C 318 -20.52 5.09 -24.99
C LEU C 318 -21.50 3.92 -25.03
N LYS C 319 -21.91 3.43 -23.86
CA LYS C 319 -22.97 2.42 -23.84
C LYS C 319 -24.28 3.00 -24.33
N GLN C 320 -24.57 4.25 -23.97
CA GLN C 320 -25.81 4.88 -24.40
C GLN C 320 -25.80 5.19 -25.89
N ILE C 321 -24.65 5.61 -26.43
CA ILE C 321 -24.52 5.77 -27.88
C ILE C 321 -24.81 4.45 -28.58
N ALA C 322 -24.19 3.37 -28.11
CA ALA C 322 -24.38 2.07 -28.73
C ALA C 322 -25.83 1.62 -28.63
N LYS C 323 -26.51 1.96 -27.53
CA LYS C 323 -27.89 1.50 -27.37
C LYS C 323 -28.86 2.35 -28.18
N ALA C 324 -28.59 3.65 -28.30
CA ALA C 324 -29.34 4.46 -29.25
C ALA C 324 -29.11 3.96 -30.67
N LEU C 325 -27.85 3.74 -31.03
CA LEU C 325 -27.52 3.15 -32.32
C LEU C 325 -28.25 1.83 -32.54
N THR C 326 -28.31 0.99 -31.50
CA THR C 326 -28.98 -0.31 -31.64
C THR C 326 -30.47 -0.12 -31.86
N ASP C 327 -31.10 0.72 -31.04
CA ASP C 327 -32.54 0.93 -31.13
C ASP C 327 -32.93 1.94 -32.19
N ARG C 328 -32.00 2.40 -33.03
CA ARG C 328 -32.34 3.40 -34.05
C ARG C 328 -33.10 4.56 -33.42
N ASP C 329 -32.66 4.96 -32.23
CA ASP C 329 -33.39 5.92 -31.41
C ASP C 329 -32.85 7.28 -31.84
N ILE C 330 -33.47 7.84 -32.88
CA ILE C 330 -33.06 9.16 -33.36
C ILE C 330 -33.33 10.22 -32.32
N GLU C 331 -34.31 9.99 -31.44
CA GLU C 331 -34.69 11.03 -30.50
C GLU C 331 -33.69 11.13 -29.36
N TRP C 332 -33.00 10.04 -29.04
CA TRP C 332 -31.91 10.13 -28.08
C TRP C 332 -30.80 11.05 -28.59
N PHE C 333 -30.44 10.89 -29.86
CA PHE C 333 -29.37 11.71 -30.43
C PHE C 333 -29.76 13.19 -30.45
N LEU C 334 -31.02 13.49 -30.77
CA LEU C 334 -31.44 14.89 -30.82
C LEU C 334 -31.65 15.46 -29.43
N ASP C 335 -32.03 14.64 -28.46
CA ASP C 335 -32.00 15.09 -27.08
C ASP C 335 -30.60 15.45 -26.64
N ASN C 336 -29.58 14.80 -27.20
CA ASN C 336 -28.20 15.10 -26.88
C ASN C 336 -27.55 16.05 -27.88
N GLY C 337 -28.36 16.82 -28.59
CA GLY C 337 -27.85 17.94 -29.36
C GLY C 337 -27.22 17.62 -30.69
N LEU C 338 -27.64 16.53 -31.35
CA LEU C 338 -27.02 16.19 -32.62
C LEU C 338 -27.33 17.22 -33.70
N GLU C 339 -28.44 17.96 -33.57
CA GLU C 339 -28.79 18.91 -34.60
C GLU C 339 -27.81 20.07 -34.65
N GLY C 340 -26.95 20.22 -33.64
CA GLY C 340 -25.87 21.18 -33.75
C GLY C 340 -24.98 20.94 -34.96
N VAL C 341 -24.91 19.70 -35.44
CA VAL C 341 -24.16 19.38 -36.65
C VAL C 341 -24.59 20.23 -37.82
N VAL C 342 -25.86 20.63 -37.87
CA VAL C 342 -26.31 21.45 -38.98
C VAL C 342 -26.11 22.94 -38.70
N GLU C 343 -26.18 23.36 -37.44
CA GLU C 343 -26.00 24.77 -37.12
C GLU C 343 -24.54 25.20 -37.19
N LYS C 344 -23.61 24.26 -37.02
CA LYS C 344 -22.20 24.51 -37.26
C LYS C 344 -21.82 24.20 -38.70
N ASN C 345 -22.80 23.94 -39.56
CA ASN C 345 -22.58 23.65 -40.97
C ASN C 345 -21.47 22.61 -41.18
N ILE C 346 -21.46 21.57 -40.34
CA ILE C 346 -20.68 20.37 -40.62
C ILE C 346 -21.34 19.58 -41.73
N VAL C 347 -22.62 19.80 -41.96
CA VAL C 347 -23.45 18.95 -42.79
C VAL C 347 -24.42 19.81 -43.58
N ASN C 348 -24.68 19.43 -44.84
CA ASN C 348 -25.72 20.08 -45.64
C ASN C 348 -27.08 19.92 -45.00
N ASP C 349 -28.10 20.52 -45.60
CA ASP C 349 -29.46 20.10 -45.29
C ASP C 349 -29.82 18.85 -46.07
N PHE C 350 -29.14 18.61 -47.20
CA PHE C 350 -29.26 17.33 -47.89
C PHE C 350 -28.65 16.21 -47.06
N GLN C 351 -27.45 16.44 -46.52
CA GLN C 351 -26.77 15.40 -45.76
C GLN C 351 -27.32 15.23 -44.36
N TRP C 352 -27.97 16.26 -43.80
CA TRP C 352 -28.57 16.13 -42.48
C TRP C 352 -29.74 15.17 -42.45
N GLU C 353 -30.38 14.92 -43.58
CA GLU C 353 -31.45 13.92 -43.62
C GLU C 353 -30.91 12.53 -43.92
N GLU C 354 -29.78 12.45 -44.62
CA GLU C 354 -29.13 11.15 -44.79
C GLU C 354 -28.54 10.67 -43.49
N LEU C 355 -28.01 11.60 -42.69
CA LEU C 355 -27.44 11.24 -41.39
C LEU C 355 -28.52 10.71 -40.46
N GLN C 356 -29.71 11.33 -40.49
CA GLN C 356 -30.78 10.83 -39.65
C GLN C 356 -31.36 9.55 -40.22
N GLU C 357 -31.49 9.48 -41.54
CA GLU C 357 -31.92 8.23 -42.16
C GLU C 357 -30.95 7.11 -41.82
N ALA C 358 -29.65 7.40 -41.79
CA ALA C 358 -28.67 6.38 -41.45
C ALA C 358 -28.88 5.86 -40.03
N ILE C 359 -29.25 6.73 -39.10
CA ILE C 359 -29.49 6.30 -37.73
C ILE C 359 -30.76 5.47 -37.64
N THR C 360 -31.87 5.98 -38.19
CA THR C 360 -33.14 5.28 -38.11
C THR C 360 -33.14 4.00 -38.94
N THR C 361 -32.47 4.02 -40.09
CA THR C 361 -32.41 2.84 -40.95
C THR C 361 -31.50 1.77 -40.38
N GLY C 362 -30.57 2.13 -39.51
CA GLY C 362 -29.60 1.20 -38.98
C GLY C 362 -28.47 0.85 -39.91
N VAL C 363 -28.10 1.76 -40.82
CA VAL C 363 -26.98 1.58 -41.74
C VAL C 363 -26.26 2.92 -41.84
N ILE C 364 -25.11 3.03 -41.19
CA ILE C 364 -24.44 4.31 -40.98
C ILE C 364 -23.12 4.28 -41.76
N PRO C 365 -22.95 5.12 -42.78
CA PRO C 365 -21.65 5.21 -43.45
C PRO C 365 -20.57 5.67 -42.48
N ASN C 366 -19.35 5.15 -42.68
CA ASN C 366 -18.22 5.56 -41.85
C ASN C 366 -18.13 7.07 -41.72
N LYS C 367 -18.41 7.79 -42.81
CA LYS C 367 -18.39 9.24 -42.81
C LYS C 367 -19.31 9.81 -41.73
N TYR C 368 -20.55 9.33 -41.66
CA TYR C 368 -21.50 9.87 -40.69
C TYR C 368 -21.31 9.28 -39.30
N LEU C 369 -20.76 8.08 -39.21
CA LEU C 369 -20.46 7.51 -37.91
C LEU C 369 -19.52 8.43 -37.14
N MET C 370 -18.52 8.99 -37.83
CA MET C 370 -17.60 9.92 -37.18
C MET C 370 -18.26 11.24 -36.86
N ILE C 371 -19.14 11.72 -37.74
CA ILE C 371 -19.82 12.99 -37.48
C ILE C 371 -20.71 12.89 -36.25
N ILE C 372 -21.45 11.79 -36.13
CA ILE C 372 -22.34 11.61 -35.00
C ILE C 372 -21.56 11.51 -33.70
N VAL C 373 -20.54 10.65 -33.67
CA VAL C 373 -19.79 10.43 -32.44
C VAL C 373 -19.02 11.69 -32.06
N GLU C 374 -18.48 12.40 -33.05
CA GLU C 374 -17.68 13.58 -32.75
C GLU C 374 -18.53 14.71 -32.18
N GLN C 375 -19.80 14.78 -32.56
CA GLN C 375 -20.65 15.83 -32.00
C GLN C 375 -21.26 15.45 -30.66
N ILE C 376 -21.50 14.17 -30.41
CA ILE C 376 -21.99 13.76 -29.10
C ILE C 376 -20.88 13.85 -28.07
N LEU C 377 -19.70 13.30 -28.39
CA LEU C 377 -18.62 13.25 -27.42
C LEU C 377 -17.86 14.56 -27.34
N GLY C 378 -17.80 15.31 -28.43
CA GLY C 378 -17.12 16.60 -28.43
C GLY C 378 -15.66 16.55 -28.79
N ASP C 379 -15.16 15.44 -29.32
CA ASP C 379 -13.85 15.39 -29.93
C ASP C 379 -13.89 14.46 -31.13
N SER C 380 -13.02 14.70 -32.10
CA SER C 380 -12.96 13.84 -33.28
C SER C 380 -12.40 12.48 -32.90
N LYS C 381 -13.15 11.43 -33.23
CA LYS C 381 -12.71 10.06 -33.05
C LYS C 381 -12.58 9.37 -34.40
N THR C 382 -11.67 8.42 -34.48
CA THR C 382 -11.44 7.65 -35.68
C THR C 382 -12.43 6.50 -35.78
N ILE C 383 -12.55 5.92 -36.97
CA ILE C 383 -13.40 4.74 -37.13
C ILE C 383 -12.87 3.60 -36.28
N THR C 384 -11.55 3.41 -36.26
CA THR C 384 -10.95 2.35 -35.45
C THR C 384 -11.29 2.52 -33.97
N TRP C 385 -11.27 3.76 -33.48
CA TRP C 385 -11.65 4.00 -32.09
C TRP C 385 -13.14 3.74 -31.87
N ILE C 386 -13.99 4.19 -32.80
CA ILE C 386 -15.43 4.02 -32.63
C ILE C 386 -15.77 2.53 -32.57
N LYS C 387 -15.12 1.73 -33.39
CA LYS C 387 -15.39 0.30 -33.35
C LYS C 387 -14.89 -0.32 -32.05
N ARG C 388 -13.72 0.08 -31.59
CA ARG C 388 -13.12 -0.54 -30.42
C ARG C 388 -13.72 -0.07 -29.10
N ASN C 389 -14.46 1.03 -29.08
CA ASN C 389 -15.05 1.53 -27.85
C ASN C 389 -16.56 1.66 -27.85
N ILE C 390 -17.23 1.55 -29.01
CA ILE C 390 -18.67 1.70 -29.06
C ILE C 390 -19.30 0.52 -29.78
N ILE C 391 -18.81 0.22 -30.97
CA ILE C 391 -19.44 -0.78 -31.83
C ILE C 391 -19.11 -2.19 -31.36
N THR C 392 -17.84 -2.55 -31.37
CA THR C 392 -17.45 -3.93 -31.10
C THR C 392 -17.85 -4.40 -29.69
N PRO C 393 -17.57 -3.66 -28.61
CA PRO C 393 -17.87 -4.21 -27.28
C PRO C 393 -19.36 -4.32 -26.98
N TYR C 394 -20.19 -3.43 -27.49
CA TYR C 394 -21.61 -3.46 -27.25
C TYR C 394 -22.39 -4.12 -28.38
N GLN C 395 -21.70 -4.73 -29.33
CA GLN C 395 -22.28 -5.51 -30.42
C GLN C 395 -23.41 -4.74 -31.12
N VAL C 396 -23.06 -3.57 -31.63
CA VAL C 396 -24.04 -2.79 -32.38
C VAL C 396 -24.26 -3.36 -33.77
N GLY C 397 -23.23 -3.92 -34.37
CA GLY C 397 -23.33 -4.45 -35.71
C GLY C 397 -21.96 -4.67 -36.32
N GLU C 398 -21.95 -4.92 -37.62
CA GLU C 398 -20.76 -5.29 -38.35
C GLU C 398 -20.39 -4.21 -39.37
N THR C 399 -19.11 -3.89 -39.45
CA THR C 399 -18.61 -3.00 -40.49
C THR C 399 -18.54 -3.76 -41.80
N THR C 400 -19.03 -3.15 -42.88
CA THR C 400 -19.25 -3.88 -44.11
C THR C 400 -19.38 -2.89 -45.27
N VAL C 401 -19.24 -3.42 -46.48
CA VAL C 401 -19.48 -2.65 -47.69
C VAL C 401 -20.98 -2.63 -47.96
N VAL C 402 -21.53 -1.44 -48.16
CA VAL C 402 -22.97 -1.27 -48.33
C VAL C 402 -23.26 -0.58 -49.65
N LYS C 403 -24.36 -0.98 -50.27
CA LYS C 403 -24.75 -0.50 -51.59
C LYS C 403 -25.72 0.67 -51.49
N LYS C 407 -22.53 3.30 -55.60
CA LYS C 407 -21.11 3.25 -55.24
C LYS C 407 -20.91 2.45 -53.95
N PRO C 408 -19.71 1.88 -53.76
CA PRO C 408 -19.45 1.11 -52.54
C PRO C 408 -19.00 1.96 -51.37
N ILE C 409 -19.90 2.15 -50.40
CA ILE C 409 -19.64 2.95 -49.22
C ILE C 409 -19.39 2.02 -48.05
N ARG C 410 -18.32 2.28 -47.31
CA ARG C 410 -18.04 1.52 -46.09
C ARG C 410 -18.96 2.01 -44.98
N ALA C 411 -19.78 1.12 -44.44
CA ALA C 411 -20.76 1.50 -43.44
C ALA C 411 -20.85 0.40 -42.39
N ILE C 412 -21.51 0.74 -41.29
CA ILE C 412 -21.80 -0.20 -40.22
C ILE C 412 -23.29 -0.48 -40.23
N VAL C 413 -23.65 -1.77 -40.24
CA VAL C 413 -25.04 -2.20 -40.29
C VAL C 413 -25.44 -2.63 -38.89
N VAL C 414 -26.34 -1.86 -38.28
CA VAL C 414 -26.79 -2.17 -36.93
C VAL C 414 -27.53 -3.49 -36.92
N GLY C 415 -27.32 -4.29 -35.88
CA GLY C 415 -28.06 -5.52 -35.70
C GLY C 415 -27.22 -6.72 -35.31
N GLU D 1 1.32 -47.05 25.47
CA GLU D 1 0.89 -48.07 26.42
C GLU D 1 1.04 -49.46 25.83
N LYS D 2 0.12 -50.36 26.21
CA LYS D 2 0.07 -51.70 25.63
C LYS D 2 0.08 -51.60 24.11
N ASP D 3 -0.81 -50.76 23.59
CA ASP D 3 -1.16 -50.61 22.19
C ASP D 3 -1.23 -49.11 21.91
N PRO D 4 -0.26 -48.55 21.20
CA PRO D 4 -0.19 -47.08 21.07
C PRO D 4 -1.29 -46.52 20.18
N LEU D 5 -2.25 -47.37 19.81
CA LEU D 5 -3.43 -46.94 19.07
C LEU D 5 -4.70 -47.35 19.80
N TRP D 6 -4.64 -47.46 21.13
CA TRP D 6 -5.85 -47.84 21.88
C TRP D 6 -6.91 -46.76 21.78
N LEU D 7 -6.52 -45.50 21.95
CA LEU D 7 -7.47 -44.40 21.93
C LEU D 7 -8.10 -44.25 20.55
N TYR D 8 -7.29 -44.44 19.50
CA TYR D 8 -7.81 -44.38 18.14
C TYR D 8 -8.97 -45.37 17.96
N LYS D 9 -8.81 -46.59 18.46
CA LYS D 9 -9.84 -47.61 18.27
C LYS D 9 -11.09 -47.30 19.08
N VAL D 10 -10.93 -46.80 20.30
CA VAL D 10 -12.10 -46.56 21.15
C VAL D 10 -12.96 -45.43 20.61
N LEU D 11 -12.36 -44.43 19.94
CA LEU D 11 -13.20 -43.38 19.35
C LEU D 11 -13.85 -43.83 18.06
N LEU D 12 -13.23 -44.79 17.35
CA LEU D 12 -13.86 -45.34 16.16
C LEU D 12 -15.13 -46.09 16.52
N THR D 13 -15.15 -46.73 17.68
CA THR D 13 -16.38 -47.34 18.18
C THR D 13 -17.51 -46.31 18.25
N LYS D 14 -17.21 -45.11 18.74
CA LYS D 14 -18.18 -44.02 18.68
C LYS D 14 -18.24 -43.39 17.31
N GLY D 15 -17.60 -44.01 16.31
CA GLY D 15 -17.65 -43.48 14.96
C GLY D 15 -16.80 -42.25 14.74
N ILE D 16 -15.68 -42.14 15.43
CA ILE D 16 -14.89 -40.91 15.46
C ILE D 16 -13.45 -41.26 15.14
N GLU D 17 -12.89 -40.64 14.12
CA GLU D 17 -11.58 -41.00 13.59
C GLU D 17 -10.62 -39.83 13.79
N VAL D 18 -9.63 -40.01 14.66
CA VAL D 18 -8.65 -38.98 14.98
C VAL D 18 -7.28 -39.45 14.56
N TRP D 19 -6.52 -38.55 13.92
CA TRP D 19 -5.13 -38.84 13.57
C TRP D 19 -4.30 -37.59 13.87
N PHE D 20 -2.99 -37.71 13.69
CA PHE D 20 -2.06 -36.60 13.83
C PHE D 20 -1.42 -36.36 12.47
N ASP D 21 -1.42 -35.10 12.04
CA ASP D 21 -1.01 -34.72 10.70
C ASP D 21 0.37 -34.07 10.76
N ILE D 22 1.40 -34.87 10.48
CA ILE D 22 2.79 -34.40 10.43
C ILE D 22 2.95 -33.15 9.57
N LYS D 23 2.10 -32.99 8.55
CA LYS D 23 2.28 -31.90 7.60
C LYS D 23 1.83 -30.56 8.18
N LEU D 24 0.77 -30.56 8.99
CA LEU D 24 0.28 -29.35 9.63
C LEU D 24 0.57 -29.30 11.13
N GLU D 25 1.14 -30.36 11.71
CA GLU D 25 1.33 -30.46 13.15
C GLU D 25 0.05 -30.10 13.89
N LYS D 26 -1.05 -30.70 13.43
CA LYS D 26 -2.35 -30.56 14.06
C LYS D 26 -2.98 -31.93 14.12
N TYR D 27 -3.97 -32.08 15.00
CA TYR D 27 -4.71 -33.33 15.06
C TYR D 27 -5.96 -33.20 14.21
N GLY D 28 -6.16 -34.18 13.34
CA GLY D 28 -7.35 -34.20 12.50
C GLY D 28 -8.43 -35.01 13.17
N ILE D 29 -9.64 -34.48 13.13
CA ILE D 29 -10.81 -35.19 13.65
C ILE D 29 -11.86 -35.16 12.54
N LYS D 30 -12.41 -36.32 12.24
CA LYS D 30 -13.31 -36.51 11.11
C LYS D 30 -14.62 -37.06 11.65
N ARG D 31 -15.67 -36.25 11.60
CA ARG D 31 -16.95 -36.63 12.16
C ARG D 31 -18.03 -36.30 11.13
N ASN D 32 -18.93 -37.26 10.91
CA ASN D 32 -20.17 -37.08 10.15
C ASN D 32 -19.96 -36.25 8.89
N ASN D 33 -19.00 -36.70 8.07
CA ASN D 33 -18.68 -36.07 6.79
C ASN D 33 -18.27 -34.60 6.96
N ARG D 34 -17.37 -34.37 7.91
CA ARG D 34 -16.82 -33.03 8.14
C ARG D 34 -15.57 -33.11 8.99
N VAL D 35 -14.49 -32.46 8.53
CA VAL D 35 -13.13 -32.72 9.02
C VAL D 35 -12.57 -31.45 9.63
N ASP D 36 -12.08 -31.55 10.86
CA ASP D 36 -11.43 -30.43 11.54
C ASP D 36 -9.98 -30.75 11.82
N TYR D 37 -9.17 -29.70 11.90
CA TYR D 37 -7.79 -29.77 12.36
C TYR D 37 -7.70 -28.91 13.61
N ILE D 38 -7.35 -29.54 14.73
CA ILE D 38 -7.40 -28.88 16.04
C ILE D 38 -6.08 -29.10 16.77
N ALA D 39 -5.87 -28.29 17.81
CA ALA D 39 -4.70 -28.42 18.65
C ALA D 39 -4.87 -29.57 19.64
N LYS D 40 -3.78 -29.92 20.32
CA LYS D 40 -3.82 -31.07 21.21
C LYS D 40 -4.78 -30.82 22.37
N SER D 41 -4.68 -29.65 23.01
CA SER D 41 -5.52 -29.36 24.18
C SER D 41 -6.99 -29.35 23.84
N SER D 42 -7.34 -29.02 22.60
CA SER D 42 -8.75 -29.09 22.20
C SER D 42 -9.22 -30.53 22.05
N LEU D 43 -8.42 -31.39 21.43
CA LEU D 43 -8.84 -32.78 21.25
C LEU D 43 -8.96 -33.51 22.58
N GLN D 44 -8.15 -33.12 23.57
CA GLN D 44 -8.27 -33.74 24.89
C GLN D 44 -9.59 -33.38 25.55
N GLN D 45 -10.10 -32.17 25.29
CA GLN D 45 -11.43 -31.82 25.79
C GLN D 45 -12.51 -32.63 25.10
N ILE D 46 -12.28 -33.01 23.85
CA ILE D 46 -13.27 -33.79 23.12
C ILE D 46 -13.33 -35.23 23.64
N VAL D 47 -12.17 -35.85 23.87
CA VAL D 47 -12.19 -37.26 24.27
C VAL D 47 -12.58 -37.40 25.74
N PHE D 48 -12.28 -36.39 26.56
CA PHE D 48 -12.78 -36.43 27.94
C PHE D 48 -14.29 -36.49 27.96
N GLU D 49 -14.94 -35.74 27.07
CA GLU D 49 -16.40 -35.77 26.99
C GLU D 49 -16.89 -37.13 26.51
N ILE D 50 -16.09 -37.83 25.71
CA ILE D 50 -16.52 -39.09 25.12
C ILE D 50 -16.20 -40.28 26.03
N ILE D 51 -15.03 -40.29 26.67
CA ILE D 51 -14.57 -41.45 27.42
C ILE D 51 -14.33 -41.13 28.89
N GLY D 52 -14.61 -39.91 29.35
CA GLY D 52 -14.56 -39.62 30.76
C GLY D 52 -13.19 -39.47 31.37
N LYS D 53 -12.13 -39.44 30.56
CA LYS D 53 -10.79 -39.24 31.09
C LYS D 53 -9.90 -38.55 30.06
N THR D 54 -8.92 -37.82 30.56
CA THR D 54 -7.96 -37.09 29.73
C THR D 54 -6.68 -37.89 29.62
N PRO D 55 -6.39 -38.52 28.49
CA PRO D 55 -5.10 -39.18 28.31
C PRO D 55 -3.98 -38.15 28.31
N LYS D 56 -2.82 -38.56 28.81
CA LYS D 56 -1.64 -37.70 28.70
C LYS D 56 -1.01 -37.82 27.33
N ASN D 57 -1.00 -39.04 26.77
CA ASN D 57 -0.47 -39.29 25.43
C ASN D 57 -1.62 -39.70 24.51
N ILE D 58 -1.68 -39.07 23.35
CA ILE D 58 -2.78 -39.26 22.41
C ILE D 58 -2.42 -40.46 21.55
N ALA D 59 -2.97 -41.62 21.90
CA ALA D 59 -2.66 -42.88 21.21
C ALA D 59 -3.44 -42.92 19.90
N VAL D 60 -2.91 -42.20 18.91
CA VAL D 60 -3.52 -42.10 17.58
C VAL D 60 -2.45 -42.22 16.53
N PRO D 61 -2.79 -42.63 15.31
CA PRO D 61 -1.79 -42.81 14.26
C PRO D 61 -1.31 -41.47 13.73
N THR D 62 -0.29 -41.54 12.89
CA THR D 62 0.31 -40.36 12.26
C THR D 62 0.10 -40.47 10.76
N TYR D 63 -0.87 -39.75 10.22
CA TYR D 63 -1.19 -39.75 8.80
C TYR D 63 -0.88 -38.37 8.21
N ILE D 64 -0.97 -38.29 6.89
CA ILE D 64 -0.94 -37.02 6.16
C ILE D 64 -2.29 -36.81 5.53
N GLY D 65 -2.92 -35.67 5.84
CA GLY D 65 -4.20 -35.36 5.22
C GLY D 65 -4.03 -34.96 3.76
N ALA D 66 -4.93 -35.45 2.92
CA ALA D 66 -4.91 -35.15 1.50
C ALA D 66 -6.32 -35.22 0.96
N TYR D 67 -6.70 -34.23 0.16
CA TYR D 67 -8.04 -34.14 -0.41
C TYR D 67 -7.95 -34.69 -1.82
N GLU D 68 -8.34 -36.00 -1.98
CA GLU D 68 -8.39 -36.62 -3.28
C GLU D 68 -9.62 -37.52 -3.38
N PRO D 69 -10.66 -37.08 -4.10
CA PRO D 69 -11.88 -37.89 -4.18
C PRO D 69 -11.69 -39.18 -4.94
N SER D 70 -10.56 -39.33 -5.62
CA SER D 70 -10.27 -40.53 -6.39
C SER D 70 -9.72 -41.66 -5.54
N LYS D 71 -9.41 -41.41 -4.29
CA LYS D 71 -8.65 -42.37 -3.51
C LYS D 71 -9.43 -42.91 -2.32
N PRO D 72 -8.97 -44.01 -1.68
CA PRO D 72 -9.70 -44.55 -0.53
C PRO D 72 -9.67 -43.61 0.65
N GLU D 73 -10.36 -43.99 1.73
CA GLU D 73 -10.37 -43.17 2.93
C GLU D 73 -8.99 -43.14 3.57
N LYS D 74 -8.24 -44.24 3.43
CA LYS D 74 -6.83 -44.27 3.74
C LYS D 74 -6.11 -45.03 2.64
N TRP D 75 -4.85 -44.66 2.42
CA TRP D 75 -4.02 -45.35 1.46
C TRP D 75 -2.57 -45.09 1.83
N GLU D 76 -1.66 -45.59 1.00
CA GLU D 76 -0.25 -45.33 1.19
C GLU D 76 0.40 -45.22 -0.17
N GLU D 77 1.43 -44.39 -0.24
CA GLU D 77 2.20 -44.19 -1.47
C GLU D 77 3.62 -43.94 -1.01
N GLU D 78 4.56 -44.70 -1.57
CA GLU D 78 5.88 -44.86 -0.95
C GLU D 78 5.60 -45.44 0.44
N GLY D 79 6.27 -44.98 1.47
CA GLY D 79 6.05 -45.48 2.82
C GLY D 79 5.07 -44.62 3.60
N ILE D 80 4.85 -43.42 3.07
CA ILE D 80 4.04 -42.42 3.75
C ILE D 80 2.58 -42.84 3.75
N LYS D 81 1.95 -42.78 4.91
CA LYS D 81 0.55 -43.18 5.05
C LYS D 81 -0.34 -41.94 4.96
N TYR D 82 -1.42 -42.06 4.21
CA TYR D 82 -2.33 -40.94 3.97
C TYR D 82 -3.72 -41.26 4.47
N ILE D 83 -4.44 -40.20 4.81
CA ILE D 83 -5.87 -40.24 5.10
C ILE D 83 -6.54 -39.17 4.25
N ASN D 84 -7.76 -39.46 3.81
CA ASN D 84 -8.43 -38.60 2.84
C ASN D 84 -9.32 -37.61 3.59
N LEU D 85 -9.35 -36.37 3.09
CA LEU D 85 -10.14 -35.31 3.68
C LEU D 85 -11.39 -35.00 2.87
N PHE D 86 -11.55 -35.61 1.70
CA PHE D 86 -12.77 -35.48 0.94
C PHE D 86 -13.82 -36.44 1.49
N LYS D 87 -14.95 -35.90 1.90
CA LYS D 87 -16.09 -36.73 2.21
C LYS D 87 -17.31 -36.06 1.59
N PRO D 88 -17.98 -36.71 0.65
CA PRO D 88 -18.97 -36.01 -0.17
C PRO D 88 -20.17 -35.55 0.67
N THR D 89 -20.80 -34.49 0.19
CA THR D 89 -22.00 -33.99 0.85
C THR D 89 -23.18 -34.87 0.47
N PRO D 90 -24.24 -34.84 1.29
CA PRO D 90 -25.43 -35.68 0.97
C PRO D 90 -25.87 -35.68 -0.49
N LEU D 91 -26.05 -34.52 -1.10
CA LEU D 91 -26.63 -34.49 -2.44
C LEU D 91 -25.62 -34.86 -3.53
N MET D 92 -24.44 -35.33 -3.15
CA MET D 92 -23.58 -35.99 -4.11
C MET D 92 -23.77 -37.50 -4.09
N LYS D 93 -24.18 -38.07 -2.97
CA LYS D 93 -24.57 -39.48 -2.90
C LYS D 93 -26.10 -39.55 -2.98
N VAL D 94 -26.61 -39.47 -4.21
CA VAL D 94 -28.05 -39.37 -4.44
C VAL D 94 -28.36 -40.08 -5.76
N LYS D 95 -29.53 -40.71 -5.82
CA LYS D 95 -29.81 -41.55 -6.99
C LYS D 95 -30.17 -40.69 -8.19
N PRO D 96 -29.60 -40.97 -9.36
CA PRO D 96 -29.84 -40.13 -10.52
C PRO D 96 -31.29 -40.08 -10.97
N VAL D 97 -31.57 -39.10 -11.82
CA VAL D 97 -32.86 -38.86 -12.42
C VAL D 97 -32.62 -38.44 -13.87
N LYS D 98 -33.47 -38.89 -14.78
CA LYS D 98 -33.24 -38.60 -16.18
C LYS D 98 -33.66 -37.20 -16.60
N GLU D 99 -34.52 -36.53 -15.85
CA GLU D 99 -35.00 -35.22 -16.26
C GLU D 99 -35.07 -34.25 -15.08
N MET D 100 -34.76 -33.01 -15.36
CA MET D 100 -34.54 -31.97 -14.38
C MET D 100 -35.86 -31.37 -13.90
N PRO D 101 -35.93 -30.96 -12.62
CA PRO D 101 -37.16 -30.31 -12.12
C PRO D 101 -37.51 -29.11 -12.96
N GLU D 102 -38.81 -28.86 -13.14
CA GLU D 102 -39.22 -27.94 -14.19
C GLU D 102 -38.80 -26.51 -13.91
N ILE D 103 -38.95 -26.05 -12.66
CA ILE D 103 -38.64 -24.65 -12.38
C ILE D 103 -37.14 -24.41 -12.47
N VAL D 104 -36.31 -25.43 -12.22
CA VAL D 104 -34.88 -25.27 -12.42
C VAL D 104 -34.55 -25.23 -13.91
N LYS D 105 -35.35 -25.92 -14.74
CA LYS D 105 -35.08 -25.88 -16.17
C LYS D 105 -35.42 -24.53 -16.78
N ASN D 106 -36.41 -23.81 -16.22
CA ASN D 106 -36.72 -22.51 -16.80
C ASN D 106 -35.67 -21.48 -16.43
N LEU D 107 -34.98 -21.68 -15.31
CA LEU D 107 -33.90 -20.78 -14.94
C LEU D 107 -32.73 -20.92 -15.89
N LEU D 108 -32.33 -22.16 -16.19
CA LEU D 108 -31.20 -22.37 -17.10
C LEU D 108 -31.56 -22.01 -18.53
N LEU D 109 -32.78 -22.32 -18.98
CA LEU D 109 -33.23 -21.79 -20.26
C LEU D 109 -33.16 -20.28 -20.28
N ASN D 110 -33.59 -19.65 -19.19
CA ASN D 110 -33.56 -18.19 -19.14
C ASN D 110 -32.13 -17.68 -19.08
N LEU D 111 -31.28 -18.35 -18.31
CA LEU D 111 -29.87 -17.96 -18.24
C LEU D 111 -29.20 -18.06 -19.61
N PHE D 112 -29.41 -19.18 -20.30
CA PHE D 112 -28.77 -19.42 -21.59
C PHE D 112 -29.61 -18.94 -22.76
N ASP D 113 -30.74 -18.28 -22.51
CA ASP D 113 -31.60 -17.71 -23.56
C ASP D 113 -32.12 -18.81 -24.48
N TYR D 114 -32.64 -19.88 -23.86
CA TYR D 114 -33.24 -21.02 -24.56
C TYR D 114 -32.39 -21.51 -25.74
N ASP D 115 -31.08 -21.50 -25.58
CA ASP D 115 -30.19 -22.19 -26.50
C ASP D 115 -29.74 -23.47 -25.81
N ALA D 116 -29.91 -24.60 -26.50
CA ALA D 116 -29.65 -25.90 -25.89
C ALA D 116 -28.19 -26.32 -26.01
N LYS D 117 -27.53 -25.98 -27.12
CA LYS D 117 -26.15 -26.40 -27.30
C LYS D 117 -25.25 -25.86 -26.20
N SER D 118 -25.37 -24.55 -25.92
CA SER D 118 -24.51 -23.95 -24.92
C SER D 118 -24.95 -24.32 -23.49
N MET D 119 -26.27 -24.41 -23.26
CA MET D 119 -26.74 -24.86 -21.96
C MET D 119 -26.33 -26.30 -21.70
N GLY D 120 -26.45 -27.16 -22.69
CA GLY D 120 -26.02 -28.54 -22.53
C GLY D 120 -24.53 -28.66 -22.33
N LEU D 121 -23.76 -27.77 -22.95
CA LEU D 121 -22.32 -27.78 -22.77
C LEU D 121 -21.95 -27.37 -21.34
N PHE D 122 -22.73 -26.46 -20.75
CA PHE D 122 -22.50 -26.07 -19.37
C PHE D 122 -22.91 -27.17 -18.39
N ILE D 123 -24.03 -27.84 -18.67
CA ILE D 123 -24.46 -28.94 -17.80
C ILE D 123 -23.49 -30.11 -17.90
N ASN D 124 -23.00 -30.39 -19.11
CA ASN D 124 -21.95 -31.39 -19.27
C ASN D 124 -20.72 -31.03 -18.46
N TRP D 125 -20.37 -29.74 -18.43
CA TRP D 125 -19.27 -29.28 -17.59
C TRP D 125 -19.61 -29.46 -16.11
N LEU D 126 -20.80 -29.06 -15.70
CA LEU D 126 -21.23 -29.25 -14.31
C LEU D 126 -21.26 -30.72 -13.94
N ALA D 127 -21.89 -31.55 -14.78
CA ALA D 127 -22.00 -32.97 -14.47
C ALA D 127 -20.63 -33.60 -14.29
N PHE D 128 -19.67 -33.24 -15.13
CA PHE D 128 -18.31 -33.75 -14.97
C PHE D 128 -17.74 -33.38 -13.62
N ILE D 129 -17.94 -32.14 -13.18
CA ILE D 129 -17.49 -31.73 -11.86
C ILE D 129 -18.19 -32.57 -10.79
N TYR D 130 -19.46 -32.86 -11.00
CA TYR D 130 -20.25 -33.58 -10.00
C TYR D 130 -19.91 -35.07 -9.97
N GLN D 131 -19.74 -35.69 -11.14
CA GLN D 131 -19.50 -37.13 -11.20
C GLN D 131 -18.03 -37.49 -11.04
N TYR D 132 -17.14 -36.81 -11.77
CA TYR D 132 -15.74 -37.18 -11.81
C TYR D 132 -14.89 -36.46 -10.77
N LYS D 133 -15.30 -35.27 -10.34
CA LYS D 133 -14.62 -34.49 -9.31
C LYS D 133 -13.13 -34.31 -9.64
N GLU D 134 -12.90 -33.64 -10.76
CA GLU D 134 -11.57 -33.24 -11.16
C GLU D 134 -11.62 -31.78 -11.61
N ARG D 135 -10.45 -31.21 -11.84
CA ARG D 135 -10.35 -29.88 -12.39
C ARG D 135 -10.38 -29.93 -13.91
N THR D 136 -11.23 -29.09 -14.50
CA THR D 136 -11.47 -29.15 -15.94
C THR D 136 -10.52 -28.28 -16.74
N GLY D 137 -10.01 -27.20 -16.15
CA GLY D 137 -9.21 -26.28 -16.91
C GLY D 137 -10.00 -25.35 -17.79
N VAL D 138 -11.30 -25.17 -17.50
CA VAL D 138 -12.15 -24.24 -18.21
C VAL D 138 -13.06 -23.56 -17.21
N ALA D 139 -13.32 -22.27 -17.41
CA ALA D 139 -14.15 -21.48 -16.51
C ALA D 139 -15.27 -20.83 -17.29
N TRP D 140 -16.39 -20.59 -16.62
CA TRP D 140 -17.59 -20.03 -17.24
C TRP D 140 -17.84 -18.64 -16.69
N ILE D 141 -17.96 -17.67 -17.61
CA ILE D 141 -18.25 -16.28 -17.27
C ILE D 141 -19.70 -16.01 -17.66
N PHE D 142 -20.54 -15.75 -16.66
CA PHE D 142 -21.91 -15.30 -16.87
C PHE D 142 -21.95 -13.79 -16.74
N MET D 143 -22.55 -13.12 -17.72
CA MET D 143 -22.44 -11.67 -17.83
C MET D 143 -23.81 -11.08 -18.12
N GLY D 144 -23.85 -9.77 -18.30
CA GLY D 144 -25.02 -9.06 -18.80
C GLY D 144 -25.57 -8.06 -17.82
N LYS D 145 -26.80 -8.28 -17.38
CA LYS D 145 -27.50 -7.41 -16.45
C LYS D 145 -27.90 -8.22 -15.21
N GLN D 146 -28.68 -7.59 -14.33
CA GLN D 146 -28.93 -8.12 -13.01
C GLN D 146 -30.35 -8.66 -12.91
N GLY D 147 -30.53 -9.66 -12.05
CA GLY D 147 -31.78 -10.37 -11.98
C GLY D 147 -31.96 -11.42 -13.05
N THR D 148 -30.89 -11.86 -13.70
CA THR D 148 -31.00 -12.86 -14.75
C THR D 148 -30.95 -14.28 -14.22
N GLY D 149 -30.54 -14.46 -12.96
CA GLY D 149 -30.51 -15.78 -12.34
C GLY D 149 -29.12 -16.31 -12.04
N LYS D 150 -28.06 -15.58 -12.38
CA LYS D 150 -26.71 -16.10 -12.13
C LYS D 150 -26.44 -16.26 -10.64
N GLY D 151 -26.87 -15.30 -9.83
CA GLY D 151 -26.68 -15.44 -8.40
C GLY D 151 -27.49 -16.57 -7.83
N LEU D 152 -28.66 -16.84 -8.40
CA LEU D 152 -29.48 -17.94 -7.91
C LEU D 152 -28.88 -19.28 -8.31
N LEU D 153 -28.29 -19.36 -9.50
CA LEU D 153 -27.61 -20.59 -9.91
C LEU D 153 -26.44 -20.90 -8.97
N VAL D 154 -25.87 -19.88 -8.33
CA VAL D 154 -24.75 -20.11 -7.43
C VAL D 154 -25.22 -20.54 -6.05
N ASP D 155 -26.40 -20.08 -5.60
CA ASP D 155 -26.92 -20.61 -4.35
C ASP D 155 -27.52 -21.99 -4.54
N LEU D 156 -27.93 -22.32 -5.76
CA LEU D 156 -28.40 -23.67 -6.03
C LEU D 156 -27.24 -24.66 -6.03
N LEU D 157 -26.12 -24.32 -6.68
CA LEU D 157 -24.97 -25.21 -6.65
C LEU D 157 -24.33 -25.25 -5.28
N LYS D 158 -24.47 -24.18 -4.49
CA LYS D 158 -23.89 -24.18 -3.15
C LYS D 158 -24.64 -25.10 -2.20
N LYS D 159 -25.91 -25.37 -2.47
CA LYS D 159 -26.64 -26.36 -1.68
C LYS D 159 -26.26 -27.78 -2.08
N ILE D 160 -25.82 -27.98 -3.31
CA ILE D 160 -25.36 -29.30 -3.74
C ILE D 160 -23.96 -29.57 -3.21
N PHE D 161 -23.05 -28.67 -3.52
CA PHE D 161 -21.68 -28.82 -3.11
C PHE D 161 -21.34 -28.41 -1.73
N GLU D 162 -22.10 -27.51 -1.15
CA GLU D 162 -21.86 -27.13 0.22
C GLU D 162 -20.43 -26.69 0.53
N GLU D 163 -19.71 -27.53 1.25
CA GLU D 163 -18.36 -27.29 1.70
C GLU D 163 -17.32 -27.35 0.63
N HIS D 164 -17.70 -27.83 -0.53
CA HIS D 164 -16.76 -27.94 -1.61
C HIS D 164 -16.86 -26.83 -2.59
N MET D 165 -17.65 -25.81 -2.26
CA MET D 165 -17.82 -24.68 -3.15
C MET D 165 -17.54 -23.39 -2.39
N SER D 166 -16.94 -22.43 -3.09
CA SER D 166 -16.72 -21.10 -2.56
C SER D 166 -17.70 -20.14 -3.24
N SER D 167 -18.48 -19.42 -2.43
CA SER D 167 -19.58 -18.62 -2.94
C SER D 167 -19.27 -17.14 -2.76
N ASN D 168 -19.40 -16.39 -3.84
CA ASN D 168 -19.31 -14.93 -3.81
C ASN D 168 -17.96 -14.47 -3.25
N ILE D 169 -16.88 -14.99 -3.82
CA ILE D 169 -15.54 -14.49 -3.51
C ILE D 169 -15.33 -13.20 -4.26
N THR D 170 -15.06 -12.13 -3.52
CA THR D 170 -14.89 -10.79 -4.06
C THR D 170 -13.51 -10.25 -3.71
N ASP D 171 -13.25 -9.01 -4.13
CA ASP D 171 -11.95 -8.39 -3.91
C ASP D 171 -11.55 -8.35 -2.44
N ALA D 172 -12.51 -8.47 -1.52
CA ALA D 172 -12.17 -8.47 -0.10
C ALA D 172 -11.40 -9.73 0.29
N ASN D 173 -11.77 -10.88 -0.27
CA ASN D 173 -11.09 -12.12 0.09
C ASN D 173 -9.75 -12.25 -0.62
N LEU D 174 -9.61 -11.68 -1.82
CA LEU D 174 -8.33 -11.73 -2.51
C LEU D 174 -7.28 -10.89 -1.80
N ASP D 175 -7.67 -9.71 -1.30
CA ASP D 175 -6.72 -8.86 -0.60
C ASP D 175 -6.26 -9.48 0.72
N SER D 176 -7.05 -10.38 1.28
CA SER D 176 -6.63 -11.10 2.48
C SER D 176 -5.39 -11.91 2.20
N GLN D 177 -4.53 -12.02 3.21
CA GLN D 177 -3.34 -12.86 3.13
C GLN D 177 -3.67 -14.34 3.09
N PHE D 178 -4.92 -14.71 3.30
CA PHE D 178 -5.33 -16.10 3.41
C PHE D 178 -6.03 -16.59 2.14
N ASN D 179 -6.01 -17.91 1.96
CA ASN D 179 -6.49 -18.59 0.76
C ASN D 179 -7.63 -19.58 1.02
N PRO D 180 -8.45 -19.45 2.07
CA PRO D 180 -9.35 -20.57 2.40
C PRO D 180 -10.33 -20.90 1.28
N TYR D 181 -10.67 -19.92 0.44
CA TYR D 181 -11.62 -20.15 -0.64
C TYR D 181 -11.09 -21.06 -1.74
N LEU D 182 -9.81 -21.40 -1.73
CA LEU D 182 -9.25 -22.35 -2.68
C LEU D 182 -8.84 -23.67 -2.04
N TYR D 183 -8.96 -23.80 -0.72
CA TYR D 183 -8.51 -25.01 -0.05
C TYR D 183 -9.59 -26.08 -0.16
N ASN D 184 -9.29 -27.14 -0.90
CA ASN D 184 -10.17 -28.30 -1.04
C ASN D 184 -11.56 -27.90 -1.55
N LYS D 185 -11.57 -27.26 -2.72
CA LYS D 185 -12.81 -26.83 -3.37
C LYS D 185 -12.90 -27.40 -4.78
N LEU D 186 -14.10 -27.87 -5.14
CA LEU D 186 -14.40 -28.31 -6.49
C LEU D 186 -14.97 -27.19 -7.36
N ILE D 187 -15.65 -26.22 -6.76
CA ILE D 187 -16.17 -25.07 -7.48
C ILE D 187 -15.80 -23.81 -6.71
N VAL D 188 -15.36 -22.78 -7.41
CA VAL D 188 -15.02 -21.49 -6.82
C VAL D 188 -15.70 -20.41 -7.66
N HIS D 189 -16.59 -19.65 -7.02
CA HIS D 189 -17.35 -18.60 -7.67
C HIS D 189 -16.77 -17.23 -7.33
N LEU D 190 -16.54 -16.42 -8.35
CA LEU D 190 -16.04 -15.06 -8.18
C LEU D 190 -17.10 -14.08 -8.67
N ASN D 191 -17.33 -13.02 -7.91
CA ASN D 191 -18.35 -12.03 -8.25
C ASN D 191 -17.64 -10.77 -8.72
N GLU D 192 -17.71 -10.52 -10.03
CA GLU D 192 -17.17 -9.33 -10.71
C GLU D 192 -15.68 -9.48 -10.97
N VAL D 204 -5.66 -8.92 -11.84
CA VAL D 204 -6.01 -10.29 -11.47
C VAL D 204 -6.42 -11.05 -12.74
N LYS D 205 -5.89 -10.59 -13.88
CA LYS D 205 -6.07 -11.29 -15.14
C LYS D 205 -5.18 -12.52 -15.20
N ASN D 206 -3.96 -12.43 -14.68
CA ASN D 206 -3.05 -13.55 -14.70
C ASN D 206 -3.14 -14.41 -13.45
N ARG D 207 -3.51 -13.82 -12.32
CA ARG D 207 -3.69 -14.58 -11.09
C ARG D 207 -4.79 -15.63 -11.27
N LEU D 208 -5.84 -15.28 -12.02
CA LEU D 208 -6.99 -16.16 -12.24
C LEU D 208 -6.79 -17.10 -13.42
N LYS D 209 -6.22 -16.60 -14.53
CA LYS D 209 -5.97 -17.47 -15.67
C LYS D 209 -5.00 -18.61 -15.33
N THR D 210 -4.20 -18.43 -14.27
CA THR D 210 -3.30 -19.48 -13.83
C THR D 210 -4.02 -20.49 -12.93
N TRP D 211 -4.89 -20.02 -12.04
CA TRP D 211 -5.59 -20.91 -11.13
C TRP D 211 -6.41 -21.96 -11.88
N ILE D 212 -6.90 -21.61 -13.07
CA ILE D 212 -7.76 -22.52 -13.80
C ILE D 212 -7.00 -23.78 -14.23
N THR D 213 -5.70 -23.65 -14.51
CA THR D 213 -4.93 -24.77 -15.03
C THR D 213 -3.83 -25.21 -14.10
N ASP D 214 -3.79 -24.73 -12.87
CA ASP D 214 -2.73 -25.18 -11.99
C ASP D 214 -3.09 -26.46 -11.29
N GLU D 215 -2.06 -27.26 -11.04
CA GLU D 215 -2.24 -28.47 -10.25
C GLU D 215 -2.08 -28.23 -8.76
N THR D 216 -1.29 -27.24 -8.34
CA THR D 216 -0.97 -27.04 -6.93
C THR D 216 -1.12 -25.58 -6.55
N LEU D 217 -1.77 -25.32 -5.41
CA LEU D 217 -1.83 -23.97 -4.88
C LEU D 217 -1.18 -23.91 -3.51
N TYR D 218 -0.60 -22.77 -3.18
CA TYR D 218 -0.05 -22.54 -1.87
C TYR D 218 -1.18 -21.99 -1.00
N ILE D 219 -1.67 -22.82 -0.10
CA ILE D 219 -2.82 -22.49 0.73
C ILE D 219 -2.34 -22.00 2.08
N ASN D 220 -2.65 -20.74 2.38
CA ASN D 220 -2.36 -20.11 3.66
C ASN D 220 -3.70 -19.81 4.33
N ARG D 221 -3.90 -20.38 5.50
CA ARG D 221 -5.11 -20.22 6.30
C ARG D 221 -4.71 -19.80 7.71
N LYS D 222 -5.67 -19.24 8.45
CA LYS D 222 -5.39 -18.41 9.61
C LYS D 222 -4.43 -19.03 10.62
N ASN D 223 -4.86 -20.05 11.33
CA ASN D 223 -3.98 -20.65 12.31
C ASN D 223 -3.47 -22.00 11.80
N MET D 224 -3.02 -22.03 10.55
CA MET D 224 -2.46 -23.23 9.97
C MET D 224 -1.23 -22.85 9.15
N LYS D 225 -0.37 -23.83 8.91
CA LYS D 225 0.87 -23.56 8.19
C LYS D 225 0.57 -23.37 6.72
N GLU D 226 1.44 -22.63 6.03
CA GLU D 226 1.24 -22.42 4.61
C GLU D 226 1.80 -23.62 3.87
N VAL D 227 0.94 -24.27 3.09
CA VAL D 227 1.13 -25.65 2.66
C VAL D 227 0.68 -25.76 1.21
N GLU D 228 1.37 -26.57 0.43
CA GLU D 228 1.05 -26.73 -0.98
C GLU D 228 0.18 -27.96 -1.15
N ILE D 229 -1.01 -27.78 -1.72
CA ILE D 229 -2.02 -28.81 -1.85
C ILE D 229 -2.38 -28.95 -3.32
N LYS D 230 -3.11 -30.02 -3.63
CA LYS D 230 -3.54 -30.27 -5.00
C LYS D 230 -4.77 -29.44 -5.31
N ASN D 231 -4.89 -29.02 -6.57
CA ASN D 231 -5.88 -28.03 -6.98
C ASN D 231 -7.02 -28.74 -7.71
N PHE D 232 -8.24 -28.54 -7.20
CA PHE D 232 -9.43 -29.11 -7.82
C PHE D 232 -10.44 -28.05 -8.22
N CYS D 233 -10.04 -26.78 -8.28
CA CYS D 233 -11.02 -25.71 -8.47
C CYS D 233 -11.45 -25.59 -9.92
N ASN D 234 -12.76 -25.45 -10.10
CA ASN D 234 -13.37 -25.04 -11.36
C ASN D 234 -14.11 -23.73 -11.08
N PHE D 235 -13.95 -22.76 -11.96
CA PHE D 235 -14.33 -21.39 -11.67
C PHE D 235 -15.58 -20.98 -12.43
N ILE D 236 -16.53 -20.40 -11.72
CA ILE D 236 -17.67 -19.70 -12.29
C ILE D 236 -17.50 -18.23 -11.98
N ILE D 237 -17.69 -17.37 -12.98
CA ILE D 237 -17.41 -15.94 -12.86
C ILE D 237 -18.66 -15.18 -13.28
N ASN D 238 -19.24 -14.41 -12.35
CA ASN D 238 -20.33 -13.49 -12.67
C ASN D 238 -19.81 -12.06 -12.69
N SER D 239 -20.30 -11.25 -13.63
CA SER D 239 -19.87 -9.88 -13.80
C SER D 239 -20.94 -9.11 -14.56
N ASN D 240 -21.21 -7.87 -14.14
CA ASN D 240 -22.15 -7.03 -14.87
C ASN D 240 -21.45 -5.92 -15.62
N GLU D 241 -20.14 -5.99 -15.77
CA GLU D 241 -19.41 -5.05 -16.60
C GLU D 241 -19.32 -5.58 -18.01
N THR D 242 -19.11 -4.66 -18.96
CA THR D 242 -19.18 -5.04 -20.36
C THR D 242 -17.97 -5.86 -20.78
N ILE D 243 -16.80 -5.51 -20.29
CA ILE D 243 -15.58 -6.28 -20.52
C ILE D 243 -15.05 -6.77 -19.18
N PRO D 244 -15.41 -7.98 -18.73
CA PRO D 244 -15.01 -8.41 -17.39
C PRO D 244 -13.55 -8.82 -17.31
N VAL D 245 -13.02 -9.45 -18.35
CA VAL D 245 -11.63 -9.90 -18.36
C VAL D 245 -11.06 -9.72 -19.75
N ASP D 246 -9.73 -9.68 -19.81
CA ASP D 246 -9.01 -9.63 -21.08
C ASP D 246 -8.86 -11.06 -21.60
N ILE D 247 -9.35 -11.30 -22.82
CA ILE D 247 -9.31 -12.63 -23.43
C ILE D 247 -8.53 -12.55 -24.73
N GLU D 248 -7.52 -13.41 -24.85
CA GLU D 248 -6.77 -13.51 -26.10
C GLU D 248 -7.53 -14.40 -27.08
N ASP D 249 -7.23 -14.24 -28.36
CA ASP D 249 -8.01 -14.94 -29.37
C ASP D 249 -7.73 -16.43 -29.37
N SER D 250 -6.55 -16.83 -28.93
CA SER D 250 -6.18 -18.24 -28.83
C SER D 250 -6.58 -18.87 -27.51
N ASP D 251 -7.57 -18.30 -26.83
CA ASP D 251 -7.86 -18.70 -25.46
C ASP D 251 -8.47 -20.10 -25.41
N ARG D 252 -8.16 -20.82 -24.33
CA ARG D 252 -8.64 -22.18 -24.12
C ARG D 252 -9.18 -22.39 -22.72
N ARG D 253 -9.51 -21.31 -22.01
CA ARG D 253 -9.94 -21.39 -20.62
C ARG D 253 -11.32 -20.84 -20.33
N PHE D 254 -11.91 -20.05 -21.23
CA PHE D 254 -13.12 -19.30 -20.90
C PHE D 254 -14.26 -19.61 -21.86
N ASN D 255 -15.43 -19.86 -21.29
CA ASN D 255 -16.70 -19.82 -21.99
C ASN D 255 -17.50 -18.63 -21.47
N VAL D 256 -18.09 -17.86 -22.39
CA VAL D 256 -18.74 -16.60 -22.05
C VAL D 256 -20.21 -16.69 -22.40
N ILE D 257 -21.07 -16.34 -21.45
CA ILE D 257 -22.52 -16.34 -21.63
C ILE D 257 -23.04 -15.00 -21.14
N GLU D 258 -23.65 -14.23 -22.03
CA GLU D 258 -24.28 -12.96 -21.67
C GLU D 258 -25.79 -13.14 -21.65
N CYS D 259 -26.42 -12.80 -20.53
CA CYS D 259 -27.86 -12.95 -20.36
C CYS D 259 -28.51 -11.62 -20.04
N ASN D 260 -29.53 -11.26 -20.83
CA ASN D 260 -30.29 -10.03 -20.62
C ASN D 260 -31.77 -10.29 -20.40
N ASN D 261 -32.12 -11.46 -19.86
CA ASN D 261 -33.52 -11.73 -19.51
C ASN D 261 -33.65 -11.69 -18.00
N VAL D 262 -34.30 -10.64 -17.49
CA VAL D 262 -34.51 -10.47 -16.06
C VAL D 262 -35.68 -11.35 -15.66
N LEU D 263 -35.59 -12.04 -14.52
CA LEU D 263 -36.57 -13.07 -14.19
C LEU D 263 -37.91 -12.48 -13.74
N LYS D 264 -37.90 -11.27 -13.17
CA LYS D 264 -39.18 -10.69 -12.78
C LYS D 264 -40.05 -10.39 -13.99
N GLU D 265 -39.45 -10.25 -15.18
CA GLU D 265 -40.19 -9.89 -16.38
C GLU D 265 -40.73 -11.11 -17.13
N GLN D 266 -40.52 -12.31 -16.61
CA GLN D 266 -40.92 -13.52 -17.32
C GLN D 266 -42.24 -14.04 -16.78
N GLU D 267 -42.96 -14.76 -17.64
CA GLU D 267 -44.31 -15.20 -17.31
C GLU D 267 -44.32 -16.11 -16.08
N TRP D 268 -43.39 -17.05 -16.02
CA TRP D 268 -43.44 -18.12 -15.04
C TRP D 268 -42.89 -17.71 -13.68
N TRP D 269 -42.48 -16.47 -13.49
CA TRP D 269 -41.84 -16.05 -12.25
C TRP D 269 -42.87 -15.59 -11.25
N THR D 270 -42.66 -15.97 -9.99
CA THR D 270 -43.42 -15.47 -8.85
C THR D 270 -42.44 -15.09 -7.74
N THR D 271 -42.97 -14.52 -6.66
CA THR D 271 -42.15 -14.24 -5.48
C THR D 271 -41.47 -15.50 -4.98
N GLU D 272 -42.24 -16.59 -4.86
CA GLU D 272 -41.75 -17.84 -4.30
C GLU D 272 -40.84 -18.62 -5.25
N SER D 273 -40.72 -18.22 -6.51
CA SER D 273 -39.88 -18.98 -7.43
C SER D 273 -38.42 -18.99 -6.99
N TYR D 274 -37.96 -17.90 -6.37
CA TYR D 274 -36.56 -17.87 -5.91
C TYR D 274 -36.28 -18.98 -4.91
N GLN D 275 -37.12 -19.12 -3.88
CA GLN D 275 -36.88 -20.18 -2.90
C GLN D 275 -37.51 -21.50 -3.33
N GLU D 276 -38.42 -21.50 -4.31
CA GLU D 276 -38.85 -22.77 -4.89
C GLU D 276 -37.70 -23.42 -5.65
N ILE D 277 -36.98 -22.64 -6.45
CA ILE D 277 -35.80 -23.15 -7.14
C ILE D 277 -34.77 -23.63 -6.12
N LEU D 278 -34.66 -22.94 -4.99
CA LEU D 278 -33.68 -23.32 -3.98
C LEU D 278 -34.06 -24.62 -3.29
N ASN D 279 -35.35 -24.81 -3.02
CA ASN D 279 -35.83 -26.06 -2.43
C ASN D 279 -35.85 -27.22 -3.43
N ASN D 280 -35.39 -27.00 -4.65
CA ASN D 280 -35.27 -28.04 -5.66
C ASN D 280 -33.82 -28.45 -5.89
N ALA D 281 -32.94 -28.18 -4.92
CA ALA D 281 -31.54 -28.54 -5.08
C ALA D 281 -31.38 -30.05 -5.24
N GLU D 282 -32.16 -30.83 -4.51
CA GLU D 282 -32.07 -32.28 -4.62
C GLU D 282 -32.40 -32.75 -6.03
N GLY D 283 -33.49 -32.23 -6.60
CA GLY D 283 -33.87 -32.65 -7.95
C GLY D 283 -32.80 -32.30 -8.96
N PHE D 284 -32.19 -31.13 -8.82
CA PHE D 284 -31.13 -30.73 -9.75
C PHE D 284 -29.88 -31.58 -9.59
N ALA D 285 -29.53 -31.92 -8.35
CA ALA D 285 -28.37 -32.78 -8.12
C ALA D 285 -28.57 -34.16 -8.74
N LYS D 286 -29.74 -34.75 -8.55
CA LYS D 286 -30.01 -36.07 -9.12
C LYS D 286 -29.96 -36.04 -10.64
N TYR D 287 -30.33 -34.91 -11.25
CA TYR D 287 -30.23 -34.80 -12.69
C TYR D 287 -28.77 -34.82 -13.14
N LEU D 288 -27.91 -34.06 -12.47
CA LEU D 288 -26.49 -34.06 -12.83
C LEU D 288 -25.88 -35.45 -12.66
N ALA D 289 -26.26 -36.15 -11.58
CA ALA D 289 -25.76 -37.51 -11.38
C ALA D 289 -26.11 -38.42 -12.54
N GLY D 290 -27.18 -38.12 -13.27
CA GLY D 290 -27.65 -38.97 -14.33
C GLY D 290 -27.28 -38.54 -15.73
N ILE D 291 -26.65 -37.38 -15.86
CA ILE D 291 -26.19 -36.93 -17.17
C ILE D 291 -25.13 -37.90 -17.68
N LYS D 292 -25.21 -38.23 -18.96
CA LYS D 292 -24.14 -38.95 -19.63
C LYS D 292 -23.10 -37.94 -20.07
N VAL D 293 -21.96 -37.91 -19.39
CA VAL D 293 -20.95 -36.91 -19.68
C VAL D 293 -20.18 -37.30 -20.93
N ASP D 294 -19.92 -36.30 -21.77
CA ASP D 294 -19.03 -36.43 -22.91
C ASP D 294 -17.76 -35.69 -22.51
N ARG D 295 -16.69 -36.42 -22.26
CA ARG D 295 -15.51 -35.78 -21.68
C ARG D 295 -14.69 -35.05 -22.71
N SER D 296 -14.86 -35.37 -23.99
CA SER D 296 -14.20 -34.56 -25.00
C SER D 296 -14.74 -33.14 -25.00
N LYS D 297 -15.87 -32.87 -24.34
CA LYS D 297 -16.48 -31.56 -24.33
C LYS D 297 -16.47 -30.89 -22.96
N VAL D 298 -15.70 -31.38 -21.99
CA VAL D 298 -15.63 -30.66 -20.73
C VAL D 298 -14.64 -29.51 -20.83
N ASN D 299 -13.49 -29.74 -21.46
CA ASN D 299 -12.53 -28.67 -21.70
C ASN D 299 -12.74 -28.03 -23.07
N GLU D 300 -13.93 -28.17 -23.64
CA GLU D 300 -14.23 -27.51 -24.90
C GLU D 300 -14.66 -26.09 -24.62
N VAL D 301 -14.07 -25.14 -25.34
CA VAL D 301 -14.52 -23.76 -25.29
C VAL D 301 -15.04 -23.39 -26.67
N VAL D 302 -16.07 -22.55 -26.67
CA VAL D 302 -16.68 -22.05 -27.90
C VAL D 302 -16.55 -20.53 -27.88
N MET D 303 -16.34 -19.94 -29.06
CA MET D 303 -16.16 -18.49 -29.16
C MET D 303 -17.51 -17.91 -29.55
N SER D 304 -18.35 -17.68 -28.55
CA SER D 304 -19.61 -17.01 -28.77
C SER D 304 -19.36 -15.59 -29.26
N GLU D 305 -20.38 -14.99 -29.89
CA GLU D 305 -20.22 -13.65 -30.40
C GLU D 305 -19.97 -12.65 -29.28
N LYS D 306 -20.29 -13.02 -28.04
CA LYS D 306 -19.91 -12.17 -26.92
C LYS D 306 -18.44 -12.35 -26.57
N LYS D 307 -17.92 -13.58 -26.67
CA LYS D 307 -16.50 -13.78 -26.44
C LYS D 307 -15.68 -13.07 -27.51
N LYS D 308 -16.08 -13.20 -28.77
CA LYS D 308 -15.36 -12.51 -29.85
C LYS D 308 -15.41 -11.00 -29.68
N ALA D 309 -16.48 -10.48 -29.07
CA ALA D 309 -16.51 -9.06 -28.74
C ALA D 309 -15.45 -8.71 -27.72
N ILE D 310 -15.36 -9.51 -26.65
CA ILE D 310 -14.34 -9.30 -25.63
C ILE D 310 -12.94 -9.39 -26.21
N VAL D 311 -12.72 -10.32 -27.14
CA VAL D 311 -11.38 -10.49 -27.69
C VAL D 311 -10.95 -9.27 -28.49
N GLU D 312 -11.80 -8.81 -29.41
CA GLU D 312 -11.41 -7.72 -30.29
C GLU D 312 -11.59 -6.34 -29.66
N THR D 313 -12.26 -6.26 -28.52
CA THR D 313 -12.20 -5.04 -27.73
C THR D 313 -10.86 -4.95 -26.99
N THR D 314 -10.28 -6.10 -26.65
CA THR D 314 -9.09 -6.19 -25.81
C THR D 314 -7.78 -6.12 -26.57
N GLU D 315 -7.68 -6.70 -27.76
CA GLU D 315 -6.39 -6.81 -28.42
C GLU D 315 -5.97 -5.46 -28.99
N SER D 316 -4.66 -5.19 -28.90
CA SER D 316 -4.12 -3.88 -29.20
C SER D 316 -4.35 -3.50 -30.66
N VAL D 317 -4.54 -2.19 -30.89
CA VAL D 317 -4.69 -1.69 -32.25
C VAL D 317 -3.39 -1.86 -33.02
N LEU D 318 -2.26 -1.74 -32.34
CA LEU D 318 -0.97 -1.89 -33.00
C LEU D 318 -0.73 -3.33 -33.42
N LYS D 319 -1.26 -4.29 -32.67
CA LYS D 319 -1.19 -5.69 -33.10
C LYS D 319 -2.07 -5.92 -34.32
N GLN D 320 -3.25 -5.30 -34.37
CA GLN D 320 -4.12 -5.50 -35.52
C GLN D 320 -3.55 -4.81 -36.77
N ILE D 321 -2.97 -3.63 -36.61
CA ILE D 321 -2.25 -3.01 -37.73
C ILE D 321 -1.12 -3.91 -38.19
N ALA D 322 -0.31 -4.40 -37.24
CA ALA D 322 0.85 -5.20 -37.59
C ALA D 322 0.45 -6.47 -38.33
N LYS D 323 -0.69 -7.05 -37.97
CA LYS D 323 -1.11 -8.28 -38.63
C LYS D 323 -1.79 -7.99 -39.96
N ALA D 324 -2.50 -6.87 -40.07
CA ALA D 324 -3.01 -6.43 -41.36
C ALA D 324 -1.86 -6.20 -42.34
N LEU D 325 -0.84 -5.47 -41.91
CA LEU D 325 0.37 -5.31 -42.71
C LEU D 325 0.95 -6.66 -43.13
N THR D 326 0.98 -7.62 -42.21
CA THR D 326 1.58 -8.92 -42.50
C THR D 326 0.77 -9.68 -43.56
N ASP D 327 -0.56 -9.74 -43.39
CA ASP D 327 -1.41 -10.46 -44.33
C ASP D 327 -1.78 -9.64 -45.56
N ARG D 328 -1.22 -8.43 -45.70
CA ARG D 328 -1.53 -7.53 -46.80
C ARG D 328 -3.03 -7.36 -46.98
N ASP D 329 -3.75 -7.24 -45.87
CA ASP D 329 -5.20 -7.22 -45.93
C ASP D 329 -5.59 -5.75 -46.10
N ILE D 330 -5.69 -5.32 -47.36
CA ILE D 330 -6.13 -3.97 -47.64
C ILE D 330 -7.54 -3.74 -47.14
N GLU D 331 -8.34 -4.79 -47.03
CA GLU D 331 -9.74 -4.60 -46.66
C GLU D 331 -9.90 -4.31 -45.17
N TRP D 332 -8.95 -4.78 -44.34
CA TRP D 332 -8.97 -4.38 -42.94
C TRP D 332 -8.78 -2.88 -42.79
N PHE D 333 -7.83 -2.32 -43.55
CA PHE D 333 -7.56 -0.88 -43.46
C PHE D 333 -8.78 -0.06 -43.89
N LEU D 334 -9.45 -0.47 -44.95
CA LEU D 334 -10.62 0.29 -45.38
C LEU D 334 -11.83 0.00 -44.51
N ASP D 335 -11.90 -1.19 -43.92
CA ASP D 335 -12.89 -1.43 -42.88
C ASP D 335 -12.71 -0.44 -41.73
N ASN D 336 -11.48 -0.01 -41.48
CA ASN D 336 -11.17 0.96 -40.45
C ASN D 336 -11.02 2.36 -41.01
N GLY D 337 -11.59 2.63 -42.18
CA GLY D 337 -11.72 4.00 -42.64
C GLY D 337 -10.48 4.58 -43.29
N LEU D 338 -9.64 3.75 -43.91
CA LEU D 338 -8.41 4.27 -44.51
C LEU D 338 -8.71 5.21 -45.67
N GLU D 339 -9.84 5.03 -46.34
CA GLU D 339 -10.14 5.85 -47.52
C GLU D 339 -10.39 7.31 -47.16
N GLY D 340 -10.62 7.61 -45.89
CA GLY D 340 -10.72 9.00 -45.45
C GLY D 340 -9.51 9.81 -45.87
N VAL D 341 -8.39 9.12 -46.08
CA VAL D 341 -7.18 9.71 -46.61
C VAL D 341 -7.45 10.45 -47.93
N VAL D 342 -8.42 9.98 -48.70
CA VAL D 342 -8.76 10.62 -49.97
C VAL D 342 -9.80 11.73 -49.82
N GLU D 343 -10.73 11.58 -48.87
CA GLU D 343 -11.79 12.58 -48.73
C GLU D 343 -11.28 13.85 -48.07
N LYS D 344 -10.18 13.75 -47.31
CA LYS D 344 -9.47 14.90 -46.76
C LYS D 344 -8.35 15.39 -47.68
N ASN D 345 -8.27 14.85 -48.91
CA ASN D 345 -7.26 15.21 -49.90
C ASN D 345 -5.86 15.26 -49.30
N ILE D 346 -5.56 14.27 -48.46
CA ILE D 346 -4.20 14.01 -48.04
C ILE D 346 -3.43 13.38 -49.20
N VAL D 347 -4.16 12.79 -50.13
CA VAL D 347 -3.60 11.97 -51.19
C VAL D 347 -4.43 12.21 -52.44
N ASN D 348 -3.74 12.29 -53.58
CA ASN D 348 -4.37 12.34 -54.90
C ASN D 348 -5.13 11.04 -55.18
N ASP D 349 -5.69 10.95 -56.39
CA ASP D 349 -6.27 9.68 -56.83
C ASP D 349 -5.23 8.66 -57.29
N PHE D 350 -3.96 9.03 -57.36
CA PHE D 350 -2.93 8.19 -57.97
C PHE D 350 -2.04 7.48 -56.96
N GLN D 351 -1.54 8.18 -55.94
CA GLN D 351 -0.88 7.46 -54.84
C GLN D 351 -1.89 6.75 -53.98
N TRP D 352 -3.17 7.12 -54.06
CA TRP D 352 -4.19 6.32 -53.39
C TRP D 352 -4.22 4.93 -53.99
N GLU D 353 -3.72 4.79 -55.21
CA GLU D 353 -3.52 3.48 -55.80
C GLU D 353 -2.14 2.92 -55.50
N GLU D 354 -1.12 3.76 -55.32
CA GLU D 354 0.15 3.23 -54.84
C GLU D 354 0.06 2.82 -53.38
N LEU D 355 -0.67 3.57 -52.56
CA LEU D 355 -0.76 3.26 -51.15
C LEU D 355 -1.44 1.91 -50.91
N GLN D 356 -2.48 1.59 -51.69
CA GLN D 356 -3.13 0.30 -51.48
C GLN D 356 -2.30 -0.84 -52.02
N GLU D 357 -1.71 -0.67 -53.21
CA GLU D 357 -0.84 -1.74 -53.71
C GLU D 357 0.43 -1.86 -52.88
N ALA D 358 0.88 -0.76 -52.27
CA ALA D 358 1.98 -0.87 -51.32
C ALA D 358 1.60 -1.77 -50.17
N ILE D 359 0.35 -1.68 -49.71
CA ILE D 359 -0.12 -2.57 -48.66
C ILE D 359 -0.26 -3.99 -49.20
N THR D 360 -0.89 -4.14 -50.35
CA THR D 360 -1.13 -5.46 -50.93
C THR D 360 0.17 -6.13 -51.33
N THR D 361 1.14 -5.38 -51.84
CA THR D 361 2.42 -5.96 -52.20
C THR D 361 3.28 -6.27 -50.99
N GLY D 362 3.03 -5.62 -49.86
CA GLY D 362 3.90 -5.78 -48.72
C GLY D 362 5.19 -5.00 -48.84
N VAL D 363 5.16 -3.90 -49.58
CA VAL D 363 6.32 -3.01 -49.76
C VAL D 363 5.82 -1.58 -49.64
N ILE D 364 6.01 -0.98 -48.49
CA ILE D 364 5.38 0.30 -48.18
C ILE D 364 6.45 1.36 -47.98
N PRO D 365 6.54 2.35 -48.86
CA PRO D 365 7.47 3.46 -48.62
C PRO D 365 7.13 4.20 -47.33
N ASN D 366 8.19 4.67 -46.65
CA ASN D 366 8.01 5.44 -45.43
C ASN D 366 6.97 6.54 -45.61
N LYS D 367 6.95 7.15 -46.79
CA LYS D 367 5.98 8.21 -47.08
C LYS D 367 4.55 7.73 -46.86
N TYR D 368 4.19 6.55 -47.36
CA TYR D 368 2.82 6.07 -47.19
C TYR D 368 2.61 5.39 -45.85
N LEU D 369 3.66 4.81 -45.28
CA LEU D 369 3.52 4.16 -43.98
C LEU D 369 3.03 5.15 -42.93
N MET D 370 3.56 6.37 -42.93
CA MET D 370 3.07 7.36 -41.97
C MET D 370 1.65 7.82 -42.29
N ILE D 371 1.30 7.90 -43.57
CA ILE D 371 -0.06 8.28 -43.94
C ILE D 371 -1.06 7.24 -43.45
N ILE D 372 -0.73 5.95 -43.63
CA ILE D 372 -1.64 4.88 -43.21
C ILE D 372 -1.81 4.89 -41.70
N VAL D 373 -0.71 4.93 -40.96
CA VAL D 373 -0.78 4.86 -39.51
C VAL D 373 -1.48 6.09 -38.94
N GLU D 374 -1.25 7.27 -39.53
CA GLU D 374 -1.90 8.45 -38.96
C GLU D 374 -3.41 8.42 -39.15
N GLN D 375 -3.90 7.82 -40.22
CA GLN D 375 -5.36 7.82 -40.39
C GLN D 375 -6.02 6.73 -39.55
N ILE D 376 -5.32 5.64 -39.26
CA ILE D 376 -5.88 4.62 -38.38
C ILE D 376 -5.85 5.10 -36.93
N LEU D 377 -4.69 5.58 -36.47
CA LEU D 377 -4.55 5.92 -35.05
C LEU D 377 -5.11 7.29 -34.71
N GLY D 378 -5.12 8.22 -35.66
CA GLY D 378 -5.70 9.53 -35.43
C GLY D 378 -4.75 10.56 -34.86
N ASP D 379 -3.45 10.29 -34.87
CA ASP D 379 -2.43 11.30 -34.63
C ASP D 379 -1.24 10.97 -35.51
N SER D 380 -0.48 11.99 -35.88
CA SER D 380 0.70 11.75 -36.70
C SER D 380 1.76 11.08 -35.85
N LYS D 381 2.26 9.94 -36.33
CA LYS D 381 3.35 9.23 -35.69
C LYS D 381 4.58 9.23 -36.59
N THR D 382 5.74 9.23 -35.96
CA THR D 382 7.00 9.21 -36.68
C THR D 382 7.36 7.80 -37.09
N ILE D 383 8.31 7.69 -38.02
CA ILE D 383 8.78 6.37 -38.43
C ILE D 383 9.43 5.65 -37.26
N THR D 384 10.18 6.37 -36.44
CA THR D 384 10.80 5.76 -35.27
C THR D 384 9.75 5.18 -34.34
N TRP D 385 8.63 5.88 -34.16
CA TRP D 385 7.56 5.37 -33.32
C TRP D 385 6.88 4.15 -33.95
N ILE D 386 6.64 4.20 -35.25
CA ILE D 386 5.95 3.09 -35.92
C ILE D 386 6.77 1.82 -35.81
N LYS D 387 8.09 1.91 -35.97
CA LYS D 387 8.92 0.71 -35.86
C LYS D 387 9.00 0.23 -34.41
N ARG D 388 9.05 1.14 -33.44
CA ARG D 388 9.21 0.71 -32.05
C ARG D 388 7.92 0.16 -31.47
N ASN D 389 6.76 0.43 -32.08
CA ASN D 389 5.49 -0.04 -31.53
C ASN D 389 4.66 -0.90 -32.46
N ILE D 390 4.98 -0.98 -33.75
CA ILE D 390 4.16 -1.76 -34.68
C ILE D 390 5.02 -2.74 -35.45
N ILE D 391 6.10 -2.23 -36.06
CA ILE D 391 6.89 -3.04 -36.98
C ILE D 391 7.77 -4.01 -36.21
N THR D 392 8.69 -3.49 -35.41
CA THR D 392 9.68 -4.35 -34.76
C THR D 392 9.08 -5.37 -33.81
N PRO D 393 8.17 -5.02 -32.88
CA PRO D 393 7.74 -6.03 -31.89
C PRO D 393 6.93 -7.16 -32.49
N TYR D 394 6.15 -6.91 -33.53
CA TYR D 394 5.34 -7.96 -34.14
C TYR D 394 6.01 -8.54 -35.38
N GLN D 395 7.28 -8.21 -35.62
CA GLN D 395 8.08 -8.75 -36.71
C GLN D 395 7.32 -8.67 -38.04
N VAL D 396 6.95 -7.44 -38.39
CA VAL D 396 6.25 -7.18 -39.63
C VAL D 396 7.20 -7.23 -40.81
N GLY D 397 8.44 -6.82 -40.63
CA GLY D 397 9.39 -6.83 -41.72
C GLY D 397 10.60 -5.96 -41.42
N GLU D 398 11.39 -5.72 -42.45
CA GLU D 398 12.65 -5.01 -42.34
C GLU D 398 12.56 -3.70 -43.10
N THR D 399 12.98 -2.61 -42.46
CA THR D 399 13.12 -1.34 -43.15
C THR D 399 14.41 -1.33 -43.95
N THR D 400 14.32 -0.93 -45.21
CA THR D 400 15.43 -1.10 -46.12
C THR D 400 15.22 -0.17 -47.31
N VAL D 401 16.30 0.06 -48.05
CA VAL D 401 16.22 0.85 -49.27
C VAL D 401 15.75 -0.06 -50.39
N VAL D 402 14.67 0.34 -51.06
CA VAL D 402 14.14 -0.43 -52.18
C VAL D 402 14.04 0.51 -53.37
N LYS D 403 14.34 -0.01 -54.55
CA LYS D 403 14.44 0.80 -55.77
C LYS D 403 13.11 0.70 -56.52
N MET D 404 12.28 1.71 -56.38
CA MET D 404 11.00 1.80 -57.08
C MET D 404 11.07 2.96 -58.07
N ALA D 405 10.77 2.67 -59.34
CA ALA D 405 10.84 3.64 -60.43
C ALA D 405 12.29 4.07 -60.58
N GLY D 406 12.64 5.32 -60.34
CA GLY D 406 14.02 5.74 -60.45
C GLY D 406 14.64 6.13 -59.12
N LYS D 407 13.84 6.63 -58.22
CA LYS D 407 14.44 7.05 -56.97
C LYS D 407 14.64 5.86 -56.04
N PRO D 408 15.69 5.89 -55.22
CA PRO D 408 15.82 4.89 -54.17
C PRO D 408 14.98 5.26 -52.95
N ILE D 409 13.85 4.57 -52.78
CA ILE D 409 12.85 4.93 -51.79
C ILE D 409 13.05 4.09 -50.55
N ARG D 410 13.04 4.73 -49.39
CA ARG D 410 13.06 4.03 -48.11
C ARG D 410 11.70 3.43 -47.86
N ALA D 411 11.66 2.11 -47.66
CA ALA D 411 10.40 1.40 -47.45
C ALA D 411 10.59 0.34 -46.39
N ILE D 412 9.49 -0.31 -46.03
CA ILE D 412 9.49 -1.50 -45.19
C ILE D 412 8.97 -2.66 -46.03
N VAL D 413 9.70 -3.76 -46.04
CA VAL D 413 9.37 -4.93 -46.85
C VAL D 413 8.77 -5.98 -45.93
N VAL D 414 7.47 -6.21 -46.08
CA VAL D 414 6.76 -7.17 -45.25
C VAL D 414 7.23 -8.58 -45.60
N GLY D 415 7.53 -9.37 -44.57
CA GLY D 415 8.00 -10.73 -44.77
C GLY D 415 8.80 -11.27 -43.60
N LYS E 2 23.11 -41.97 29.83
CA LYS E 2 23.93 -43.14 29.51
C LYS E 2 24.40 -43.05 28.07
N ASP E 3 23.45 -43.20 27.15
CA ASP E 3 23.71 -43.04 25.71
C ASP E 3 22.76 -41.96 25.18
N PRO E 4 23.27 -40.74 24.94
CA PRO E 4 22.36 -39.64 24.58
C PRO E 4 21.83 -39.70 23.16
N LEU E 5 22.08 -40.79 22.43
CA LEU E 5 21.53 -40.99 21.09
C LEU E 5 20.79 -42.32 21.00
N TRP E 6 20.23 -42.78 22.11
CA TRP E 6 19.50 -44.06 22.09
C TRP E 6 18.25 -43.98 21.21
N LEU E 7 17.49 -42.90 21.36
CA LEU E 7 16.25 -42.76 20.58
C LEU E 7 16.55 -42.65 19.10
N TYR E 8 17.61 -41.92 18.75
CA TYR E 8 18.01 -41.81 17.36
C TYR E 8 18.23 -43.19 16.73
N LYS E 9 18.89 -44.09 17.47
CA LYS E 9 19.20 -45.41 16.92
C LYS E 9 17.95 -46.28 16.80
N VAL E 10 17.06 -46.22 17.80
CA VAL E 10 15.89 -47.08 17.75
C VAL E 10 14.97 -46.66 16.62
N LEU E 11 14.95 -45.38 16.27
CA LEU E 11 14.14 -44.95 15.15
C LEU E 11 14.79 -45.24 13.81
N LEU E 12 16.13 -45.32 13.76
CA LEU E 12 16.80 -45.72 12.52
C LEU E 12 16.48 -47.16 12.15
N THR E 13 16.34 -48.04 13.14
CA THR E 13 15.88 -49.40 12.87
C THR E 13 14.54 -49.39 12.16
N LYS E 14 13.62 -48.55 12.62
CA LYS E 14 12.33 -48.39 11.95
C LYS E 14 12.41 -47.51 10.70
N GLY E 15 13.62 -47.20 10.23
CA GLY E 15 13.76 -46.46 9.00
C GLY E 15 13.42 -44.99 9.11
N ILE E 16 13.63 -44.39 10.29
CA ILE E 16 13.21 -43.03 10.57
C ILE E 16 14.40 -42.31 11.20
N GLU E 17 14.82 -41.21 10.59
CA GLU E 17 16.02 -40.51 11.02
C GLU E 17 15.66 -39.12 11.52
N VAL E 18 15.85 -38.90 12.82
CA VAL E 18 15.50 -37.65 13.48
C VAL E 18 16.76 -36.98 14.00
N TRP E 19 16.85 -35.66 13.81
CA TRP E 19 17.93 -34.85 14.34
C TRP E 19 17.33 -33.55 14.86
N PHE E 20 18.17 -32.70 15.44
CA PHE E 20 17.78 -31.38 15.90
C PHE E 20 18.55 -30.34 15.10
N ASP E 21 17.84 -29.36 14.56
CA ASP E 21 18.44 -28.39 13.64
C ASP E 21 18.58 -27.07 14.39
N ILE E 22 19.76 -26.86 14.98
CA ILE E 22 20.07 -25.63 15.69
C ILE E 22 19.77 -24.39 14.85
N LYS E 23 19.84 -24.53 13.53
CA LYS E 23 19.69 -23.35 12.67
C LYS E 23 18.25 -22.88 12.61
N LEU E 24 17.30 -23.80 12.64
CA LEU E 24 15.87 -23.44 12.62
C LEU E 24 15.20 -23.68 13.96
N GLU E 25 15.91 -24.23 14.95
CA GLU E 25 15.33 -24.64 16.22
C GLU E 25 14.08 -25.48 16.00
N LYS E 26 14.21 -26.45 15.11
CA LYS E 26 13.17 -27.44 14.85
C LYS E 26 13.83 -28.80 14.76
N TYR E 27 13.04 -29.84 14.94
CA TYR E 27 13.52 -31.20 14.81
C TYR E 27 13.23 -31.70 13.40
N GLY E 28 14.24 -32.24 12.73
CA GLY E 28 14.06 -32.80 11.41
C GLY E 28 13.75 -34.29 11.51
N ILE E 29 12.76 -34.72 10.73
CA ILE E 29 12.38 -36.12 10.62
C ILE E 29 12.31 -36.47 9.14
N LYS E 30 12.95 -37.57 8.76
CA LYS E 30 13.12 -37.96 7.36
C LYS E 30 12.54 -39.35 7.16
N ARG E 31 11.49 -39.46 6.36
CA ARG E 31 10.84 -40.73 6.14
C ARG E 31 10.64 -40.93 4.64
N ASN E 32 10.98 -42.11 4.15
CA ASN E 32 10.53 -42.61 2.85
C ASN E 32 10.52 -41.53 1.78
N ASN E 33 11.67 -40.87 1.62
CA ASN E 33 11.79 -39.74 0.69
C ASN E 33 10.83 -38.61 1.07
N ARG E 34 10.88 -38.21 2.33
CA ARG E 34 10.05 -37.11 2.83
C ARG E 34 10.73 -36.54 4.06
N VAL E 35 11.16 -35.29 3.98
CA VAL E 35 11.80 -34.59 5.09
C VAL E 35 10.81 -33.57 5.63
N ASP E 36 10.52 -33.67 6.92
CA ASP E 36 9.66 -32.70 7.60
C ASP E 36 10.45 -32.02 8.71
N TYR E 37 10.06 -30.78 9.02
CA TYR E 37 10.58 -30.06 10.17
C TYR E 37 9.43 -29.78 11.12
N ILE E 38 9.54 -30.29 12.35
CA ILE E 38 8.46 -30.25 13.32
C ILE E 38 8.99 -29.74 14.65
N ALA E 39 8.06 -29.30 15.51
CA ALA E 39 8.41 -28.90 16.86
C ALA E 39 8.55 -30.13 17.73
N LYS E 40 9.06 -29.94 18.95
CA LYS E 40 9.32 -31.09 19.82
C LYS E 40 8.01 -31.80 20.16
N SER E 41 6.99 -31.05 20.54
CA SER E 41 5.73 -31.65 20.96
C SER E 41 5.09 -32.46 19.85
N SER E 42 5.34 -32.09 18.60
CA SER E 42 4.89 -32.91 17.48
C SER E 42 5.72 -34.19 17.38
N LEU E 43 7.03 -34.07 17.54
CA LEU E 43 7.90 -35.24 17.44
C LEU E 43 7.67 -36.20 18.59
N GLN E 44 7.28 -35.70 19.77
CA GLN E 44 6.97 -36.60 20.88
C GLN E 44 5.70 -37.40 20.61
N GLN E 45 4.74 -36.81 19.91
CA GLN E 45 3.53 -37.53 19.53
C GLN E 45 3.85 -38.62 18.51
N ILE E 46 4.86 -38.40 17.68
CA ILE E 46 5.24 -39.39 16.69
C ILE E 46 5.92 -40.59 17.33
N VAL E 47 6.82 -40.35 18.29
CA VAL E 47 7.58 -41.48 18.82
C VAL E 47 6.74 -42.31 19.77
N PHE E 48 5.76 -41.68 20.43
CA PHE E 48 4.83 -42.46 21.23
C PHE E 48 4.07 -43.46 20.38
N GLU E 49 3.66 -43.06 19.18
CA GLU E 49 2.99 -44.01 18.30
C GLU E 49 3.94 -45.10 17.84
N ILE E 50 5.24 -44.80 17.76
CA ILE E 50 6.20 -45.76 17.25
C ILE E 50 6.75 -46.66 18.33
N ILE E 51 7.07 -46.13 19.52
CA ILE E 51 7.72 -46.91 20.55
C ILE E 51 6.93 -46.98 21.85
N GLY E 52 5.73 -46.41 21.89
CA GLY E 52 4.87 -46.60 23.03
C GLY E 52 5.20 -45.81 24.28
N LYS E 53 6.13 -44.86 24.21
CA LYS E 53 6.42 -44.02 25.36
C LYS E 53 6.87 -42.66 24.89
N THR E 54 6.56 -41.63 25.70
CA THR E 54 6.98 -40.28 25.38
C THR E 54 8.22 -39.96 26.20
N PRO E 55 9.43 -40.03 25.63
CA PRO E 55 10.60 -39.58 26.37
C PRO E 55 10.53 -38.08 26.61
N LYS E 56 10.90 -37.68 27.81
CA LYS E 56 10.95 -36.26 28.14
C LYS E 56 12.16 -35.58 27.51
N ASN E 57 13.15 -36.35 27.10
CA ASN E 57 14.35 -35.83 26.47
C ASN E 57 14.59 -36.55 25.14
N ILE E 58 14.79 -35.78 24.08
CA ILE E 58 14.87 -36.31 22.72
C ILE E 58 16.33 -36.68 22.46
N ALA E 59 16.65 -37.96 22.62
CA ALA E 59 18.02 -38.45 22.46
C ALA E 59 18.32 -38.64 20.97
N VAL E 60 18.58 -37.52 20.30
CA VAL E 60 18.90 -37.50 18.88
C VAL E 60 20.05 -36.56 18.62
N PRO E 61 20.81 -36.75 17.56
CA PRO E 61 21.97 -35.91 17.31
C PRO E 61 21.55 -34.51 16.85
N THR E 62 22.55 -33.63 16.80
CA THR E 62 22.35 -32.23 16.42
C THR E 62 23.14 -31.97 15.14
N TYR E 63 22.42 -31.91 14.03
CA TYR E 63 22.99 -31.65 12.72
C TYR E 63 22.53 -30.28 12.21
N ILE E 64 23.10 -29.87 11.09
CA ILE E 64 22.63 -28.72 10.34
C ILE E 64 22.04 -29.22 9.03
N GLY E 65 20.77 -28.93 8.81
CA GLY E 65 20.14 -29.34 7.57
C GLY E 65 20.64 -28.50 6.41
N ALA E 66 20.91 -29.16 5.29
CA ALA E 66 21.39 -28.45 4.11
C ALA E 66 20.94 -29.23 2.88
N TYR E 67 20.43 -28.49 1.91
CA TYR E 67 19.96 -29.03 0.64
C TYR E 67 21.10 -28.87 -0.36
N GLU E 68 21.85 -29.95 -0.57
CA GLU E 68 22.93 -29.97 -1.56
C GLU E 68 22.86 -31.30 -2.27
N PRO E 69 22.32 -31.38 -3.48
CA PRO E 69 22.11 -32.68 -4.12
C PRO E 69 23.39 -33.36 -4.57
N SER E 70 24.53 -32.67 -4.60
CA SER E 70 25.78 -33.29 -5.03
C SER E 70 26.52 -34.03 -3.90
N LYS E 71 26.05 -33.95 -2.66
CA LYS E 71 26.79 -34.41 -1.50
C LYS E 71 26.15 -35.63 -0.85
N PRO E 72 26.88 -36.32 0.06
CA PRO E 72 26.33 -37.52 0.71
C PRO E 72 25.17 -37.22 1.64
N GLU E 73 24.61 -38.28 2.25
CA GLU E 73 23.51 -38.09 3.19
C GLU E 73 23.95 -37.29 4.41
N LYS E 74 25.19 -37.46 4.84
CA LYS E 74 25.80 -36.61 5.85
C LYS E 74 27.24 -36.34 5.46
N TRP E 75 27.73 -35.18 5.87
CA TRP E 75 29.10 -34.78 5.66
C TRP E 75 29.44 -33.75 6.72
N GLU E 76 30.67 -33.27 6.72
CA GLU E 76 31.00 -32.19 7.63
C GLU E 76 32.06 -31.29 7.01
N GLU E 77 32.02 -30.02 7.40
CA GLU E 77 32.96 -29.03 6.90
C GLU E 77 33.20 -27.98 7.97
N GLU E 78 34.47 -27.72 8.30
CA GLU E 78 34.88 -26.86 9.41
C GLU E 78 34.27 -27.32 10.74
N GLY E 79 34.34 -28.62 10.99
CA GLY E 79 33.88 -29.22 12.23
C GLY E 79 32.38 -29.35 12.44
N ILE E 80 31.59 -28.47 11.82
CA ILE E 80 30.14 -28.56 11.96
C ILE E 80 29.64 -29.67 11.06
N LYS E 81 28.78 -30.52 11.60
CA LYS E 81 28.29 -31.68 10.87
C LYS E 81 26.94 -31.38 10.24
N TYR E 82 26.75 -31.88 9.01
CA TYR E 82 25.57 -31.59 8.21
C TYR E 82 24.81 -32.87 7.93
N ILE E 83 23.50 -32.71 7.70
CA ILE E 83 22.66 -33.76 7.16
C ILE E 83 21.95 -33.14 5.97
N ASN E 84 21.71 -33.95 4.96
CA ASN E 84 21.27 -33.43 3.68
C ASN E 84 19.75 -33.49 3.61
N LEU E 85 19.14 -32.45 3.03
CA LEU E 85 17.69 -32.36 2.89
C LEU E 85 17.22 -32.66 1.47
N PHE E 86 18.13 -32.84 0.53
CA PHE E 86 17.76 -33.29 -0.80
C PHE E 86 17.55 -34.79 -0.76
N LYS E 87 16.37 -35.23 -1.17
CA LYS E 87 16.08 -36.65 -1.34
C LYS E 87 15.39 -36.79 -2.69
N PRO E 88 15.99 -37.48 -3.66
CA PRO E 88 15.45 -37.44 -5.01
C PRO E 88 14.10 -38.13 -5.08
N THR E 89 13.29 -37.64 -6.00
CA THR E 89 11.99 -38.24 -6.27
C THR E 89 12.20 -39.48 -7.14
N PRO E 90 11.23 -40.40 -7.15
CA PRO E 90 11.35 -41.61 -7.98
C PRO E 90 11.90 -41.36 -9.39
N LEU E 91 11.34 -40.40 -10.11
CA LEU E 91 11.67 -40.25 -11.51
C LEU E 91 13.02 -39.56 -11.75
N MET E 92 13.82 -39.28 -10.72
CA MET E 92 15.23 -38.94 -10.92
C MET E 92 16.15 -40.14 -10.74
N LYS E 93 15.72 -41.15 -9.97
CA LYS E 93 16.45 -42.41 -9.87
C LYS E 93 15.82 -43.34 -10.90
N VAL E 94 16.29 -43.22 -12.15
CA VAL E 94 15.65 -43.89 -13.27
C VAL E 94 16.73 -44.30 -14.27
N LYS E 95 16.50 -45.47 -14.92
CA LYS E 95 17.47 -46.07 -15.82
C LYS E 95 17.49 -45.32 -17.16
N PRO E 96 18.67 -45.02 -17.69
CA PRO E 96 18.77 -44.21 -18.91
C PRO E 96 18.06 -44.84 -20.10
N VAL E 97 17.80 -44.00 -21.10
CA VAL E 97 17.17 -44.40 -22.35
C VAL E 97 17.77 -43.56 -23.47
N LYS E 98 17.96 -44.16 -24.64
CA LYS E 98 18.58 -43.41 -25.73
C LYS E 98 17.59 -42.50 -26.47
N GLU E 99 16.29 -42.79 -26.43
CA GLU E 99 15.33 -41.99 -27.18
C GLU E 99 14.03 -41.80 -26.40
N MET E 100 13.46 -40.61 -26.51
CA MET E 100 12.33 -40.14 -25.72
C MET E 100 11.01 -40.65 -26.29
N PRO E 101 9.98 -40.80 -25.45
CA PRO E 101 8.67 -41.21 -25.96
C PRO E 101 8.20 -40.28 -27.07
N GLU E 102 7.53 -40.86 -28.08
CA GLU E 102 7.29 -40.11 -29.31
C GLU E 102 6.30 -38.99 -29.09
N ILE E 103 5.24 -39.22 -28.33
CA ILE E 103 4.25 -38.17 -28.14
C ILE E 103 4.85 -37.03 -27.32
N VAL E 104 5.85 -37.33 -26.48
CA VAL E 104 6.58 -36.26 -25.81
C VAL E 104 7.48 -35.55 -26.81
N LYS E 105 7.99 -36.27 -27.80
CA LYS E 105 8.85 -35.65 -28.80
C LYS E 105 8.06 -34.71 -29.71
N ASN E 106 6.79 -35.01 -29.96
CA ASN E 106 5.99 -34.12 -30.79
C ASN E 106 5.53 -32.89 -30.02
N LEU E 107 5.44 -32.99 -28.68
CA LEU E 107 5.07 -31.84 -27.88
C LEU E 107 6.16 -30.77 -27.93
N LEU E 108 7.42 -31.16 -27.75
CA LEU E 108 8.50 -30.18 -27.75
C LEU E 108 8.79 -29.68 -29.17
N LEU E 109 8.84 -30.58 -30.15
CA LEU E 109 8.95 -30.16 -31.54
C LEU E 109 7.90 -29.10 -31.86
N ASN E 110 6.68 -29.28 -31.35
CA ASN E 110 5.65 -28.28 -31.59
C ASN E 110 6.00 -26.98 -30.89
N LEU E 111 6.53 -27.07 -29.67
CA LEU E 111 6.96 -25.88 -28.94
C LEU E 111 8.09 -25.16 -29.66
N PHE E 112 9.11 -25.89 -30.09
CA PHE E 112 10.29 -25.28 -30.71
C PHE E 112 10.16 -25.13 -32.22
N ASP E 113 9.00 -25.45 -32.79
CA ASP E 113 8.74 -25.26 -34.21
C ASP E 113 9.73 -26.07 -35.05
N TYR E 114 9.90 -27.34 -34.68
CA TYR E 114 10.79 -28.27 -35.37
C TYR E 114 12.14 -27.61 -35.68
N ASP E 115 12.63 -26.83 -34.74
CA ASP E 115 14.01 -26.36 -34.79
C ASP E 115 14.83 -27.23 -33.84
N ALA E 116 15.91 -27.80 -34.36
CA ALA E 116 16.64 -28.79 -33.59
C ALA E 116 17.69 -28.14 -32.69
N LYS E 117 18.33 -27.07 -33.16
CA LYS E 117 19.42 -26.48 -32.39
C LYS E 117 18.92 -25.97 -31.05
N SER E 118 17.81 -25.23 -31.03
CA SER E 118 17.32 -24.68 -29.76
C SER E 118 16.62 -25.74 -28.93
N MET E 119 15.86 -26.64 -29.57
CA MET E 119 15.25 -27.73 -28.81
C MET E 119 16.31 -28.60 -28.18
N GLY E 120 17.35 -28.93 -28.93
CA GLY E 120 18.45 -29.69 -28.36
C GLY E 120 19.20 -28.91 -27.30
N LEU E 121 19.31 -27.60 -27.48
CA LEU E 121 19.98 -26.78 -26.47
C LEU E 121 19.14 -26.70 -25.20
N PHE E 122 17.81 -26.69 -25.33
CA PHE E 122 16.97 -26.67 -24.15
C PHE E 122 17.00 -28.00 -23.42
N ILE E 123 17.02 -29.10 -24.17
CA ILE E 123 17.09 -30.42 -23.56
C ILE E 123 18.43 -30.62 -22.87
N ASN E 124 19.51 -30.13 -23.46
CA ASN E 124 20.81 -30.15 -22.79
C ASN E 124 20.76 -29.37 -21.48
N TRP E 125 20.03 -28.25 -21.48
CA TRP E 125 19.82 -27.48 -20.25
C TRP E 125 19.02 -28.30 -19.23
N LEU E 126 17.91 -28.89 -19.67
CA LEU E 126 17.10 -29.71 -18.77
C LEU E 126 17.88 -30.89 -18.22
N ALA E 127 18.57 -31.62 -19.10
CA ALA E 127 19.33 -32.79 -18.66
C ALA E 127 20.36 -32.42 -17.60
N PHE E 128 21.06 -31.29 -17.79
CA PHE E 128 22.04 -30.85 -16.81
C PHE E 128 21.39 -30.62 -15.44
N ILE E 129 20.23 -29.96 -15.42
CA ILE E 129 19.52 -29.77 -14.17
C ILE E 129 19.12 -31.10 -13.57
N TYR E 130 18.76 -32.06 -14.42
CA TYR E 130 18.27 -33.35 -13.92
C TYR E 130 19.41 -34.19 -13.37
N GLN E 131 20.55 -34.21 -14.05
CA GLN E 131 21.66 -35.06 -13.61
C GLN E 131 22.56 -34.36 -12.60
N TYR E 132 22.96 -33.12 -12.88
CA TYR E 132 23.98 -32.47 -12.08
C TYR E 132 23.39 -31.62 -10.96
N LYS E 133 22.15 -31.19 -11.10
CA LYS E 133 21.41 -30.50 -10.04
C LYS E 133 22.19 -29.29 -9.49
N GLU E 134 22.44 -28.33 -10.38
CA GLU E 134 23.08 -27.07 -10.03
C GLU E 134 22.27 -25.92 -10.64
N ARG E 135 22.63 -24.70 -10.26
CA ARG E 135 22.01 -23.53 -10.84
C ARG E 135 22.75 -23.16 -12.11
N THR E 136 22.00 -22.96 -13.20
CA THR E 136 22.63 -22.71 -14.49
C THR E 136 22.91 -21.25 -14.73
N GLY E 137 22.09 -20.36 -14.16
CA GLY E 137 22.23 -18.95 -14.45
C GLY E 137 21.66 -18.52 -15.78
N VAL E 138 20.78 -19.34 -16.36
CA VAL E 138 20.10 -19.02 -17.60
C VAL E 138 18.66 -19.49 -17.48
N ALA E 139 17.72 -18.71 -18.03
CA ALA E 139 16.30 -19.01 -17.94
C ALA E 139 15.70 -19.08 -19.34
N TRP E 140 14.63 -19.85 -19.47
CA TRP E 140 13.97 -20.06 -20.76
C TRP E 140 12.60 -19.41 -20.72
N ILE E 141 12.34 -18.53 -21.67
CA ILE E 141 11.06 -17.84 -21.77
C ILE E 141 10.29 -18.46 -22.94
N PHE E 142 9.19 -19.15 -22.64
CA PHE E 142 8.29 -19.62 -23.68
C PHE E 142 7.11 -18.67 -23.76
N MET E 143 6.84 -18.16 -24.96
CA MET E 143 5.85 -17.12 -25.13
C MET E 143 5.05 -17.42 -26.40
N GLY E 144 4.17 -16.49 -26.77
CA GLY E 144 3.49 -16.57 -28.03
C GLY E 144 1.98 -16.64 -27.87
N LYS E 145 1.39 -17.77 -28.20
CA LYS E 145 -0.04 -17.93 -28.11
C LYS E 145 -0.36 -19.04 -27.11
N GLN E 146 -1.64 -19.35 -27.00
CA GLN E 146 -2.14 -20.18 -25.93
C GLN E 146 -2.56 -21.53 -26.48
N GLY E 147 -2.44 -22.57 -25.66
CA GLY E 147 -2.65 -23.91 -26.16
C GLY E 147 -1.51 -24.47 -26.96
N THR E 148 -0.32 -23.89 -26.84
CA THR E 148 0.84 -24.32 -27.60
C THR E 148 1.64 -25.42 -26.93
N GLY E 149 1.39 -25.68 -25.65
CA GLY E 149 2.08 -26.72 -24.91
C GLY E 149 2.97 -26.25 -23.79
N LYS E 150 3.07 -24.94 -23.54
CA LYS E 150 3.91 -24.46 -22.46
C LYS E 150 3.40 -24.93 -21.10
N GLY E 151 2.08 -24.88 -20.91
CA GLY E 151 1.49 -25.36 -19.66
C GLY E 151 1.66 -26.85 -19.46
N LEU E 152 1.64 -27.61 -20.54
CA LEU E 152 1.84 -29.05 -20.39
C LEU E 152 3.29 -29.38 -20.05
N LEU E 153 4.25 -28.73 -20.70
CA LEU E 153 5.64 -29.09 -20.44
C LEU E 153 6.02 -28.77 -19.00
N VAL E 154 5.35 -27.80 -18.37
CA VAL E 154 5.64 -27.54 -16.97
C VAL E 154 4.90 -28.51 -16.06
N ASP E 155 3.75 -29.03 -16.50
CA ASP E 155 3.14 -30.13 -15.74
C ASP E 155 3.84 -31.45 -16.01
N LEU E 156 4.49 -31.57 -17.16
CA LEU E 156 5.28 -32.77 -17.42
C LEU E 156 6.54 -32.79 -16.56
N LEU E 157 7.23 -31.66 -16.45
CA LEU E 157 8.41 -31.60 -15.59
C LEU E 157 8.04 -31.65 -14.11
N LYS E 158 6.84 -31.19 -13.76
CA LYS E 158 6.42 -31.19 -12.37
C LYS E 158 6.17 -32.58 -11.85
N LYS E 159 5.86 -33.54 -12.73
CA LYS E 159 5.78 -34.92 -12.30
C LYS E 159 7.17 -35.53 -12.16
N ILE E 160 8.16 -35.01 -12.88
CA ILE E 160 9.52 -35.52 -12.75
C ILE E 160 10.18 -35.00 -11.48
N PHE E 161 10.13 -33.69 -11.23
CA PHE E 161 10.89 -33.11 -10.12
C PHE E 161 10.10 -32.96 -8.83
N GLU E 162 8.77 -33.08 -8.86
CA GLU E 162 7.96 -33.28 -7.65
C GLU E 162 8.07 -32.09 -6.72
N GLU E 163 8.57 -32.26 -5.49
CA GLU E 163 8.70 -31.20 -4.51
C GLU E 163 9.81 -30.20 -4.84
N HIS E 164 10.69 -30.54 -5.77
CA HIS E 164 11.85 -29.72 -6.10
C HIS E 164 11.57 -28.73 -7.22
N MET E 165 10.31 -28.57 -7.61
CA MET E 165 9.89 -27.65 -8.64
C MET E 165 8.75 -26.77 -8.13
N SER E 166 8.73 -25.53 -8.58
CA SER E 166 7.66 -24.59 -8.28
C SER E 166 6.78 -24.40 -9.51
N SER E 167 5.48 -24.58 -9.36
CA SER E 167 4.57 -24.61 -10.50
C SER E 167 3.69 -23.36 -10.50
N ASN E 168 3.73 -22.62 -11.61
CA ASN E 168 2.84 -21.49 -11.85
C ASN E 168 2.88 -20.48 -10.70
N ILE E 169 4.09 -20.04 -10.38
CA ILE E 169 4.24 -18.96 -9.42
C ILE E 169 3.85 -17.65 -10.11
N THR E 170 2.86 -16.97 -9.58
CA THR E 170 2.38 -15.73 -10.17
C THR E 170 2.51 -14.61 -9.14
N ASP E 171 2.14 -13.39 -9.55
CA ASP E 171 2.29 -12.23 -8.69
C ASP E 171 1.58 -12.40 -7.34
N ALA E 172 0.64 -13.33 -7.25
CA ALA E 172 -0.03 -13.57 -5.98
C ALA E 172 0.94 -14.12 -4.94
N ASN E 173 1.85 -15.01 -5.35
CA ASN E 173 2.84 -15.53 -4.43
C ASN E 173 3.99 -14.54 -4.21
N LEU E 174 4.30 -13.71 -5.21
CA LEU E 174 5.33 -12.70 -5.02
C LEU E 174 4.89 -11.65 -4.01
N ASP E 175 3.61 -11.26 -4.05
CA ASP E 175 3.11 -10.28 -3.08
C ASP E 175 3.11 -10.84 -1.66
N SER E 176 3.09 -12.15 -1.51
CA SER E 176 3.17 -12.76 -0.17
C SER E 176 4.50 -12.41 0.48
N GLN E 177 4.45 -12.26 1.80
CA GLN E 177 5.66 -12.02 2.58
C GLN E 177 6.55 -13.25 2.67
N PHE E 178 6.08 -14.40 2.19
CA PHE E 178 6.80 -15.66 2.30
C PHE E 178 7.43 -16.05 0.96
N ASN E 179 8.45 -16.91 1.05
CA ASN E 179 9.29 -17.30 -0.07
C ASN E 179 9.26 -18.79 -0.43
N PRO E 180 8.20 -19.53 -0.11
CA PRO E 180 8.32 -21.00 -0.16
C PRO E 180 8.69 -21.54 -1.53
N TYR E 181 8.32 -20.84 -2.60
CA TYR E 181 8.58 -21.30 -3.96
C TYR E 181 10.05 -21.27 -4.35
N LEU E 182 10.92 -20.68 -3.52
CA LEU E 182 12.35 -20.66 -3.79
C LEU E 182 13.16 -21.54 -2.86
N TYR E 183 12.52 -22.13 -1.86
CA TYR E 183 13.24 -22.91 -0.85
C TYR E 183 13.46 -24.32 -1.38
N ASN E 184 14.72 -24.67 -1.64
CA ASN E 184 15.10 -26.02 -2.05
C ASN E 184 14.38 -26.45 -3.33
N LYS E 185 14.58 -25.65 -4.37
CA LYS E 185 14.00 -25.91 -5.69
C LYS E 185 15.08 -25.96 -6.76
N LEU E 186 14.96 -26.93 -7.66
CA LEU E 186 15.83 -27.02 -8.82
C LEU E 186 15.24 -26.28 -10.03
N ILE E 187 13.92 -26.23 -10.12
CA ILE E 187 13.23 -25.52 -11.19
C ILE E 187 12.14 -24.66 -10.58
N VAL E 188 12.00 -23.44 -11.06
CA VAL E 188 10.96 -22.51 -10.61
C VAL E 188 10.28 -21.94 -11.84
N HIS E 189 8.98 -22.18 -11.95
CA HIS E 189 8.19 -21.70 -13.09
C HIS E 189 7.38 -20.49 -12.68
N LEU E 190 7.39 -19.45 -13.48
CA LEU E 190 6.66 -18.26 -13.22
C LEU E 190 5.72 -18.05 -14.37
N ASN E 191 4.48 -17.68 -14.15
CA ASN E 191 3.54 -17.46 -15.25
C ASN E 191 3.22 -16.03 -15.61
N GLU E 192 3.77 -15.58 -16.74
CA GLU E 192 3.56 -14.26 -17.33
C GLU E 192 4.44 -13.09 -16.95
N VAL E 193 5.25 -13.23 -15.92
CA VAL E 193 6.09 -12.13 -15.47
C VAL E 193 5.29 -10.84 -15.38
N VAL E 204 9.30 -6.37 -10.92
CA VAL E 204 10.11 -7.58 -10.85
C VAL E 204 11.03 -7.69 -12.05
N LYS E 205 11.47 -6.54 -12.58
CA LYS E 205 12.44 -6.58 -13.67
C LYS E 205 13.80 -7.03 -13.18
N ASN E 206 14.24 -6.52 -12.03
CA ASN E 206 15.53 -6.88 -11.45
C ASN E 206 15.40 -7.96 -10.39
N ARG E 207 14.25 -8.06 -9.74
CA ARG E 207 14.02 -9.11 -8.75
C ARG E 207 14.22 -10.48 -9.37
N LEU E 208 13.84 -10.66 -10.62
CA LEU E 208 13.98 -11.94 -11.30
C LEU E 208 15.37 -12.11 -11.91
N LYS E 209 15.89 -11.05 -12.55
CA LYS E 209 17.21 -11.11 -13.17
C LYS E 209 18.29 -11.39 -12.13
N THR E 210 18.02 -11.10 -10.86
CA THR E 210 18.97 -11.39 -9.79
C THR E 210 18.88 -12.86 -9.36
N TRP E 211 17.66 -13.38 -9.25
CA TRP E 211 17.47 -14.76 -8.80
C TRP E 211 18.18 -15.75 -9.71
N ILE E 212 18.35 -15.39 -10.99
CA ILE E 212 18.95 -16.30 -11.95
C ILE E 212 20.41 -16.57 -11.59
N THR E 213 21.10 -15.59 -11.03
CA THR E 213 22.54 -15.67 -10.78
C THR E 213 22.89 -15.57 -9.30
N ASP E 214 21.92 -15.66 -8.40
CA ASP E 214 22.18 -15.59 -6.98
C ASP E 214 22.60 -16.95 -6.43
N GLU E 215 23.54 -16.96 -5.50
CA GLU E 215 23.81 -18.20 -4.78
C GLU E 215 23.01 -18.31 -3.49
N THR E 216 22.64 -17.20 -2.89
CA THR E 216 22.00 -17.18 -1.57
C THR E 216 20.75 -16.32 -1.66
N LEU E 217 19.64 -16.86 -1.15
CA LEU E 217 18.40 -16.11 -0.99
C LEU E 217 17.98 -16.16 0.47
N TYR E 218 17.28 -15.12 0.92
CA TYR E 218 16.71 -15.10 2.26
C TYR E 218 15.34 -15.75 2.20
N ILE E 219 15.23 -16.93 2.78
CA ILE E 219 13.99 -17.71 2.73
C ILE E 219 13.20 -17.46 4.00
N ASN E 220 12.01 -16.87 3.83
CA ASN E 220 11.07 -16.64 4.91
C ASN E 220 9.83 -17.48 4.62
N ARG E 221 9.52 -18.43 5.49
CA ARG E 221 8.30 -19.20 5.36
C ARG E 221 7.58 -19.27 6.69
N LYS E 222 6.26 -19.44 6.61
CA LYS E 222 5.38 -19.21 7.74
C LYS E 222 5.71 -20.14 8.90
N ASN E 223 5.86 -19.56 10.08
CA ASN E 223 6.21 -20.27 11.32
C ASN E 223 7.58 -20.97 11.21
N MET E 224 8.53 -20.32 10.57
CA MET E 224 9.92 -20.76 10.53
C MET E 224 10.79 -19.52 10.51
N LYS E 225 12.05 -19.66 10.93
CA LYS E 225 12.92 -18.50 11.00
C LYS E 225 13.32 -18.09 9.59
N GLU E 226 13.63 -16.80 9.43
CA GLU E 226 14.05 -16.33 8.12
C GLU E 226 15.53 -16.66 7.97
N VAL E 227 15.86 -17.35 6.89
CA VAL E 227 17.10 -18.10 6.81
C VAL E 227 17.67 -17.92 5.41
N GLU E 228 18.99 -17.81 5.34
CA GLU E 228 19.69 -17.65 4.07
C GLU E 228 20.22 -19.01 3.66
N ILE E 229 19.80 -19.49 2.49
CA ILE E 229 20.17 -20.81 2.02
C ILE E 229 20.83 -20.63 0.67
N LYS E 230 21.47 -21.68 0.19
CA LYS E 230 22.06 -21.59 -1.13
C LYS E 230 21.00 -21.84 -2.20
N ASN E 231 21.20 -21.22 -3.35
CA ASN E 231 20.17 -21.10 -4.38
C ASN E 231 20.44 -22.10 -5.50
N PHE E 232 19.46 -22.94 -5.79
CA PHE E 232 19.56 -23.92 -6.86
C PHE E 232 18.50 -23.71 -7.93
N CYS E 233 17.86 -22.55 -7.97
CA CYS E 233 16.71 -22.36 -8.84
C CYS E 233 17.14 -22.11 -10.29
N ASN E 234 16.45 -22.80 -11.20
CA ASN E 234 16.50 -22.52 -12.62
C ASN E 234 15.10 -22.13 -13.05
N PHE E 235 14.98 -21.06 -13.83
CA PHE E 235 13.69 -20.43 -14.07
C PHE E 235 13.21 -20.71 -15.48
N ILE E 236 11.97 -21.19 -15.60
CA ILE E 236 11.26 -21.25 -16.86
C ILE E 236 10.09 -20.29 -16.75
N ILE E 237 9.90 -19.47 -17.77
CA ILE E 237 8.96 -18.36 -17.71
C ILE E 237 8.03 -18.46 -18.90
N ASN E 238 6.73 -18.63 -18.64
CA ASN E 238 5.72 -18.59 -19.68
C ASN E 238 5.03 -17.25 -19.64
N SER E 239 4.66 -16.74 -20.81
CA SER E 239 4.04 -15.43 -20.94
C SER E 239 3.28 -15.39 -22.24
N ASN E 240 2.09 -14.81 -22.22
CA ASN E 240 1.30 -14.63 -23.42
C ASN E 240 1.25 -13.17 -23.86
N GLU E 241 2.11 -12.34 -23.29
CA GLU E 241 2.25 -10.96 -23.73
C GLU E 241 3.37 -10.85 -24.75
N THR E 242 3.32 -9.78 -25.54
CA THR E 242 4.27 -9.64 -26.64
C THR E 242 5.66 -9.29 -26.11
N ILE E 243 5.74 -8.43 -25.11
CA ILE E 243 7.01 -8.09 -24.47
C ILE E 243 6.93 -8.49 -23.01
N PRO E 244 7.36 -9.69 -22.64
CA PRO E 244 7.18 -10.13 -21.26
C PRO E 244 8.14 -9.48 -20.27
N VAL E 245 9.39 -9.26 -20.67
CA VAL E 245 10.41 -8.69 -19.79
C VAL E 245 11.26 -7.73 -20.61
N ASP E 246 11.93 -6.81 -19.93
CA ASP E 246 12.91 -5.92 -20.56
C ASP E 246 14.24 -6.66 -20.63
N ILE E 247 14.79 -6.81 -21.84
CA ILE E 247 16.03 -7.55 -22.05
C ILE E 247 17.06 -6.61 -22.68
N GLU E 248 18.24 -6.54 -22.07
CA GLU E 248 19.33 -5.73 -22.59
C GLU E 248 20.06 -6.46 -23.71
N ASP E 249 20.75 -5.68 -24.55
CA ASP E 249 21.37 -6.25 -25.74
C ASP E 249 22.58 -7.09 -25.36
N SER E 250 23.23 -6.79 -24.23
CA SER E 250 24.37 -7.55 -23.75
C SER E 250 23.96 -8.71 -22.84
N ASP E 251 22.73 -9.19 -22.95
CA ASP E 251 22.20 -10.10 -21.94
C ASP E 251 22.90 -11.46 -21.99
N ARG E 252 23.00 -12.08 -20.83
CA ARG E 252 23.62 -13.39 -20.67
C ARG E 252 22.74 -14.35 -19.87
N ARG E 253 21.45 -14.05 -19.73
CA ARG E 253 20.59 -14.84 -18.86
C ARG E 253 19.36 -15.47 -19.52
N PHE E 254 18.93 -15.01 -20.69
CA PHE E 254 17.63 -15.41 -21.20
C PHE E 254 17.73 -16.03 -22.59
N ASN E 255 17.04 -17.16 -22.76
CA ASN E 255 16.72 -17.74 -24.05
C ASN E 255 15.24 -17.58 -24.32
N VAL E 256 14.88 -17.14 -25.51
CA VAL E 256 13.51 -16.81 -25.86
C VAL E 256 13.05 -17.70 -27.00
N ILE E 257 11.90 -18.34 -26.80
CA ILE E 257 11.27 -19.22 -27.78
C ILE E 257 9.82 -18.80 -27.90
N GLU E 258 9.42 -18.37 -29.09
CA GLU E 258 8.02 -18.01 -29.36
C GLU E 258 7.35 -19.13 -30.15
N CYS E 259 6.24 -19.64 -29.64
CA CYS E 259 5.50 -20.73 -30.27
C CYS E 259 4.08 -20.27 -30.57
N ASN E 260 3.68 -20.35 -31.85
CA ASN E 260 2.34 -19.98 -32.28
C ASN E 260 1.61 -21.11 -33.00
N ASN E 261 1.95 -22.35 -32.68
CA ASN E 261 1.26 -23.52 -33.23
C ASN E 261 0.39 -24.14 -32.15
N VAL E 262 -0.92 -24.00 -32.30
CA VAL E 262 -1.88 -24.44 -31.29
C VAL E 262 -2.03 -25.96 -31.39
N LEU E 263 -2.09 -26.61 -30.23
CA LEU E 263 -2.01 -28.07 -30.22
C LEU E 263 -3.29 -28.72 -30.72
N LYS E 264 -4.44 -28.08 -30.54
CA LYS E 264 -5.67 -28.68 -31.03
C LYS E 264 -5.72 -28.75 -32.55
N GLU E 265 -4.97 -27.91 -33.25
CA GLU E 265 -4.98 -27.82 -34.70
C GLU E 265 -4.00 -28.76 -35.39
N GLN E 266 -3.32 -29.63 -34.65
CA GLN E 266 -2.28 -30.47 -35.23
C GLN E 266 -2.77 -31.87 -35.57
N GLU E 267 -2.10 -32.46 -36.57
CA GLU E 267 -2.30 -33.85 -36.99
C GLU E 267 -2.54 -34.81 -35.82
N TRP E 268 -1.64 -34.77 -34.84
CA TRP E 268 -1.45 -35.84 -33.88
C TRP E 268 -2.18 -35.63 -32.57
N TRP E 269 -2.95 -34.55 -32.43
CA TRP E 269 -3.53 -34.20 -31.15
C TRP E 269 -4.90 -34.84 -30.97
N THR E 270 -5.16 -35.30 -29.74
CA THR E 270 -6.48 -35.69 -29.30
C THR E 270 -6.72 -35.06 -27.94
N THR E 271 -7.95 -35.16 -27.43
CA THR E 271 -8.22 -34.69 -26.08
C THR E 271 -7.31 -35.38 -25.07
N GLU E 272 -7.16 -36.70 -25.18
CA GLU E 272 -6.38 -37.45 -24.21
C GLU E 272 -4.88 -37.24 -24.35
N SER E 273 -4.41 -36.59 -25.42
CA SER E 273 -2.98 -36.37 -25.56
C SER E 273 -2.41 -35.57 -24.40
N TYR E 274 -3.22 -34.69 -23.82
CA TYR E 274 -2.75 -33.93 -22.67
C TYR E 274 -2.38 -34.87 -21.53
N GLN E 275 -3.24 -35.85 -21.25
CA GLN E 275 -2.91 -36.81 -20.20
C GLN E 275 -2.08 -37.98 -20.69
N GLU E 276 -2.01 -38.21 -22.01
CA GLU E 276 -1.06 -39.20 -22.53
C GLU E 276 0.37 -38.71 -22.38
N ILE E 277 0.61 -37.46 -22.76
CA ILE E 277 1.94 -36.87 -22.59
C ILE E 277 2.31 -36.84 -21.12
N LEU E 278 1.32 -36.60 -20.24
CA LEU E 278 1.59 -36.57 -18.81
C LEU E 278 1.83 -37.96 -18.26
N ASN E 279 1.14 -38.96 -18.79
CA ASN E 279 1.33 -40.33 -18.35
C ASN E 279 2.60 -40.97 -18.91
N ASN E 280 3.42 -40.18 -19.63
CA ASN E 280 4.71 -40.62 -20.14
C ASN E 280 5.87 -39.91 -19.45
N ALA E 281 5.65 -39.39 -18.24
CA ALA E 281 6.71 -38.68 -17.52
C ALA E 281 7.89 -39.60 -17.25
N GLU E 282 7.63 -40.87 -16.96
CA GLU E 282 8.72 -41.82 -16.72
C GLU E 282 9.61 -41.93 -17.95
N GLY E 283 9.02 -42.06 -19.12
CA GLY E 283 9.81 -42.17 -20.34
C GLY E 283 10.64 -40.94 -20.62
N PHE E 284 10.07 -39.76 -20.38
CA PHE E 284 10.82 -38.52 -20.61
C PHE E 284 11.95 -38.37 -19.59
N ALA E 285 11.69 -38.73 -18.33
CA ALA E 285 12.75 -38.69 -17.33
C ALA E 285 13.88 -39.65 -17.72
N LYS E 286 13.52 -40.85 -18.17
CA LYS E 286 14.54 -41.80 -18.60
C LYS E 286 15.34 -41.28 -19.77
N TYR E 287 14.72 -40.46 -20.63
CA TYR E 287 15.48 -39.87 -21.73
C TYR E 287 16.50 -38.87 -21.19
N LEU E 288 16.06 -37.98 -20.30
CA LEU E 288 16.96 -36.96 -19.75
C LEU E 288 18.12 -37.60 -19.01
N ALA E 289 17.85 -38.67 -18.25
CA ALA E 289 18.90 -39.38 -17.53
C ALA E 289 19.99 -39.88 -18.46
N GLY E 290 19.64 -40.09 -19.74
CA GLY E 290 20.59 -40.66 -20.69
C GLY E 290 21.28 -39.67 -21.60
N ILE E 291 20.91 -38.39 -21.56
CA ILE E 291 21.62 -37.40 -22.35
C ILE E 291 23.06 -37.30 -21.87
N LYS E 292 23.99 -37.23 -22.82
CA LYS E 292 25.37 -36.84 -22.51
C LYS E 292 25.42 -35.33 -22.57
N VAL E 293 25.57 -34.69 -21.41
CA VAL E 293 25.53 -33.24 -21.31
C VAL E 293 26.84 -32.63 -21.78
N ASP E 294 26.74 -31.49 -22.46
CA ASP E 294 27.88 -30.64 -22.80
C ASP E 294 27.82 -29.47 -21.84
N ARG E 295 28.78 -29.40 -20.92
CA ARG E 295 28.69 -28.45 -19.83
C ARG E 295 29.07 -27.04 -20.27
N SER E 296 29.71 -26.89 -21.41
CA SER E 296 29.97 -25.56 -21.95
C SER E 296 28.71 -24.89 -22.50
N LYS E 297 27.65 -25.63 -22.78
CA LYS E 297 26.48 -25.04 -23.42
C LYS E 297 25.25 -25.03 -22.53
N VAL E 298 25.39 -25.20 -21.22
CA VAL E 298 24.23 -25.08 -20.36
C VAL E 298 23.92 -23.61 -20.09
N ASN E 299 24.96 -22.79 -19.89
CA ASN E 299 24.81 -21.36 -19.74
C ASN E 299 24.91 -20.61 -21.07
N GLU E 300 24.68 -21.29 -22.18
CA GLU E 300 24.68 -20.65 -23.49
C GLU E 300 23.32 -20.03 -23.77
N VAL E 301 23.33 -18.77 -24.17
CA VAL E 301 22.15 -18.07 -24.67
C VAL E 301 22.38 -17.70 -26.12
N VAL E 302 21.31 -17.72 -26.90
CA VAL E 302 21.36 -17.35 -28.31
C VAL E 302 20.42 -16.18 -28.53
N MET E 303 20.78 -15.33 -29.47
CA MET E 303 19.99 -14.12 -29.75
C MET E 303 19.06 -14.45 -30.92
N SER E 304 17.96 -15.11 -30.59
CA SER E 304 16.93 -15.35 -31.58
C SER E 304 16.32 -14.03 -31.99
N GLU E 305 15.81 -13.96 -33.21
CA GLU E 305 15.26 -12.68 -33.64
C GLU E 305 14.00 -12.30 -32.87
N LYS E 306 13.39 -13.23 -32.13
CA LYS E 306 12.36 -12.78 -31.20
C LYS E 306 12.97 -12.08 -30.00
N LYS E 307 14.13 -12.56 -29.54
CA LYS E 307 14.83 -11.84 -28.48
C LYS E 307 15.34 -10.50 -29.00
N LYS E 308 15.90 -10.47 -30.21
CA LYS E 308 16.34 -9.20 -30.76
C LYS E 308 15.17 -8.25 -30.95
N ALA E 309 13.98 -8.77 -31.20
CA ALA E 309 12.79 -7.93 -31.25
C ALA E 309 12.48 -7.35 -29.88
N ILE E 310 12.50 -8.18 -28.85
CA ILE E 310 12.23 -7.71 -27.50
C ILE E 310 13.21 -6.62 -27.08
N VAL E 311 14.49 -6.79 -27.42
CA VAL E 311 15.49 -5.82 -26.98
C VAL E 311 15.30 -4.47 -27.69
N GLU E 312 15.04 -4.46 -29.00
CA GLU E 312 15.01 -3.18 -29.69
C GLU E 312 13.69 -2.43 -29.51
N THR E 313 12.63 -3.09 -29.02
CA THR E 313 11.48 -2.36 -28.53
C THR E 313 11.68 -1.85 -27.11
N THR E 314 12.54 -2.51 -26.34
CA THR E 314 12.72 -2.22 -24.92
C THR E 314 13.72 -1.10 -24.67
N GLU E 315 14.80 -1.04 -25.43
CA GLU E 315 15.84 -0.07 -25.12
C GLU E 315 15.37 1.33 -25.54
N SER E 316 15.75 2.32 -24.74
CA SER E 316 15.21 3.66 -24.90
C SER E 316 15.56 4.24 -26.27
N VAL E 317 14.63 5.02 -26.84
CA VAL E 317 14.91 5.66 -28.11
C VAL E 317 15.97 6.74 -27.95
N LEU E 318 16.01 7.39 -26.79
CA LEU E 318 17.04 8.41 -26.55
C LEU E 318 18.41 7.79 -26.46
N LYS E 319 18.49 6.55 -25.98
CA LYS E 319 19.76 5.82 -26.00
C LYS E 319 20.19 5.51 -27.42
N GLN E 320 19.25 5.14 -28.28
CA GLN E 320 19.62 4.81 -29.65
C GLN E 320 20.03 6.04 -30.44
N ILE E 321 19.35 7.17 -30.20
CA ILE E 321 19.79 8.43 -30.80
C ILE E 321 21.22 8.72 -30.37
N ALA E 322 21.49 8.61 -29.08
CA ALA E 322 22.82 8.93 -28.56
C ALA E 322 23.89 8.03 -29.16
N LYS E 323 23.56 6.76 -29.39
CA LYS E 323 24.55 5.85 -29.93
C LYS E 323 24.68 5.98 -31.45
N ALA E 324 23.58 6.30 -32.13
CA ALA E 324 23.67 6.67 -33.53
C ALA E 324 24.54 7.92 -33.70
N LEU E 325 24.29 8.93 -32.87
CA LEU E 325 25.15 10.11 -32.84
C LEU E 325 26.60 9.73 -32.59
N THR E 326 26.85 8.80 -31.66
CA THR E 326 28.22 8.41 -31.33
C THR E 326 28.89 7.71 -32.49
N ASP E 327 28.22 6.73 -33.08
CA ASP E 327 28.82 5.98 -34.17
C ASP E 327 28.68 6.69 -35.51
N ARG E 328 28.21 7.95 -35.52
CA ARG E 328 28.03 8.70 -36.76
C ARG E 328 27.27 7.86 -37.79
N ASP E 329 26.25 7.15 -37.31
CA ASP E 329 25.53 6.19 -38.13
C ASP E 329 24.41 6.96 -38.82
N ILE E 330 24.72 7.53 -39.98
CA ILE E 330 23.73 8.24 -40.76
C ILE E 330 22.63 7.29 -41.19
N GLU E 331 22.94 6.02 -41.32
CA GLU E 331 21.97 5.06 -41.85
C GLU E 331 20.90 4.72 -40.82
N TRP E 332 21.22 4.81 -39.54
CA TRP E 332 20.18 4.67 -38.52
C TRP E 332 19.17 5.81 -38.60
N PHE E 333 19.66 7.04 -38.76
CA PHE E 333 18.75 8.18 -38.82
C PHE E 333 17.82 8.09 -40.03
N LEU E 334 18.33 7.66 -41.17
CA LEU E 334 17.47 7.58 -42.35
C LEU E 334 16.54 6.37 -42.31
N ASP E 335 16.95 5.29 -41.66
CA ASP E 335 16.00 4.21 -41.38
C ASP E 335 14.85 4.70 -40.52
N ASN E 336 15.11 5.67 -39.66
CA ASN E 336 14.08 6.24 -38.80
C ASN E 336 13.49 7.52 -39.36
N GLY E 337 13.59 7.71 -40.68
CA GLY E 337 12.82 8.74 -41.34
C GLY E 337 13.38 10.13 -41.27
N LEU E 338 14.70 10.28 -41.17
CA LEU E 338 15.28 11.61 -41.09
C LEU E 338 15.09 12.37 -42.39
N GLU E 339 14.97 11.65 -43.51
CA GLU E 339 14.86 12.30 -44.81
C GLU E 339 13.53 13.04 -44.98
N GLY E 340 12.56 12.81 -44.10
CA GLY E 340 11.36 13.63 -44.12
C GLY E 340 11.62 15.11 -43.92
N VAL E 341 12.73 15.44 -43.25
CA VAL E 341 13.12 16.83 -43.01
C VAL E 341 13.20 17.65 -44.30
N VAL E 342 13.55 17.02 -45.43
CA VAL E 342 13.67 17.79 -46.66
C VAL E 342 12.35 17.90 -47.41
N GLU E 343 11.50 16.86 -47.37
CA GLU E 343 10.25 16.93 -48.09
C GLU E 343 9.21 17.79 -47.37
N LYS E 344 9.37 17.99 -46.06
CA LYS E 344 8.62 19.01 -45.37
C LYS E 344 9.31 20.36 -45.46
N ASN E 345 10.35 20.46 -46.27
CA ASN E 345 11.11 21.69 -46.48
C ASN E 345 11.43 22.38 -45.16
N ILE E 346 11.82 21.58 -44.16
CA ILE E 346 12.44 22.12 -42.96
C ILE E 346 13.85 22.60 -43.25
N VAL E 347 14.45 22.07 -44.31
CA VAL E 347 15.88 22.28 -44.60
C VAL E 347 16.04 22.35 -46.11
N ASN E 348 16.97 23.20 -46.58
CA ASN E 348 17.34 23.32 -47.99
C ASN E 348 17.85 22.00 -48.54
N ASP E 349 18.18 21.96 -49.83
CA ASP E 349 19.02 20.87 -50.33
C ASP E 349 20.49 21.14 -50.01
N PHE E 350 20.86 22.41 -49.88
CA PHE E 350 22.20 22.75 -49.42
C PHE E 350 22.38 22.35 -47.96
N GLN E 351 21.41 22.70 -47.12
CA GLN E 351 21.52 22.39 -45.69
C GLN E 351 21.23 20.94 -45.39
N TRP E 352 20.50 20.24 -46.26
CA TRP E 352 20.28 18.81 -46.06
C TRP E 352 21.55 18.01 -46.17
N GLU E 353 22.56 18.52 -46.90
CA GLU E 353 23.85 17.84 -46.96
C GLU E 353 24.78 18.31 -45.85
N GLU E 354 24.59 19.53 -45.35
CA GLU E 354 25.32 19.95 -44.16
C GLU E 354 24.85 19.20 -42.93
N LEU E 355 23.55 18.92 -42.86
CA LEU E 355 23.01 18.22 -41.69
C LEU E 355 23.53 16.80 -41.60
N GLN E 356 23.54 16.06 -42.71
CA GLN E 356 24.08 14.72 -42.64
C GLN E 356 25.60 14.71 -42.66
N GLU E 357 26.22 15.77 -43.18
CA GLU E 357 27.65 15.94 -42.94
C GLU E 357 27.92 16.03 -41.45
N ALA E 358 27.10 16.81 -40.74
CA ALA E 358 27.28 17.00 -39.29
C ALA E 358 27.16 15.69 -38.53
N ILE E 359 26.28 14.78 -38.96
CA ILE E 359 26.10 13.52 -38.26
C ILE E 359 27.34 12.63 -38.47
N THR E 360 27.75 12.43 -39.72
CA THR E 360 28.91 11.59 -40.00
C THR E 360 30.20 12.22 -39.51
N THR E 361 30.27 13.54 -39.54
CA THR E 361 31.47 14.24 -39.10
C THR E 361 31.64 14.16 -37.58
N GLY E 362 30.55 13.99 -36.86
CA GLY E 362 30.61 14.05 -35.41
C GLY E 362 30.74 15.45 -34.88
N VAL E 363 30.25 16.44 -35.63
CA VAL E 363 30.26 17.85 -35.24
C VAL E 363 28.93 18.43 -35.69
N ILE E 364 28.00 18.62 -34.76
CA ILE E 364 26.62 18.95 -35.08
C ILE E 364 26.30 20.32 -34.51
N PRO E 365 26.04 21.32 -35.36
CA PRO E 365 25.60 22.63 -34.86
C PRO E 365 24.29 22.53 -34.09
N ASN E 366 24.16 23.37 -33.07
CA ASN E 366 22.92 23.43 -32.30
C ASN E 366 21.71 23.54 -33.21
N LYS E 367 21.82 24.32 -34.28
CA LYS E 367 20.73 24.47 -35.23
C LYS E 367 20.28 23.13 -35.77
N TYR E 368 21.22 22.29 -36.20
CA TYR E 368 20.87 21.00 -36.77
C TYR E 368 20.60 19.96 -35.69
N LEU E 369 21.19 20.12 -34.50
CA LEU E 369 20.90 19.19 -33.42
C LEU E 369 19.41 19.17 -33.11
N MET E 370 18.77 20.34 -33.07
CA MET E 370 17.33 20.37 -32.82
C MET E 370 16.54 19.83 -34.00
N ILE E 371 16.99 20.08 -35.22
CA ILE E 371 16.27 19.57 -36.39
C ILE E 371 16.25 18.05 -36.37
N ILE E 372 17.39 17.43 -36.04
CA ILE E 372 17.49 15.98 -36.02
C ILE E 372 16.60 15.39 -34.92
N VAL E 373 16.72 15.92 -33.70
CA VAL E 373 15.99 15.34 -32.57
C VAL E 373 14.49 15.55 -32.74
N GLU E 374 14.08 16.71 -33.23
CA GLU E 374 12.65 16.96 -33.38
C GLU E 374 12.05 16.07 -34.47
N GLN E 375 12.82 15.70 -35.49
CA GLN E 375 12.22 14.87 -36.53
C GLN E 375 12.21 13.40 -36.14
N ILE E 376 13.17 12.95 -35.35
CA ILE E 376 13.13 11.57 -34.85
C ILE E 376 12.07 11.43 -33.76
N LEU E 377 12.07 12.34 -32.78
CA LEU E 377 11.16 12.21 -31.65
C LEU E 377 9.75 12.72 -31.97
N GLY E 378 9.62 13.68 -32.87
CA GLY E 378 8.32 14.17 -33.26
C GLY E 378 7.77 15.30 -32.42
N ASP E 379 8.59 15.94 -31.59
CA ASP E 379 8.23 17.17 -30.93
C ASP E 379 9.45 18.06 -30.84
N SER E 380 9.22 19.36 -30.82
CA SER E 380 10.34 20.30 -30.70
C SER E 380 10.97 20.20 -29.32
N LYS E 381 12.27 19.96 -29.29
CA LYS E 381 13.02 19.93 -28.05
C LYS E 381 14.07 21.03 -28.08
N THR E 382 14.38 21.58 -26.92
CA THR E 382 15.39 22.62 -26.80
C THR E 382 16.77 22.01 -26.70
N ILE E 383 17.80 22.85 -26.88
CA ILE E 383 19.16 22.38 -26.71
C ILE E 383 19.40 21.91 -25.28
N THR E 384 18.86 22.66 -24.30
CA THR E 384 19.01 22.28 -22.91
C THR E 384 18.41 20.91 -22.65
N TRP E 385 17.26 20.61 -23.25
CA TRP E 385 16.65 19.29 -23.09
C TRP E 385 17.49 18.22 -23.78
N ILE E 386 17.97 18.50 -25.00
CA ILE E 386 18.73 17.51 -25.74
C ILE E 386 20.00 17.13 -24.99
N LYS E 387 20.66 18.11 -24.38
CA LYS E 387 21.87 17.77 -23.65
C LYS E 387 21.56 16.96 -22.41
N ARG E 388 20.52 17.32 -21.66
CA ARG E 388 20.26 16.63 -20.41
C ARG E 388 19.55 15.30 -20.56
N ASN E 389 19.01 14.98 -21.74
CA ASN E 389 18.32 13.72 -21.94
C ASN E 389 18.95 12.82 -22.99
N ILE E 390 19.86 13.32 -23.82
CA ILE E 390 20.47 12.53 -24.87
C ILE E 390 21.99 12.61 -24.80
N ILE E 391 22.52 13.83 -24.75
CA ILE E 391 23.96 14.03 -24.86
C ILE E 391 24.65 13.73 -23.53
N THR E 392 24.31 14.48 -22.49
CA THR E 392 25.05 14.37 -21.23
C THR E 392 24.97 12.98 -20.61
N PRO E 393 23.80 12.34 -20.47
CA PRO E 393 23.78 11.05 -19.77
C PRO E 393 24.46 9.93 -20.52
N TYR E 394 24.43 9.93 -21.85
CA TYR E 394 25.06 8.89 -22.65
C TYR E 394 26.44 9.29 -23.15
N GLN E 395 26.97 10.41 -22.69
CA GLN E 395 28.33 10.86 -23.01
C GLN E 395 28.59 10.84 -24.52
N VAL E 396 27.75 11.57 -25.25
CA VAL E 396 27.94 11.68 -26.70
C VAL E 396 29.08 12.62 -27.04
N GLY E 397 29.28 13.66 -26.27
CA GLY E 397 30.31 14.63 -26.57
C GLY E 397 30.09 15.91 -25.79
N GLU E 398 30.85 16.93 -26.17
CA GLU E 398 30.90 18.19 -25.43
C GLU E 398 30.32 19.31 -26.29
N THR E 399 29.49 20.13 -25.67
CA THR E 399 29.02 21.34 -26.34
C THR E 399 30.14 22.36 -26.37
N THR E 400 30.34 22.98 -27.53
CA THR E 400 31.57 23.74 -27.77
C THR E 400 31.37 24.70 -28.91
N VAL E 401 32.24 25.70 -28.96
CA VAL E 401 32.30 26.64 -30.08
C VAL E 401 33.19 26.02 -31.14
N VAL E 402 32.66 25.89 -32.35
CA VAL E 402 33.41 25.30 -33.45
C VAL E 402 33.39 26.29 -34.61
N LYS E 403 34.50 26.34 -35.35
CA LYS E 403 34.67 27.32 -36.41
C LYS E 403 34.21 26.68 -37.72
N MET E 404 32.89 26.70 -37.91
CA MET E 404 32.26 26.15 -39.09
C MET E 404 32.21 27.20 -40.20
N LYS E 407 32.45 31.56 -39.29
CA LYS E 407 31.64 32.09 -38.20
C LYS E 407 31.70 31.18 -36.98
N PRO E 408 31.56 31.75 -35.78
CA PRO E 408 31.56 30.92 -34.57
C PRO E 408 30.21 30.27 -34.29
N ILE E 409 30.09 29.01 -34.67
CA ILE E 409 28.86 28.24 -34.46
C ILE E 409 29.03 27.42 -33.19
N ARG E 410 28.02 27.44 -32.33
CA ARG E 410 28.01 26.57 -31.16
C ARG E 410 27.48 25.21 -31.57
N ALA E 411 28.30 24.18 -31.38
CA ALA E 411 27.97 22.84 -31.85
C ALA E 411 28.36 21.84 -30.77
N ILE E 412 27.90 20.61 -30.96
CA ILE E 412 28.31 19.49 -30.12
C ILE E 412 29.22 18.60 -30.95
N VAL E 413 30.42 18.35 -30.44
CA VAL E 413 31.40 17.52 -31.13
C VAL E 413 31.40 16.14 -30.49
N VAL E 414 31.06 15.13 -31.28
CA VAL E 414 30.99 13.76 -30.77
C VAL E 414 32.39 13.27 -30.50
N GLY E 415 32.57 12.59 -29.37
CA GLY E 415 33.86 12.05 -28.99
C GLY E 415 34.03 11.81 -27.51
N GLU F 1 23.47 -23.72 41.76
CA GLU F 1 24.16 -24.80 42.46
C GLU F 1 25.36 -24.26 43.22
N LYS F 2 26.33 -25.15 43.49
CA LYS F 2 27.54 -24.73 44.18
C LYS F 2 28.32 -23.71 43.37
N ASP F 3 28.25 -23.82 42.04
CA ASP F 3 28.96 -22.96 41.12
C ASP F 3 28.02 -22.61 39.96
N PRO F 4 27.51 -21.38 39.92
CA PRO F 4 26.45 -21.07 38.94
C PRO F 4 26.97 -20.96 37.52
N LEU F 5 28.23 -21.30 37.30
CA LEU F 5 28.80 -21.36 35.96
C LEU F 5 29.40 -22.74 35.69
N TRP F 6 28.87 -23.78 36.34
CA TRP F 6 29.40 -25.12 36.12
C TRP F 6 29.12 -25.59 34.71
N LEU F 7 27.90 -25.36 34.22
CA LEU F 7 27.52 -25.81 32.88
C LEU F 7 28.33 -25.08 31.83
N TYR F 8 28.53 -23.77 32.03
CA TYR F 8 29.32 -22.96 31.11
C TYR F 8 30.72 -23.54 30.91
N LYS F 9 31.37 -23.96 31.99
CA LYS F 9 32.74 -24.43 31.90
C LYS F 9 32.85 -25.80 31.23
N VAL F 10 31.94 -26.71 31.58
CA VAL F 10 32.05 -28.07 31.04
C VAL F 10 31.78 -28.07 29.54
N LEU F 11 30.99 -27.12 29.03
CA LEU F 11 30.84 -27.04 27.58
C LEU F 11 32.04 -26.40 26.92
N LEU F 12 32.74 -25.50 27.61
CA LEU F 12 33.92 -24.89 27.04
C LEU F 12 35.02 -25.92 26.82
N THR F 13 35.12 -26.89 27.72
CA THR F 13 36.02 -28.02 27.51
C THR F 13 35.71 -28.73 26.20
N LYS F 14 34.44 -28.89 25.86
CA LYS F 14 34.05 -29.41 24.56
C LYS F 14 34.14 -28.37 23.46
N GLY F 15 34.75 -27.21 23.74
CA GLY F 15 34.95 -26.21 22.71
C GLY F 15 33.71 -25.46 22.29
N ILE F 16 32.75 -25.29 23.19
CA ILE F 16 31.46 -24.70 22.84
C ILE F 16 31.09 -23.66 23.91
N GLU F 17 30.83 -22.43 23.48
CA GLU F 17 30.65 -21.31 24.39
C GLU F 17 29.23 -20.75 24.30
N VAL F 18 28.47 -20.88 25.39
CA VAL F 18 27.10 -20.39 25.46
C VAL F 18 26.98 -19.35 26.57
N TRP F 19 26.23 -18.28 26.29
CA TRP F 19 25.93 -17.25 27.26
C TRP F 19 24.45 -16.89 27.15
N PHE F 20 24.00 -16.00 28.01
CA PHE F 20 22.64 -15.47 27.96
C PHE F 20 22.71 -13.97 27.69
N ASP F 21 21.92 -13.52 26.72
CA ASP F 21 22.00 -12.16 26.20
C ASP F 21 20.82 -11.33 26.68
N ILE F 22 21.03 -10.56 27.75
CA ILE F 22 20.02 -9.65 28.29
C ILE F 22 19.41 -8.76 27.21
N LYS F 23 20.17 -8.45 26.17
CA LYS F 23 19.67 -7.50 25.17
C LYS F 23 18.64 -8.12 24.26
N LEU F 24 18.79 -9.39 23.93
CA LEU F 24 17.82 -10.12 23.10
C LEU F 24 17.00 -11.14 23.87
N GLU F 25 17.27 -11.34 25.16
CA GLU F 25 16.64 -12.39 25.96
C GLU F 25 16.64 -13.73 25.22
N LYS F 26 17.81 -14.07 24.70
CA LYS F 26 18.05 -15.34 24.02
C LYS F 26 19.39 -15.87 24.50
N TYR F 27 19.59 -17.16 24.32
CA TYR F 27 20.88 -17.75 24.65
C TYR F 27 21.75 -17.78 23.41
N GLY F 28 22.96 -17.27 23.54
CA GLY F 28 23.92 -17.29 22.45
C GLY F 28 24.79 -18.53 22.55
N ILE F 29 25.03 -19.15 21.41
CA ILE F 29 25.93 -20.29 21.32
C ILE F 29 26.94 -20.02 20.22
N LYS F 30 28.22 -20.19 20.53
CA LYS F 30 29.32 -19.83 19.64
C LYS F 30 30.16 -21.08 19.43
N ARG F 31 30.07 -21.67 18.24
CA ARG F 31 30.78 -22.89 17.90
C ARG F 31 31.38 -22.72 16.51
N ASN F 32 32.64 -23.14 16.36
CA ASN F 32 33.30 -23.23 15.06
C ASN F 32 33.06 -21.98 14.21
N ASN F 33 33.34 -20.82 14.80
CA ASN F 33 33.19 -19.53 14.13
C ASN F 33 31.76 -19.32 13.61
N ARG F 34 30.79 -19.78 14.39
CA ARG F 34 29.39 -19.72 14.00
C ARG F 34 28.57 -19.46 15.27
N VAL F 35 27.76 -18.40 15.25
CA VAL F 35 27.08 -17.92 16.44
C VAL F 35 25.58 -17.91 16.20
N ASP F 36 24.84 -18.58 17.07
CA ASP F 36 23.38 -18.59 17.05
C ASP F 36 22.82 -17.98 18.33
N TYR F 37 21.60 -17.46 18.20
CA TYR F 37 20.80 -17.03 19.32
C TYR F 37 19.54 -17.91 19.32
N ILE F 38 19.36 -18.69 20.39
CA ILE F 38 18.32 -19.71 20.45
C ILE F 38 17.55 -19.54 21.75
N ALA F 39 16.38 -20.17 21.80
CA ALA F 39 15.57 -20.15 23.02
C ALA F 39 16.11 -21.17 24.02
N LYS F 40 15.59 -21.10 25.25
CA LYS F 40 16.08 -21.97 26.32
C LYS F 40 15.85 -23.44 25.97
N SER F 41 14.65 -23.77 25.50
CA SER F 41 14.32 -25.15 25.21
C SER F 41 15.19 -25.73 24.10
N SER F 42 15.66 -24.89 23.18
CA SER F 42 16.58 -25.38 22.16
C SER F 42 17.96 -25.67 22.76
N LEU F 43 18.44 -24.77 23.61
CA LEU F 43 19.76 -24.99 24.21
C LEU F 43 19.76 -26.21 25.12
N GLN F 44 18.63 -26.53 25.76
CA GLN F 44 18.57 -27.74 26.57
C GLN F 44 18.66 -28.99 25.72
N GLN F 45 18.11 -28.96 24.51
CA GLN F 45 18.29 -30.09 23.62
C GLN F 45 19.74 -30.23 23.18
N ILE F 46 20.46 -29.12 23.09
CA ILE F 46 21.87 -29.18 22.70
C ILE F 46 22.74 -29.77 23.81
N VAL F 47 22.51 -29.33 25.06
CA VAL F 47 23.40 -29.76 26.15
C VAL F 47 23.04 -31.18 26.60
N PHE F 48 21.77 -31.62 26.43
CA PHE F 48 21.48 -33.02 26.69
C PHE F 48 22.31 -33.91 25.78
N GLU F 49 22.46 -33.51 24.52
CA GLU F 49 23.26 -34.29 23.58
C GLU F 49 24.73 -34.30 23.99
N ILE F 50 25.20 -33.25 24.64
CA ILE F 50 26.62 -33.15 24.97
C ILE F 50 26.96 -33.81 26.29
N ILE F 51 26.10 -33.64 27.30
CA ILE F 51 26.40 -34.10 28.66
C ILE F 51 25.41 -35.14 29.17
N GLY F 52 24.47 -35.57 28.35
CA GLY F 52 23.61 -36.67 28.73
C GLY F 52 22.54 -36.35 29.76
N LYS F 53 22.35 -35.07 30.08
CA LYS F 53 21.32 -34.71 31.05
C LYS F 53 20.80 -33.31 30.81
N THR F 54 19.57 -33.07 31.25
CA THR F 54 18.86 -31.81 31.10
C THR F 54 18.98 -30.98 32.37
N PRO F 55 19.77 -29.92 32.39
CA PRO F 55 19.72 -28.99 33.52
C PRO F 55 18.35 -28.32 33.58
N LYS F 56 17.87 -28.06 34.79
CA LYS F 56 16.69 -27.23 34.89
C LYS F 56 17.04 -25.75 34.88
N ASN F 57 18.19 -25.36 35.43
CA ASN F 57 18.68 -24.00 35.40
C ASN F 57 19.97 -23.95 34.61
N ILE F 58 20.06 -23.01 33.68
CA ILE F 58 21.17 -22.95 32.74
C ILE F 58 22.29 -22.17 33.43
N ALA F 59 23.28 -22.90 33.97
CA ALA F 59 24.37 -22.28 34.70
C ALA F 59 25.36 -21.69 33.70
N VAL F 60 24.99 -20.53 33.16
CA VAL F 60 25.79 -19.83 32.15
C VAL F 60 25.84 -18.36 32.48
N PRO F 61 26.86 -17.64 32.02
CA PRO F 61 26.98 -16.22 32.35
C PRO F 61 25.98 -15.38 31.56
N THR F 62 25.91 -14.11 31.93
CA THR F 62 24.99 -13.16 31.32
C THR F 62 25.82 -12.06 30.66
N TYR F 63 25.97 -12.14 29.34
CA TYR F 63 26.72 -11.17 28.57
C TYR F 63 25.79 -10.38 27.65
N ILE F 64 26.34 -9.35 27.01
CA ILE F 64 25.69 -8.64 25.92
C ILE F 64 26.47 -8.92 24.65
N GLY F 65 25.79 -9.44 23.63
CA GLY F 65 26.45 -9.69 22.37
C GLY F 65 26.70 -8.39 21.63
N ALA F 66 27.89 -8.29 21.02
CA ALA F 66 28.27 -7.11 20.28
C ALA F 66 29.24 -7.50 19.18
N TYR F 67 29.04 -6.96 17.99
CA TYR F 67 29.87 -7.24 16.83
C TYR F 67 30.91 -6.13 16.76
N GLU F 68 32.10 -6.40 17.25
CA GLU F 68 33.21 -5.44 17.22
C GLU F 68 34.49 -6.17 16.83
N PRO F 69 34.92 -6.06 15.58
CA PRO F 69 36.12 -6.80 15.17
C PRO F 69 37.38 -6.28 15.80
N SER F 70 37.33 -5.09 16.39
CA SER F 70 38.47 -4.47 17.04
C SER F 70 38.64 -4.91 18.49
N LYS F 71 37.73 -5.71 19.02
CA LYS F 71 37.67 -5.97 20.45
C LYS F 71 37.99 -7.43 20.77
N PRO F 72 38.34 -7.75 22.03
CA PRO F 72 38.63 -9.16 22.37
C PRO F 72 37.39 -10.03 22.34
N GLU F 73 37.52 -11.33 22.62
CA GLU F 73 36.34 -12.19 22.65
C GLU F 73 35.40 -11.80 23.78
N LYS F 74 35.95 -11.32 24.89
CA LYS F 74 35.14 -10.70 25.94
C LYS F 74 35.85 -9.47 26.43
N TRP F 75 35.05 -8.51 26.90
CA TRP F 75 35.57 -7.29 27.48
C TRP F 75 34.49 -6.71 28.37
N GLU F 76 34.78 -5.54 28.94
CA GLU F 76 33.79 -4.83 29.74
C GLU F 76 33.96 -3.34 29.50
N GLU F 77 32.84 -2.64 29.58
CA GLU F 77 32.75 -1.20 29.41
C GLU F 77 31.65 -0.76 30.36
N GLU F 78 31.94 0.25 31.18
CA GLU F 78 31.17 0.51 32.40
C GLU F 78 31.34 -0.79 33.22
N GLY F 79 30.26 -1.35 33.75
CA GLY F 79 30.33 -2.59 34.50
C GLY F 79 29.79 -3.73 33.68
N ILE F 80 29.14 -3.37 32.58
CA ILE F 80 28.47 -4.32 31.73
C ILE F 80 29.49 -5.19 31.00
N LYS F 81 29.29 -6.50 31.03
CA LYS F 81 30.22 -7.41 30.37
C LYS F 81 29.70 -7.75 28.98
N TYR F 82 30.61 -7.80 28.02
CA TYR F 82 30.27 -8.03 26.64
C TYR F 82 30.97 -9.30 26.16
N ILE F 83 30.37 -9.94 25.17
CA ILE F 83 30.99 -11.02 24.43
C ILE F 83 30.90 -10.64 22.96
N ASN F 84 31.90 -11.04 22.19
CA ASN F 84 32.04 -10.55 20.83
C ASN F 84 31.40 -11.55 19.88
N LEU F 85 30.70 -11.02 18.87
CA LEU F 85 30.02 -11.83 17.87
C LEU F 85 30.76 -11.89 16.55
N PHE F 86 31.83 -11.13 16.39
CA PHE F 86 32.66 -11.22 15.21
C PHE F 86 33.58 -12.42 15.33
N LYS F 87 33.50 -13.35 14.37
CA LYS F 87 34.45 -14.44 14.27
C LYS F 87 34.86 -14.51 12.81
N PRO F 88 36.12 -14.26 12.47
CA PRO F 88 36.49 -14.13 11.06
C PRO F 88 36.39 -15.47 10.34
N THR F 89 36.09 -15.39 9.06
CA THR F 89 36.02 -16.58 8.23
C THR F 89 37.43 -17.00 7.85
N PRO F 90 37.61 -18.27 7.46
CA PRO F 90 38.93 -18.77 7.08
C PRO F 90 39.76 -17.84 6.21
N LEU F 91 39.20 -17.35 5.11
CA LEU F 91 39.99 -16.57 4.14
C LEU F 91 40.27 -15.16 4.61
N MET F 92 39.94 -14.80 5.85
CA MET F 92 40.45 -13.59 6.46
C MET F 92 41.68 -13.83 7.30
N LYS F 93 41.83 -15.03 7.86
CA LYS F 93 43.07 -15.43 8.54
C LYS F 93 43.90 -16.28 7.58
N VAL F 94 44.64 -15.61 6.71
CA VAL F 94 45.37 -16.28 5.65
C VAL F 94 46.65 -15.47 5.37
N LYS F 95 47.72 -16.17 5.00
CA LYS F 95 49.02 -15.50 4.88
C LYS F 95 49.08 -14.66 3.62
N PRO F 96 49.53 -13.41 3.70
CA PRO F 96 49.53 -12.53 2.53
C PRO F 96 50.40 -13.04 1.39
N VAL F 97 50.16 -12.42 0.24
CA VAL F 97 50.88 -12.64 -1.02
C VAL F 97 51.07 -11.29 -1.69
N LYS F 98 52.22 -11.09 -2.32
CA LYS F 98 52.55 -9.81 -2.92
C LYS F 98 51.88 -9.58 -4.28
N GLU F 99 51.42 -10.64 -4.96
CA GLU F 99 50.87 -10.49 -6.29
C GLU F 99 49.62 -11.35 -6.43
N MET F 100 48.69 -10.84 -7.21
CA MET F 100 47.34 -11.36 -7.35
C MET F 100 47.33 -12.51 -8.36
N PRO F 101 46.50 -13.52 -8.15
CA PRO F 101 46.36 -14.59 -9.16
C PRO F 101 45.93 -14.00 -10.50
N GLU F 102 46.45 -14.59 -11.58
CA GLU F 102 46.39 -13.92 -12.87
C GLU F 102 44.97 -13.82 -13.41
N ILE F 103 44.19 -14.89 -13.31
CA ILE F 103 42.84 -14.84 -13.88
C ILE F 103 41.97 -13.89 -13.09
N VAL F 104 42.25 -13.70 -11.80
CA VAL F 104 41.55 -12.68 -11.03
C VAL F 104 42.02 -11.29 -11.47
N LYS F 105 43.28 -11.17 -11.89
CA LYS F 105 43.78 -9.87 -12.31
C LYS F 105 43.19 -9.44 -13.64
N ASN F 106 42.85 -10.39 -14.52
CA ASN F 106 42.26 -9.99 -15.79
C ASN F 106 40.80 -9.58 -15.62
N LEU F 107 40.13 -10.12 -14.59
CA LEU F 107 38.75 -9.72 -14.34
C LEU F 107 38.69 -8.28 -13.86
N LEU F 108 39.54 -7.92 -12.89
CA LEU F 108 39.56 -6.55 -12.40
C LEU F 108 40.04 -5.58 -13.48
N LEU F 109 41.06 -5.96 -14.24
CA LEU F 109 41.47 -5.12 -15.35
C LEU F 109 40.34 -4.96 -16.36
N ASN F 110 39.61 -6.03 -16.62
CA ASN F 110 38.49 -5.95 -17.54
C ASN F 110 37.38 -5.09 -16.96
N LEU F 111 37.09 -5.25 -15.68
CA LEU F 111 36.09 -4.42 -15.01
C LEU F 111 36.45 -2.94 -15.09
N PHE F 112 37.70 -2.61 -14.78
CA PHE F 112 38.15 -1.23 -14.76
C PHE F 112 38.72 -0.77 -16.10
N ASP F 113 38.67 -1.60 -17.14
CA ASP F 113 39.15 -1.24 -18.48
C ASP F 113 40.63 -0.88 -18.44
N TYR F 114 41.42 -1.73 -17.78
CA TYR F 114 42.87 -1.55 -17.65
C TYR F 114 43.26 -0.13 -17.27
N ASP F 115 42.49 0.49 -16.38
CA ASP F 115 42.91 1.73 -15.73
C ASP F 115 43.40 1.34 -14.34
N ALA F 116 44.63 1.74 -14.03
CA ALA F 116 45.26 1.29 -12.80
C ALA F 116 44.93 2.17 -11.62
N LYS F 117 44.81 3.49 -11.83
CA LYS F 117 44.55 4.39 -10.72
C LYS F 117 43.21 4.08 -10.06
N SER F 118 42.16 3.90 -10.86
CA SER F 118 40.85 3.62 -10.27
C SER F 118 40.76 2.19 -9.76
N MET F 119 41.36 1.22 -10.48
CA MET F 119 41.38 -0.15 -9.98
C MET F 119 42.16 -0.25 -8.68
N GLY F 120 43.31 0.42 -8.61
CA GLY F 120 44.07 0.44 -7.37
C GLY F 120 43.33 1.15 -6.25
N LEU F 121 42.56 2.18 -6.59
CA LEU F 121 41.79 2.88 -5.59
C LEU F 121 40.69 1.99 -5.03
N PHE F 122 40.12 1.13 -5.86
CA PHE F 122 39.11 0.18 -5.40
C PHE F 122 39.74 -0.93 -4.57
N ILE F 123 40.91 -1.43 -4.98
CA ILE F 123 41.58 -2.47 -4.22
C ILE F 123 42.02 -1.93 -2.87
N ASN F 124 42.50 -0.69 -2.84
CA ASN F 124 42.82 -0.04 -1.57
C ASN F 124 41.58 0.05 -0.67
N TRP F 125 40.43 0.34 -1.27
CA TRP F 125 39.18 0.36 -0.51
C TRP F 125 38.84 -1.03 0.02
N LEU F 126 38.93 -2.05 -0.83
CA LEU F 126 38.65 -3.42 -0.42
C LEU F 126 39.64 -3.87 0.65
N ALA F 127 40.94 -3.63 0.42
CA ALA F 127 41.96 -4.07 1.38
C ALA F 127 41.69 -3.47 2.75
N PHE F 128 41.30 -2.19 2.81
CA PHE F 128 40.97 -1.57 4.09
C PHE F 128 39.84 -2.31 4.78
N ILE F 129 38.80 -2.69 4.03
CA ILE F 129 37.70 -3.45 4.60
C ILE F 129 38.21 -4.80 5.12
N TYR F 130 39.15 -5.41 4.38
CA TYR F 130 39.63 -6.73 4.75
C TYR F 130 40.59 -6.68 5.93
N GLN F 131 41.47 -5.68 5.97
CA GLN F 131 42.45 -5.60 7.04
C GLN F 131 41.93 -4.87 8.26
N TYR F 132 41.28 -3.71 8.08
CA TYR F 132 40.90 -2.88 9.21
C TYR F 132 39.48 -3.13 9.70
N LYS F 133 38.58 -3.62 8.83
CA LYS F 133 37.20 -3.99 9.19
C LYS F 133 36.49 -2.84 9.91
N GLU F 134 36.35 -1.72 9.19
CA GLU F 134 35.57 -0.59 9.65
C GLU F 134 34.69 -0.12 8.52
N ARG F 135 33.80 0.81 8.82
CA ARG F 135 32.95 1.44 7.83
C ARG F 135 33.68 2.60 7.19
N THR F 136 33.70 2.62 5.85
CA THR F 136 34.49 3.58 5.10
C THR F 136 33.74 4.86 4.79
N GLY F 137 32.42 4.81 4.65
CA GLY F 137 31.69 5.98 4.25
C GLY F 137 31.78 6.29 2.77
N VAL F 138 32.14 5.31 1.95
CA VAL F 138 32.19 5.45 0.51
C VAL F 138 31.67 4.16 -0.12
N ALA F 139 30.91 4.29 -1.21
CA ALA F 139 30.32 3.16 -1.89
C ALA F 139 30.74 3.18 -3.35
N TRP F 140 30.81 1.99 -3.95
CA TRP F 140 31.26 1.83 -5.32
C TRP F 140 30.08 1.35 -6.18
N ILE F 141 29.81 2.09 -7.26
CA ILE F 141 28.76 1.74 -8.20
C ILE F 141 29.43 1.20 -9.44
N PHE F 142 29.23 -0.09 -9.72
CA PHE F 142 29.66 -0.70 -10.98
C PHE F 142 28.47 -0.71 -11.92
N MET F 143 28.67 -0.21 -13.14
CA MET F 143 27.58 0.13 -14.03
C MET F 143 27.90 -0.39 -15.43
N GLY F 144 27.00 -0.12 -16.37
CA GLY F 144 27.27 -0.35 -17.77
C GLY F 144 26.35 -1.36 -18.43
N LYS F 145 26.93 -2.47 -18.89
CA LYS F 145 26.21 -3.55 -19.54
C LYS F 145 26.48 -4.84 -18.79
N GLN F 146 26.00 -5.95 -19.34
CA GLN F 146 25.95 -7.23 -18.63
C GLN F 146 26.99 -8.19 -19.19
N GLY F 147 27.44 -9.10 -18.34
CA GLY F 147 28.54 -9.97 -18.66
C GLY F 147 29.91 -9.36 -18.50
N THR F 148 30.00 -8.25 -17.76
CA THR F 148 31.28 -7.57 -17.58
C THR F 148 32.08 -8.09 -16.41
N GLY F 149 31.47 -8.87 -15.51
CA GLY F 149 32.18 -9.45 -14.39
C GLY F 149 31.79 -8.90 -13.03
N LYS F 150 30.87 -7.93 -12.95
CA LYS F 150 30.52 -7.37 -11.65
C LYS F 150 29.85 -8.41 -10.76
N GLY F 151 28.94 -9.19 -11.34
CA GLY F 151 28.30 -10.23 -10.56
C GLY F 151 29.27 -11.29 -10.09
N LEU F 152 30.30 -11.56 -10.88
CA LEU F 152 31.31 -12.51 -10.44
C LEU F 152 32.21 -11.89 -9.38
N LEU F 153 32.48 -10.59 -9.47
CA LEU F 153 33.34 -9.97 -8.49
C LEU F 153 32.73 -10.02 -7.10
N VAL F 154 31.39 -10.04 -7.01
CA VAL F 154 30.76 -10.12 -5.69
C VAL F 154 30.65 -11.57 -5.23
N ASP F 155 30.56 -12.54 -6.15
CA ASP F 155 30.63 -13.93 -5.71
C ASP F 155 32.06 -14.30 -5.33
N LEU F 156 33.03 -13.59 -5.90
CA LEU F 156 34.40 -13.77 -5.47
C LEU F 156 34.60 -13.22 -4.06
N LEU F 157 34.04 -12.04 -3.78
CA LEU F 157 34.14 -11.50 -2.43
C LEU F 157 33.27 -12.27 -1.45
N LYS F 158 32.17 -12.87 -1.91
CA LYS F 158 31.32 -13.59 -0.98
C LYS F 158 31.96 -14.87 -0.50
N LYS F 159 32.90 -15.43 -1.27
CA LYS F 159 33.65 -16.58 -0.77
C LYS F 159 34.72 -16.14 0.23
N ILE F 160 35.16 -14.89 0.14
CA ILE F 160 36.13 -14.38 1.11
C ILE F 160 35.44 -14.03 2.43
N PHE F 161 34.49 -13.14 2.32
CA PHE F 161 33.71 -12.68 3.46
C PHE F 161 32.67 -13.60 4.04
N GLU F 162 31.99 -14.36 3.21
CA GLU F 162 31.01 -15.28 3.71
C GLU F 162 29.89 -14.63 4.52
N GLU F 163 29.82 -14.95 5.79
CA GLU F 163 28.79 -14.47 6.68
C GLU F 163 28.81 -12.99 6.92
N HIS F 164 29.86 -12.35 6.51
CA HIS F 164 29.99 -10.94 6.72
C HIS F 164 29.65 -10.14 5.53
N MET F 165 29.08 -10.77 4.52
CA MET F 165 28.68 -10.06 3.31
C MET F 165 27.24 -10.38 2.97
N SER F 166 26.54 -9.39 2.41
CA SER F 166 25.19 -9.56 1.90
C SER F 166 25.24 -9.57 0.39
N SER F 167 24.69 -10.62 -0.21
CA SER F 167 24.83 -10.88 -1.64
C SER F 167 23.50 -10.66 -2.33
N ASN F 168 23.50 -9.80 -3.36
CA ASN F 168 22.35 -9.60 -4.24
C ASN F 168 21.11 -9.18 -3.46
N ILE F 169 21.26 -8.13 -2.67
CA ILE F 169 20.11 -7.53 -1.98
C ILE F 169 19.33 -6.71 -2.99
N THR F 170 18.05 -7.04 -3.16
CA THR F 170 17.19 -6.42 -4.15
C THR F 170 15.99 -5.78 -3.46
N ASP F 171 15.13 -5.15 -4.27
CA ASP F 171 13.95 -4.48 -3.73
C ASP F 171 13.04 -5.43 -2.95
N ALA F 172 13.15 -6.74 -3.19
CA ALA F 172 12.32 -7.69 -2.46
C ALA F 172 12.66 -7.72 -0.98
N ASN F 173 13.95 -7.65 -0.64
CA ASN F 173 14.35 -7.66 0.76
C ASN F 173 14.16 -6.30 1.41
N LEU F 174 14.24 -5.22 0.64
CA LEU F 174 13.99 -3.89 1.19
C LEU F 174 12.53 -3.75 1.62
N ASP F 175 11.61 -4.28 0.80
CA ASP F 175 10.19 -4.22 1.14
C ASP F 175 9.86 -5.04 2.39
N SER F 176 10.69 -6.02 2.71
CA SER F 176 10.50 -6.80 3.92
C SER F 176 10.60 -5.92 5.16
N GLN F 177 9.83 -6.26 6.19
CA GLN F 177 9.90 -5.58 7.46
C GLN F 177 11.20 -5.86 8.21
N PHE F 178 12.00 -6.79 7.72
CA PHE F 178 13.21 -7.23 8.39
C PHE F 178 14.46 -6.66 7.74
N ASN F 179 15.54 -6.61 8.53
CA ASN F 179 16.79 -5.99 8.16
C ASN F 179 18.00 -6.91 8.14
N PRO F 180 17.86 -8.23 7.98
CA PRO F 180 19.01 -9.11 8.26
C PRO F 180 20.22 -8.81 7.40
N TYR F 181 20.03 -8.25 6.21
CA TYR F 181 21.13 -7.96 5.31
C TYR F 181 22.05 -6.84 5.81
N LEU F 182 21.67 -6.13 6.88
CA LEU F 182 22.52 -5.12 7.47
C LEU F 182 23.08 -5.52 8.83
N TYR F 183 22.69 -6.67 9.35
CA TYR F 183 23.10 -7.07 10.70
C TYR F 183 24.49 -7.70 10.64
N ASN F 184 25.46 -7.03 11.27
CA ASN F 184 26.83 -7.53 11.39
C ASN F 184 27.43 -7.84 10.02
N LYS F 185 27.49 -6.81 9.17
CA LYS F 185 27.98 -6.97 7.81
C LYS F 185 29.13 -6.00 7.55
N LEU F 186 30.18 -6.49 6.90
CA LEU F 186 31.26 -5.62 6.44
C LEU F 186 31.04 -5.15 5.01
N ILE F 187 30.38 -5.94 4.18
CA ILE F 187 30.06 -5.58 2.81
C ILE F 187 28.59 -5.88 2.56
N VAL F 188 27.91 -4.97 1.88
CA VAL F 188 26.51 -5.13 1.50
C VAL F 188 26.39 -4.79 0.02
N HIS F 189 25.98 -5.77 -0.77
CA HIS F 189 25.85 -5.61 -2.23
C HIS F 189 24.39 -5.45 -2.60
N LEU F 190 24.08 -4.41 -3.38
CA LEU F 190 22.74 -4.19 -3.89
C LEU F 190 22.73 -4.32 -5.41
N ASN F 191 21.73 -5.02 -5.94
CA ASN F 191 21.63 -5.32 -7.35
C ASN F 191 20.47 -4.51 -7.95
N GLU F 192 20.81 -3.51 -8.75
CA GLU F 192 19.87 -2.70 -9.54
C GLU F 192 19.17 -1.65 -8.68
N VAL F 204 14.33 4.73 -1.75
CA VAL F 204 15.62 4.23 -1.29
C VAL F 204 16.73 5.00 -2.01
N LYS F 205 16.38 6.20 -2.48
CA LYS F 205 17.39 7.12 -2.99
C LYS F 205 18.13 7.76 -1.83
N ASN F 206 17.39 8.11 -0.78
CA ASN F 206 17.92 8.75 0.41
C ASN F 206 18.22 7.76 1.52
N ARG F 207 17.48 6.65 1.56
CA ARG F 207 17.74 5.58 2.52
C ARG F 207 19.15 5.03 2.39
N LEU F 208 19.67 5.00 1.17
CA LEU F 208 20.98 4.40 0.93
C LEU F 208 22.11 5.38 1.22
N LYS F 209 21.96 6.65 0.84
CA LYS F 209 22.98 7.64 1.14
C LYS F 209 23.17 7.82 2.64
N THR F 210 22.16 7.43 3.43
CA THR F 210 22.25 7.49 4.88
C THR F 210 22.99 6.29 5.46
N TRP F 211 22.71 5.09 4.93
CA TRP F 211 23.36 3.88 5.43
C TRP F 211 24.87 3.94 5.33
N ILE F 212 25.39 4.63 4.32
CA ILE F 212 26.83 4.64 4.09
C ILE F 212 27.57 5.32 5.23
N THR F 213 26.97 6.31 5.88
CA THR F 213 27.66 7.09 6.90
C THR F 213 27.04 6.97 8.29
N ASP F 214 26.11 6.04 8.51
CA ASP F 214 25.54 5.86 9.83
C ASP F 214 26.41 4.93 10.67
N GLU F 215 26.50 5.22 11.96
CA GLU F 215 27.09 4.28 12.90
C GLU F 215 26.06 3.33 13.44
N THR F 216 24.79 3.73 13.38
CA THR F 216 23.71 3.04 14.06
C THR F 216 22.60 2.69 13.08
N LEU F 217 22.19 1.42 13.09
CA LEU F 217 21.01 0.97 12.37
C LEU F 217 20.10 0.21 13.31
N TYR F 218 18.80 0.29 13.07
CA TYR F 218 17.81 -0.49 13.82
C TYR F 218 17.58 -1.81 13.11
N ILE F 219 18.06 -2.90 13.69
CA ILE F 219 18.00 -4.21 13.07
C ILE F 219 16.81 -4.98 13.62
N ASN F 220 15.87 -5.31 12.72
CA ASN F 220 14.72 -6.15 13.04
C ASN F 220 14.82 -7.42 12.22
N ARG F 221 14.89 -8.55 12.91
CA ARG F 221 14.91 -9.86 12.28
C ARG F 221 13.84 -10.71 12.92
N LYS F 222 13.44 -11.77 12.21
CA LYS F 222 12.09 -12.32 12.35
C LYS F 222 11.66 -12.63 13.78
N ASN F 223 12.32 -13.57 14.45
CA ASN F 223 11.93 -13.87 15.82
C ASN F 223 12.99 -13.37 16.79
N MET F 224 13.38 -12.11 16.61
CA MET F 224 14.32 -11.42 17.47
C MET F 224 13.80 -10.01 17.68
N LYS F 225 14.27 -9.38 18.76
CA LYS F 225 13.80 -8.06 19.11
C LYS F 225 14.42 -7.02 18.19
N GLU F 226 13.73 -5.89 18.02
CA GLU F 226 14.29 -4.85 17.17
C GLU F 226 15.25 -4.02 18.02
N VAL F 227 16.50 -3.95 17.56
CA VAL F 227 17.64 -3.61 18.40
C VAL F 227 18.56 -2.70 17.60
N GLU F 228 19.19 -1.75 18.27
CA GLU F 228 20.07 -0.79 17.63
C GLU F 228 21.52 -1.26 17.79
N ILE F 229 22.20 -1.47 16.66
CA ILE F 229 23.54 -2.05 16.62
C ILE F 229 24.46 -1.10 15.86
N LYS F 230 25.77 -1.36 15.96
CA LYS F 230 26.76 -0.56 15.24
C LYS F 230 26.86 -1.02 13.79
N ASN F 231 27.11 -0.06 12.90
CA ASN F 231 27.05 -0.30 11.46
C ASN F 231 28.47 -0.37 10.92
N PHE F 232 28.79 -1.49 10.26
CA PHE F 232 30.08 -1.72 9.64
C PHE F 232 29.95 -1.95 8.14
N CYS F 233 28.81 -1.57 7.55
CA CYS F 233 28.54 -1.92 6.17
C CYS F 233 29.27 -0.98 5.22
N ASN F 234 29.89 -1.57 4.21
CA ASN F 234 30.40 -0.86 3.06
C ASN F 234 29.67 -1.40 1.83
N PHE F 235 29.22 -0.50 0.97
CA PHE F 235 28.26 -0.84 -0.06
C PHE F 235 28.89 -0.92 -1.44
N ILE F 236 28.63 -2.03 -2.14
CA ILE F 236 28.90 -2.19 -3.55
C ILE F 236 27.56 -2.29 -4.25
N ILE F 237 27.40 -1.56 -5.35
CA ILE F 237 26.11 -1.41 -6.02
C ILE F 237 26.29 -1.75 -7.49
N ASN F 238 25.58 -2.76 -7.96
CA ASN F 238 25.55 -3.04 -9.39
C ASN F 238 24.24 -2.51 -9.95
N SER F 239 24.32 -1.97 -11.16
CA SER F 239 23.18 -1.39 -11.86
C SER F 239 23.50 -1.37 -13.35
N ASN F 240 22.51 -1.73 -14.16
CA ASN F 240 22.65 -1.67 -15.61
C ASN F 240 21.81 -0.56 -16.22
N GLU F 241 21.30 0.35 -15.39
CA GLU F 241 20.59 1.51 -15.89
C GLU F 241 21.58 2.66 -16.09
N THR F 242 21.18 3.60 -16.95
CA THR F 242 22.12 4.65 -17.32
C THR F 242 22.32 5.63 -16.17
N ILE F 243 21.25 5.93 -15.44
CA ILE F 243 21.34 6.78 -14.26
C ILE F 243 20.87 5.95 -13.06
N PRO F 244 21.78 5.30 -12.33
CA PRO F 244 21.33 4.40 -11.25
C PRO F 244 20.86 5.14 -10.01
N VAL F 245 21.50 6.25 -9.67
CA VAL F 245 21.13 7.05 -8.50
C VAL F 245 21.35 8.52 -8.84
N ASP F 246 20.68 9.39 -8.07
CA ASP F 246 20.89 10.83 -8.19
C ASP F 246 22.10 11.22 -7.35
N ILE F 247 23.07 11.87 -8.00
CA ILE F 247 24.31 12.25 -7.34
C ILE F 247 24.46 13.77 -7.42
N GLU F 248 24.66 14.40 -6.26
CA GLU F 248 24.91 15.84 -6.21
C GLU F 248 26.38 16.12 -6.49
N ASP F 249 26.66 17.35 -6.90
CA ASP F 249 28.02 17.66 -7.32
C ASP F 249 29.00 17.70 -6.15
N SER F 250 28.49 17.99 -4.95
CA SER F 250 29.31 18.01 -3.75
C SER F 250 29.41 16.66 -3.08
N ASP F 251 29.16 15.58 -3.82
CA ASP F 251 29.02 14.26 -3.20
C ASP F 251 30.36 13.75 -2.68
N ARG F 252 30.30 12.99 -1.58
CA ARG F 252 31.49 12.43 -0.96
C ARG F 252 31.32 10.95 -0.66
N ARG F 253 30.35 10.29 -1.28
CA ARG F 253 30.02 8.92 -0.93
C ARG F 253 30.12 7.91 -2.07
N PHE F 254 30.17 8.35 -3.31
CA PHE F 254 30.05 7.44 -4.44
C PHE F 254 31.24 7.52 -5.38
N ASN F 255 31.77 6.36 -5.75
CA ASN F 255 32.66 6.18 -6.88
C ASN F 255 31.93 5.34 -7.92
N VAL F 256 31.96 5.76 -9.18
CA VAL F 256 31.20 5.10 -10.23
C VAL F 256 32.16 4.62 -11.32
N ILE F 257 31.98 3.37 -11.73
CA ILE F 257 32.76 2.77 -12.82
C ILE F 257 31.81 2.12 -13.79
N GLU F 258 31.82 2.57 -15.03
CA GLU F 258 31.02 1.94 -16.07
C GLU F 258 31.92 1.08 -16.95
N CYS F 259 31.55 -0.19 -17.10
CA CYS F 259 32.31 -1.16 -17.85
C CYS F 259 31.47 -1.70 -19.00
N ASN F 260 32.00 -1.62 -20.21
CA ASN F 260 31.33 -2.11 -21.41
C ASN F 260 32.15 -3.18 -22.11
N ASN F 261 32.97 -3.93 -21.36
CA ASN F 261 33.73 -5.05 -21.92
C ASN F 261 33.10 -6.35 -21.46
N VAL F 262 32.50 -7.07 -22.39
CA VAL F 262 31.81 -8.31 -22.08
C VAL F 262 32.84 -9.42 -21.95
N LEU F 263 32.66 -10.31 -20.97
CA LEU F 263 33.72 -11.27 -20.70
C LEU F 263 33.80 -12.34 -21.76
N LYS F 264 32.68 -12.67 -22.40
CA LYS F 264 32.73 -13.66 -23.47
C LYS F 264 33.50 -13.16 -24.69
N GLU F 265 33.60 -11.84 -24.88
CA GLU F 265 34.23 -11.29 -26.07
C GLU F 265 35.74 -11.12 -25.94
N GLN F 266 36.34 -11.49 -24.81
CA GLN F 266 37.76 -11.28 -24.60
C GLN F 266 38.53 -12.56 -24.88
N GLU F 267 39.80 -12.38 -25.25
CA GLU F 267 40.63 -13.51 -25.68
C GLU F 267 40.75 -14.56 -24.58
N TRP F 268 41.10 -14.13 -23.37
CA TRP F 268 41.48 -15.03 -22.29
C TRP F 268 40.29 -15.74 -21.65
N TRP F 269 39.07 -15.52 -22.13
CA TRP F 269 37.91 -16.08 -21.46
C TRP F 269 37.61 -17.46 -22.00
N THR F 270 37.25 -18.36 -21.09
CA THR F 270 36.75 -19.68 -21.44
C THR F 270 35.50 -19.94 -20.63
N THR F 271 34.83 -21.06 -20.93
CA THR F 271 33.71 -21.48 -20.09
C THR F 271 34.17 -21.67 -18.66
N GLU F 272 35.31 -22.33 -18.48
CA GLU F 272 35.79 -22.65 -17.14
C GLU F 272 36.35 -21.45 -16.38
N SER F 273 36.54 -20.29 -17.01
CA SER F 273 37.08 -19.15 -16.26
C SER F 273 36.14 -18.68 -15.16
N TYR F 274 34.82 -18.82 -15.34
CA TYR F 274 33.92 -18.34 -14.30
C TYR F 274 34.15 -19.07 -12.99
N GLN F 275 34.25 -20.39 -13.02
CA GLN F 275 34.50 -21.12 -11.77
C GLN F 275 35.98 -21.22 -11.43
N GLU F 276 36.87 -20.98 -12.40
CA GLU F 276 38.28 -20.86 -12.05
C GLU F 276 38.55 -19.60 -11.24
N ILE F 277 37.97 -18.47 -11.66
CA ILE F 277 38.07 -17.24 -10.86
C ILE F 277 37.49 -17.49 -9.48
N LEU F 278 36.43 -18.28 -9.39
CA LEU F 278 35.79 -18.53 -8.10
C LEU F 278 36.65 -19.44 -7.23
N ASN F 279 37.30 -20.43 -7.83
CA ASN F 279 38.23 -21.30 -7.10
C ASN F 279 39.55 -20.61 -6.80
N ASN F 280 39.68 -19.33 -7.14
CA ASN F 280 40.84 -18.54 -6.78
C ASN F 280 40.52 -17.51 -5.70
N ALA F 281 39.45 -17.73 -4.94
CA ALA F 281 39.09 -16.79 -3.88
C ALA F 281 40.18 -16.71 -2.83
N GLU F 282 40.81 -17.85 -2.50
CA GLU F 282 41.90 -17.84 -1.53
C GLU F 282 43.05 -16.96 -2.00
N GLY F 283 43.47 -17.13 -3.26
CA GLY F 283 44.58 -16.33 -3.77
C GLY F 283 44.27 -14.85 -3.76
N PHE F 284 43.03 -14.48 -4.07
CA PHE F 284 42.64 -13.07 -4.06
C PHE F 284 42.60 -12.54 -2.62
N ALA F 285 42.14 -13.35 -1.67
CA ALA F 285 42.14 -12.94 -0.28
C ALA F 285 43.55 -12.67 0.23
N LYS F 286 44.49 -13.55 -0.08
CA LYS F 286 45.86 -13.36 0.36
C LYS F 286 46.48 -12.11 -0.24
N TYR F 287 46.06 -11.73 -1.45
CA TYR F 287 46.56 -10.50 -2.05
C TYR F 287 46.10 -9.29 -1.24
N LEU F 288 44.83 -9.25 -0.88
CA LEU F 288 44.30 -8.15 -0.07
C LEU F 288 44.99 -8.09 1.29
N ALA F 289 45.26 -9.25 1.89
CA ALA F 289 45.96 -9.26 3.18
C ALA F 289 47.31 -8.57 3.10
N GLY F 290 47.92 -8.54 1.92
CA GLY F 290 49.24 -8.01 1.70
C GLY F 290 49.31 -6.63 1.09
N ILE F 291 48.18 -6.05 0.69
CA ILE F 291 48.20 -4.69 0.16
C ILE F 291 48.64 -3.72 1.25
N LYS F 292 49.48 -2.76 0.87
CA LYS F 292 49.79 -1.65 1.75
C LYS F 292 48.69 -0.61 1.56
N VAL F 293 47.80 -0.49 2.55
CA VAL F 293 46.67 0.42 2.45
C VAL F 293 47.15 1.84 2.70
N ASP F 294 46.63 2.78 1.90
CA ASP F 294 46.81 4.21 2.13
C ASP F 294 45.48 4.69 2.67
N ARG F 295 45.45 5.04 3.95
CA ARG F 295 44.18 5.33 4.60
C ARG F 295 43.67 6.73 4.28
N SER F 296 44.52 7.60 3.75
CA SER F 296 44.03 8.87 3.23
C SER F 296 43.19 8.69 1.97
N LYS F 297 43.26 7.52 1.33
CA LYS F 297 42.55 7.26 0.08
C LYS F 297 41.44 6.22 0.23
N VAL F 298 41.01 5.92 1.45
CA VAL F 298 39.91 4.99 1.62
C VAL F 298 38.58 5.68 1.41
N ASN F 299 38.40 6.87 1.99
CA ASN F 299 37.21 7.67 1.78
C ASN F 299 37.39 8.65 0.62
N GLU F 300 38.29 8.36 -0.29
CA GLU F 300 38.49 9.20 -1.47
C GLU F 300 37.47 8.87 -2.54
N VAL F 301 36.82 9.91 -3.05
CA VAL F 301 35.98 9.80 -4.24
C VAL F 301 36.59 10.67 -5.32
N VAL F 302 36.51 10.22 -6.57
CA VAL F 302 37.02 10.97 -7.71
C VAL F 302 35.85 11.17 -8.66
N MET F 303 35.87 12.29 -9.37
CA MET F 303 34.76 12.65 -10.25
C MET F 303 35.13 12.18 -11.66
N SER F 304 34.93 10.89 -11.89
CA SER F 304 35.11 10.33 -13.22
C SER F 304 34.09 10.92 -14.17
N GLU F 305 34.40 10.83 -15.47
CA GLU F 305 33.50 11.42 -16.46
C GLU F 305 32.15 10.74 -16.48
N LYS F 306 32.05 9.53 -15.92
CA LYS F 306 30.73 8.93 -15.76
C LYS F 306 29.99 9.54 -14.58
N LYS F 307 30.69 9.84 -13.48
CA LYS F 307 30.03 10.48 -12.35
C LYS F 307 29.56 11.89 -12.73
N LYS F 308 30.41 12.65 -13.42
CA LYS F 308 30.02 13.98 -13.85
C LYS F 308 28.83 13.91 -14.81
N ALA F 309 28.71 12.82 -15.56
CA ALA F 309 27.53 12.62 -16.38
C ALA F 309 26.29 12.46 -15.52
N ILE F 310 26.38 11.62 -14.48
CA ILE F 310 25.27 11.43 -13.56
C ILE F 310 24.91 12.75 -12.87
N VAL F 311 25.92 13.56 -12.52
CA VAL F 311 25.64 14.80 -11.80
C VAL F 311 24.87 15.77 -12.66
N GLU F 312 25.31 15.98 -13.89
CA GLU F 312 24.72 17.02 -14.71
C GLU F 312 23.43 16.58 -15.42
N THR F 313 23.12 15.29 -15.43
CA THR F 313 21.78 14.89 -15.86
C THR F 313 20.75 15.04 -14.75
N THR F 314 21.15 14.90 -13.49
CA THR F 314 20.20 14.89 -12.38
C THR F 314 19.88 16.27 -11.84
N GLU F 315 20.82 17.19 -11.82
CA GLU F 315 20.59 18.47 -11.17
C GLU F 315 19.65 19.33 -12.00
N SER F 316 18.77 20.05 -11.32
CA SER F 316 17.67 20.75 -11.96
C SER F 316 18.16 21.82 -12.94
N VAL F 317 17.40 22.00 -14.01
CA VAL F 317 17.70 23.07 -14.97
C VAL F 317 17.49 24.42 -14.33
N LEU F 318 16.53 24.53 -13.41
CA LEU F 318 16.28 25.79 -12.74
C LEU F 318 17.43 26.17 -11.83
N LYS F 319 18.12 25.19 -11.25
CA LYS F 319 19.32 25.50 -10.49
C LYS F 319 20.46 25.96 -11.42
N GLN F 320 20.60 25.34 -12.59
CA GLN F 320 21.66 25.74 -13.49
C GLN F 320 21.40 27.12 -14.08
N ILE F 321 20.15 27.43 -14.41
CA ILE F 321 19.81 28.80 -14.79
C ILE F 321 20.14 29.75 -13.66
N ALA F 322 19.72 29.41 -12.44
CA ALA F 322 19.93 30.29 -11.30
C ALA F 322 21.41 30.53 -11.04
N LYS F 323 22.24 29.51 -11.26
CA LYS F 323 23.67 29.68 -10.99
C LYS F 323 24.38 30.39 -12.14
N ALA F 324 23.95 30.15 -13.38
CA ALA F 324 24.44 30.94 -14.50
C ALA F 324 24.12 32.42 -14.28
N LEU F 325 22.88 32.70 -13.89
CA LEU F 325 22.50 34.06 -13.51
C LEU F 325 23.43 34.62 -12.45
N THR F 326 23.81 33.79 -11.47
CA THR F 326 24.64 34.26 -10.36
C THR F 326 26.06 34.61 -10.81
N ASP F 327 26.70 33.73 -11.58
CA ASP F 327 28.08 33.90 -12.02
C ASP F 327 28.23 34.77 -13.27
N ARG F 328 27.16 35.44 -13.74
CA ARG F 328 27.19 36.25 -14.96
C ARG F 328 27.72 35.41 -16.14
N ASP F 329 27.32 34.15 -16.19
CA ASP F 329 27.96 33.26 -17.16
C ASP F 329 27.11 33.31 -18.42
N ILE F 330 27.46 34.26 -19.29
CA ILE F 330 26.80 34.34 -20.60
C ILE F 330 27.11 33.11 -21.42
N GLU F 331 28.23 32.45 -21.15
CA GLU F 331 28.63 31.33 -22.00
C GLU F 331 27.83 30.07 -21.71
N TRP F 332 27.30 29.92 -20.48
CA TRP F 332 26.38 28.83 -20.23
C TRP F 332 25.12 28.98 -21.06
N PHE F 333 24.57 30.19 -21.11
CA PHE F 333 23.35 30.43 -21.87
C PHE F 333 23.55 30.14 -23.35
N LEU F 334 24.68 30.56 -23.90
CA LEU F 334 24.91 30.30 -25.31
C LEU F 334 25.30 28.84 -25.56
N ASP F 335 25.95 28.21 -24.57
CA ASP F 335 26.12 26.76 -24.67
C ASP F 335 24.78 26.04 -24.72
N ASN F 336 23.76 26.61 -24.10
CA ASN F 336 22.42 26.04 -24.12
C ASN F 336 21.52 26.70 -25.15
N GLY F 337 22.09 27.33 -26.17
CA GLY F 337 21.32 27.74 -27.32
C GLY F 337 20.56 29.03 -27.16
N LEU F 338 21.06 29.95 -26.34
CA LEU F 338 20.33 31.20 -26.13
C LEU F 338 20.28 32.04 -27.39
N GLU F 339 21.26 31.89 -28.28
CA GLU F 339 21.31 32.74 -29.47
C GLU F 339 20.16 32.43 -30.43
N GLY F 340 19.44 31.33 -30.22
CA GLY F 340 18.26 31.05 -31.01
C GLY F 340 17.23 32.17 -30.99
N VAL F 341 17.22 32.99 -29.94
CA VAL F 341 16.36 34.18 -29.90
C VAL F 341 16.62 35.07 -31.10
N VAL F 342 17.82 35.01 -31.66
CA VAL F 342 18.16 35.82 -32.81
C VAL F 342 17.74 35.17 -34.13
N GLU F 343 17.79 33.84 -34.22
CA GLU F 343 17.46 33.18 -35.47
C GLU F 343 15.96 33.15 -35.72
N LYS F 344 15.15 33.18 -34.66
CA LYS F 344 13.71 33.31 -34.77
C LYS F 344 13.23 34.76 -34.69
N ASN F 345 14.15 35.73 -34.71
CA ASN F 345 13.82 37.16 -34.61
C ASN F 345 12.81 37.43 -33.50
N ILE F 346 13.04 36.81 -32.35
CA ILE F 346 12.36 37.23 -31.14
C ILE F 346 12.93 38.57 -30.69
N VAL F 347 14.16 38.86 -31.10
CA VAL F 347 14.91 40.01 -30.62
C VAL F 347 15.72 40.60 -31.76
N ASN F 348 15.80 41.92 -31.81
CA ASN F 348 16.63 42.64 -32.75
C ASN F 348 18.12 42.34 -32.56
N ASP F 349 18.97 42.94 -33.38
CA ASP F 349 20.41 42.92 -33.15
C ASP F 349 20.84 43.88 -32.05
N PHE F 350 20.00 44.86 -31.70
CA PHE F 350 20.34 45.82 -30.67
C PHE F 350 20.07 45.26 -29.27
N GLN F 351 18.83 44.84 -29.03
CA GLN F 351 18.49 44.25 -27.74
C GLN F 351 19.24 42.95 -27.50
N TRP F 352 19.71 42.29 -28.56
CA TRP F 352 20.53 41.10 -28.38
C TRP F 352 21.86 41.44 -27.73
N GLU F 353 22.31 42.68 -27.81
CA GLU F 353 23.50 43.08 -27.07
C GLU F 353 23.16 43.61 -25.68
N GLU F 354 21.97 44.19 -25.49
CA GLU F 354 21.56 44.51 -24.13
C GLU F 354 21.21 43.24 -23.36
N LEU F 355 20.60 42.26 -24.04
CA LEU F 355 20.24 41.02 -23.37
C LEU F 355 21.48 40.30 -22.88
N GLN F 356 22.57 40.36 -23.64
CA GLN F 356 23.78 39.68 -23.22
C GLN F 356 24.44 40.41 -22.06
N GLU F 357 24.70 41.71 -22.21
CA GLU F 357 25.35 42.37 -21.10
C GLU F 357 24.41 42.66 -19.95
N ALA F 358 23.10 42.46 -20.11
CA ALA F 358 22.24 42.41 -18.94
C ALA F 358 22.58 41.20 -18.08
N ILE F 359 22.91 40.08 -18.73
CA ILE F 359 23.29 38.88 -18.00
C ILE F 359 24.65 39.07 -17.33
N THR F 360 25.64 39.53 -18.11
CA THR F 360 27.01 39.65 -17.58
C THR F 360 27.10 40.72 -16.50
N THR F 361 26.37 41.83 -16.64
CA THR F 361 26.38 42.82 -15.58
C THR F 361 25.56 42.37 -14.39
N GLY F 362 24.65 41.41 -14.58
CA GLY F 362 23.79 40.98 -13.50
C GLY F 362 22.62 41.89 -13.19
N VAL F 363 22.11 42.61 -14.19
CA VAL F 363 20.95 43.47 -14.03
C VAL F 363 20.07 43.23 -15.24
N ILE F 364 19.01 42.44 -15.07
CA ILE F 364 18.24 41.90 -16.17
C ILE F 364 16.82 42.46 -16.12
N PRO F 365 16.39 43.26 -17.10
CA PRO F 365 15.00 43.70 -17.15
C PRO F 365 14.04 42.53 -17.25
N ASN F 366 12.88 42.67 -16.60
CA ASN F 366 11.84 41.65 -16.72
C ASN F 366 11.59 41.26 -18.17
N LYS F 367 11.63 42.24 -19.06
CA LYS F 367 11.45 41.98 -20.49
C LYS F 367 12.42 40.93 -21.00
N TYR F 368 13.69 41.03 -20.63
CA TYR F 368 14.69 40.06 -21.10
C TYR F 368 14.71 38.81 -20.25
N LEU F 369 14.33 38.89 -18.98
CA LEU F 369 14.26 37.70 -18.14
C LEU F 369 13.29 36.67 -18.72
N MET F 370 12.14 37.14 -19.21
CA MET F 370 11.18 36.22 -19.80
C MET F 370 11.68 35.65 -21.11
N ILE F 371 12.43 36.44 -21.88
CA ILE F 371 12.99 35.96 -23.15
C ILE F 371 14.01 34.88 -22.90
N ILE F 372 14.92 35.09 -21.94
CA ILE F 372 15.99 34.13 -21.69
C ILE F 372 15.42 32.80 -21.20
N VAL F 373 14.57 32.84 -20.18
CA VAL F 373 14.07 31.61 -19.61
C VAL F 373 13.20 30.85 -20.60
N GLU F 374 12.39 31.57 -21.38
CA GLU F 374 11.54 30.88 -22.33
C GLU F 374 12.36 30.17 -23.41
N GLN F 375 13.54 30.71 -23.75
CA GLN F 375 14.33 30.05 -24.77
C GLN F 375 15.14 28.89 -24.20
N ILE F 376 15.50 28.95 -22.92
CA ILE F 376 16.18 27.83 -22.29
C ILE F 376 15.19 26.70 -22.00
N LEU F 377 14.06 27.01 -21.37
CA LEU F 377 13.11 25.97 -20.94
C LEU F 377 12.20 25.50 -22.06
N GLY F 378 11.90 26.35 -23.04
CA GLY F 378 11.08 25.94 -24.17
C GLY F 378 9.59 26.13 -24.01
N ASP F 379 9.16 26.87 -22.99
CA ASP F 379 7.79 27.36 -22.91
C ASP F 379 7.85 28.74 -22.27
N SER F 380 6.88 29.59 -22.61
CA SER F 380 6.85 30.92 -22.02
C SER F 380 6.45 30.81 -20.55
N LYS F 381 7.27 31.39 -19.68
CA LYS F 381 6.99 31.45 -18.26
C LYS F 381 6.77 32.89 -17.83
N THR F 382 5.92 33.07 -16.82
CA THR F 382 5.63 34.38 -16.29
C THR F 382 6.70 34.81 -15.30
N ILE F 383 6.73 36.11 -15.00
CA ILE F 383 7.67 36.61 -14.00
C ILE F 383 7.38 35.97 -12.64
N THR F 384 6.10 35.81 -12.31
CA THR F 384 5.73 35.17 -11.05
C THR F 384 6.31 33.77 -10.97
N TRP F 385 6.27 33.04 -12.08
CA TRP F 385 6.85 31.70 -12.11
C TRP F 385 8.37 31.77 -12.00
N ILE F 386 8.99 32.74 -12.68
CA ILE F 386 10.46 32.84 -12.66
C ILE F 386 10.96 33.05 -11.24
N LYS F 387 10.28 33.93 -10.49
CA LYS F 387 10.69 34.20 -9.12
C LYS F 387 10.44 33.03 -8.20
N ARG F 388 9.32 32.33 -8.36
CA ARG F 388 8.98 31.26 -7.44
C ARG F 388 9.76 29.98 -7.68
N ASN F 389 10.39 29.82 -8.85
CA ASN F 389 11.13 28.59 -9.15
C ASN F 389 12.59 28.78 -9.50
N ILE F 390 13.06 29.99 -9.77
CA ILE F 390 14.45 30.19 -10.15
C ILE F 390 15.09 31.25 -9.27
N ILE F 391 14.43 32.40 -9.15
CA ILE F 391 15.05 33.55 -8.50
C ILE F 391 15.04 33.37 -6.98
N THR F 392 13.85 33.29 -6.39
CA THR F 392 13.75 33.27 -4.92
C THR F 392 14.39 32.04 -4.30
N PRO F 393 14.14 30.80 -4.76
CA PRO F 393 14.67 29.66 -4.01
C PRO F 393 16.18 29.54 -4.06
N TYR F 394 16.83 29.96 -5.15
CA TYR F 394 18.27 29.89 -5.23
C TYR F 394 18.95 31.21 -4.91
N GLN F 395 18.19 32.20 -4.43
CA GLN F 395 18.69 33.48 -3.96
C GLN F 395 19.67 34.11 -4.95
N VAL F 396 19.20 34.29 -6.18
CA VAL F 396 20.05 34.93 -7.18
C VAL F 396 20.07 36.45 -6.96
N GLY F 397 18.99 37.03 -6.47
CA GLY F 397 18.95 38.46 -6.24
C GLY F 397 17.54 38.94 -6.04
N GLU F 398 17.39 40.26 -6.04
CA GLU F 398 16.14 40.93 -5.73
C GLU F 398 15.62 41.67 -6.96
N THR F 399 14.35 41.49 -7.26
CA THR F 399 13.69 42.28 -8.30
C THR F 399 13.31 43.63 -7.73
N THR F 400 13.60 44.69 -8.49
CA THR F 400 13.51 46.05 -7.98
C THR F 400 13.46 46.98 -9.18
N VAL F 401 13.01 48.21 -8.96
CA VAL F 401 12.97 49.18 -10.04
C VAL F 401 14.34 49.81 -10.19
N VAL F 402 14.88 49.73 -11.41
CA VAL F 402 16.19 50.27 -11.73
C VAL F 402 16.05 51.22 -12.91
N LYS F 403 16.81 52.31 -12.88
CA LYS F 403 16.73 53.36 -13.88
C LYS F 403 17.84 53.15 -14.90
N MET F 404 17.49 52.65 -16.09
CA MET F 404 18.43 52.55 -17.19
C MET F 404 17.93 53.44 -18.33
N ALA F 405 18.87 54.12 -18.99
CA ALA F 405 18.60 55.27 -19.85
C ALA F 405 17.89 56.28 -18.97
N GLY F 406 16.62 56.61 -19.22
CA GLY F 406 15.92 57.54 -18.36
C GLY F 406 14.70 56.96 -17.69
N LYS F 407 14.15 55.90 -18.27
CA LYS F 407 12.92 55.30 -17.78
C LYS F 407 13.18 54.44 -16.54
N PRO F 408 12.14 54.22 -15.72
CA PRO F 408 12.27 53.25 -14.62
C PRO F 408 11.83 51.85 -15.02
N ILE F 409 12.79 50.97 -15.29
CA ILE F 409 12.54 49.63 -15.81
C ILE F 409 12.64 48.63 -14.67
N ARG F 410 11.60 47.83 -14.49
CA ARG F 410 11.61 46.79 -13.49
C ARG F 410 12.59 45.70 -13.89
N ALA F 411 13.50 45.35 -12.97
CA ALA F 411 14.54 44.38 -13.28
C ALA F 411 14.87 43.60 -12.02
N ILE F 412 15.69 42.57 -12.19
CA ILE F 412 16.22 41.78 -11.10
C ILE F 412 17.73 42.01 -11.05
N VAL F 413 18.23 42.35 -9.87
CA VAL F 413 19.63 42.72 -9.69
C VAL F 413 20.35 41.56 -9.03
N VAL F 414 21.23 40.90 -9.79
CA VAL F 414 21.94 39.74 -9.28
C VAL F 414 22.89 40.17 -8.17
N GLY F 415 22.89 39.42 -7.08
CA GLY F 415 23.76 39.71 -5.95
C GLY F 415 23.23 39.20 -4.61
P PO4 G . 26.91 15.59 4.98
O1 PO4 G . 26.94 14.97 6.34
O2 PO4 G . 26.05 16.82 5.04
O3 PO4 G . 28.31 15.98 4.60
O4 PO4 G . 26.33 14.62 4.00
P PO4 H . 0.22 26.60 16.84
O1 PO4 H . 1.38 27.39 17.39
O2 PO4 H . -1.05 27.38 17.04
O3 PO4 H . 0.12 25.28 17.57
O4 PO4 H . 0.45 26.32 15.38
P PO4 I . -27.20 13.21 9.24
O1 PO4 I . -27.88 14.03 10.32
O2 PO4 I . -27.80 13.55 7.92
O3 PO4 I . -27.40 11.75 9.53
O4 PO4 I . -25.72 13.50 9.22
P PO4 J . -27.61 -11.25 -10.35
O1 PO4 J . -26.83 -11.91 -9.24
O2 PO4 J . -27.80 -12.22 -11.49
O3 PO4 J . -28.95 -10.82 -9.84
O4 PO4 J . -26.84 -10.05 -10.83
P PO4 K . -0.50 -22.35 -22.43
O1 PO4 K . 0.76 -22.14 -21.64
O2 PO4 K . -0.78 -23.82 -22.58
O3 PO4 K . -0.32 -21.76 -23.81
O4 PO4 K . -1.65 -21.67 -21.73
P PO4 L . 26.43 -8.94 -14.70
O1 PO4 L . 26.19 -9.33 -13.26
O2 PO4 L . 27.75 -8.24 -14.84
O3 PO4 L . 26.49 -10.18 -15.55
O4 PO4 L . 25.30 -8.06 -15.17
#